data_7A0W
#
_entry.id   7A0W
#
_cell.length_a   112.788
_cell.length_b   92.163
_cell.length_c   139.105
_cell.angle_alpha   90.000
_cell.angle_beta   109.885
_cell.angle_gamma   90.000
#
_symmetry.space_group_name_H-M   'P 1 21 1'
#
loop_
_entity.id
_entity.type
_entity.pdbx_description
1 polymer 'Na(+)/H(+) antiporter NhaA'
2 polymer 'chimeric antibody Fab-F6, heavy chain,chimeric antibody Fab-F6, heavy chain'
3 polymer 'chimeric antibody Fab-F6, light chain,chimeric antibody Fab-F6, light chain'
4 non-polymer CARDIOLIPIN
5 non-polymer 1,2-DIACYL-GLYCEROL-3-SN-PHOSPHATE
6 non-polymer 'PHOSPHATE ION'
7 non-polymer 'TETRAETHYLENE GLYCOL'
8 non-polymer 'CHLORIDE ION'
9 water water
#
loop_
_entity_poly.entity_id
_entity_poly.type
_entity_poly.pdbx_seq_one_letter_code
_entity_poly.pdbx_strand_id
1 'polypeptide(L)'
;MKHLHRFFSSDASGGIILIIAAALAMLMANMGATSGWYHDFLETPVQLRVGALEINKNMLLWINDALMAVFFLLIGLEVK
RELMQGSLASLRQAAFPVIAAIGGMIVPALLYLAFNYSDPVTREGWAIPAATDIAFALGVLALLGSRVPLALKIFLMALA
IIDDLGAIVIIALFYTSDLSIVSLGVAAFAIAVLALLNLCGVRRTGVYILVGAVLWTAVLKSGVHATLAGVIVGFFIPLK
EKHGRSPAKRLEHVLHPWVAYLILPLFAFANAGVSLQGVTIDGLTSMLPLGIIAGLLIGKPLGISLFCWLALRFKLAHLP
QGTTYQQIMAVGILCGIGFTMSIFIASLAFGNVDPELINWAKLGILIGSLLSAVVGYSWLRARLNAPASENLYFQGGRGS
HHHHHH
;
A,B
2 'polypeptide(L)'
;AVTLDESGGGLQTPGGGLSLVCKASGFTFSDYGMGWVRQAPDKGLEWVAGIYTTGSGTRYGAAVKGRATISRDNGQSTVR
LQLNNLRAEDTGTYYCAKSTGRDYYGGGIDAWGHGTEVIVSSASTKGPSVFPLAPSSKSTSGGTAALGCLVKDYFPEPVT
VSWNSGALTSGVHTFPAVLQSSGLYSLSSVVTVPSSSLGTQTYICNVNHKPSNTKVDKKVEPKSCDKTSGQAGQHHHHHH
GAYPYDVPDYAS
;
C,E
3 'polypeptide(L)'
;ALTQPSSVSANPGGTVKITCSGGTYSYGWFQQKSPGSAPVTVIYWNDKRPSNIPSRFSGSKSGSTHTLTITGVRAEDEAV
YFCGSADSSGTAIFGAGTTLTVLRTVAAPSVFIFPPSDEQLKSGTASVVCLLNNFYPREAKVQWKVDNALQSGNSQESVT
EQDSKDSTYSLSSTLTLSKADYEKHKVYACEVTHQGLSLPVTKSFNRGEC
;
D,F
#
# COMPACT_ATOMS: atom_id res chain seq x y z
N ALA A 12 2.79 49.47 5.81
CA ALA A 12 3.85 48.63 6.38
C ALA A 12 3.26 47.48 7.20
N SER A 13 1.93 47.32 7.08
CA SER A 13 1.23 46.33 7.90
C SER A 13 1.67 44.91 7.57
N GLY A 14 2.00 44.63 6.31
CA GLY A 14 2.39 43.29 5.93
C GLY A 14 3.66 42.82 6.61
N GLY A 15 4.56 43.74 6.94
CA GLY A 15 5.83 43.38 7.54
C GLY A 15 5.73 42.97 9.00
N ILE A 16 4.85 43.63 9.75
CA ILE A 16 4.71 43.32 11.17
C ILE A 16 4.07 41.95 11.35
N ILE A 17 2.99 41.68 10.61
CA ILE A 17 2.31 40.40 10.73
C ILE A 17 3.21 39.25 10.30
N LEU A 18 4.24 39.53 9.49
CA LEU A 18 5.20 38.51 9.10
C LEU A 18 6.17 38.19 10.23
N ILE A 19 6.59 39.21 10.98
CA ILE A 19 7.52 39.00 12.08
C ILE A 19 6.83 38.32 13.26
N ILE A 20 5.57 38.69 13.54
CA ILE A 20 4.80 37.97 14.55
C ILE A 20 4.71 36.50 14.19
N ALA A 21 4.45 36.20 12.90
CA ALA A 21 4.35 34.81 12.47
C ALA A 21 5.66 34.07 12.69
N ALA A 22 6.79 34.74 12.45
CA ALA A 22 8.08 34.11 12.70
C ALA A 22 8.36 34.02 14.19
N ALA A 23 7.93 35.02 14.97
CA ALA A 23 8.12 34.99 16.41
C ALA A 23 7.43 33.78 17.02
N LEU A 24 6.15 33.59 16.70
CA LEU A 24 5.42 32.42 17.21
C LEU A 24 6.11 31.12 16.81
N ALA A 25 6.61 31.05 15.58
CA ALA A 25 7.26 29.83 15.12
C ALA A 25 8.49 29.51 15.95
N MET A 26 9.37 30.49 16.16
CA MET A 26 10.49 30.31 17.08
C MET A 26 10.00 29.93 18.47
N LEU A 27 8.89 30.53 18.90
CA LEU A 27 8.31 30.17 20.19
C LEU A 27 7.81 28.73 20.19
N MET A 28 7.03 28.37 19.18
CA MET A 28 6.56 26.99 19.06
C MET A 28 7.70 25.99 19.00
N ALA A 29 8.82 26.37 18.39
CA ALA A 29 9.94 25.47 18.20
C ALA A 29 10.88 25.40 19.40
N ASN A 30 10.68 26.24 20.42
CA ASN A 30 11.62 26.30 21.54
C ASN A 30 10.93 26.24 22.90
N MET A 31 9.70 25.73 22.96
CA MET A 31 9.01 25.53 24.22
C MET A 31 8.76 24.05 24.41
N GLY A 32 9.01 23.56 25.63
CA GLY A 32 8.87 22.13 25.89
C GLY A 32 7.52 21.59 25.49
N ALA A 33 6.46 22.38 25.70
CA ALA A 33 5.11 21.90 25.40
C ALA A 33 4.81 21.89 23.91
N THR A 34 5.34 22.86 23.15
CA THR A 34 4.99 22.98 21.74
C THR A 34 5.99 22.30 20.82
N SER A 35 7.29 22.47 21.09
CA SER A 35 8.31 21.83 20.26
C SER A 35 8.19 20.33 20.37
N GLY A 36 7.99 19.67 19.24
CA GLY A 36 7.64 18.26 19.25
C GLY A 36 6.39 18.04 18.42
N TRP A 37 5.26 18.59 18.89
CA TRP A 37 4.08 18.65 18.03
C TRP A 37 4.35 19.51 16.80
N TYR A 38 5.11 20.58 16.97
CA TYR A 38 5.46 21.46 15.84
C TYR A 38 6.37 20.74 14.86
N HIS A 39 7.43 20.12 15.36
N HIS A 39 7.41 20.07 15.35
CA HIS A 39 8.37 19.41 14.49
CA HIS A 39 8.36 19.43 14.44
C HIS A 39 7.71 18.19 13.85
C HIS A 39 7.91 18.04 13.98
N ASP A 40 6.91 17.45 14.62
CA ASP A 40 6.32 16.22 14.10
C ASP A 40 5.24 16.49 13.06
N PHE A 41 4.48 17.56 13.23
CA PHE A 41 3.48 17.94 12.24
C PHE A 41 4.15 18.27 10.90
N LEU A 42 5.17 19.13 10.93
CA LEU A 42 5.82 19.51 9.68
C LEU A 42 6.47 18.32 8.98
N GLU A 43 6.95 17.33 9.75
CA GLU A 43 7.58 16.14 9.19
C GLU A 43 6.59 15.02 8.87
N THR A 44 5.29 15.30 8.88
CA THR A 44 4.29 14.27 8.61
C THR A 44 4.34 13.83 7.15
N PRO A 45 4.44 12.53 6.88
CA PRO A 45 4.44 12.07 5.49
C PRO A 45 3.05 12.13 4.87
N VAL A 46 2.99 12.61 3.63
CA VAL A 46 1.77 12.70 2.85
C VAL A 46 2.00 11.92 1.56
N GLN A 47 1.31 10.79 1.40
CA GLN A 47 1.46 9.95 0.22
C GLN A 47 0.18 10.02 -0.60
N LEU A 48 0.27 10.58 -1.80
CA LEU A 48 -0.82 10.56 -2.76
C LEU A 48 -0.56 9.44 -3.77
N ARG A 49 -1.56 8.60 -4.00
CA ARG A 49 -1.46 7.46 -4.91
C ARG A 49 -2.63 7.52 -5.86
N VAL A 50 -2.35 7.76 -7.13
CA VAL A 50 -3.37 7.80 -8.18
C VAL A 50 -3.09 6.63 -9.10
N GLY A 51 -3.84 5.55 -8.93
CA GLY A 51 -3.56 4.34 -9.70
C GLY A 51 -2.14 3.91 -9.47
N ALA A 52 -1.35 3.89 -10.54
CA ALA A 52 0.06 3.56 -10.42
C ALA A 52 0.90 4.74 -9.96
N LEU A 53 0.46 5.97 -10.21
CA LEU A 53 1.21 7.15 -9.81
C LEU A 53 1.26 7.27 -8.28
N GLU A 54 2.38 7.81 -7.79
CA GLU A 54 2.61 7.90 -6.36
C GLU A 54 3.50 9.10 -6.08
N ILE A 55 3.02 10.02 -5.25
CA ILE A 55 3.77 11.22 -4.88
C ILE A 55 3.97 11.19 -3.37
N ASN A 56 5.23 11.11 -2.93
CA ASN A 56 5.58 11.08 -1.51
C ASN A 56 6.34 12.36 -1.17
N LYS A 57 5.67 13.27 -0.49
CA LYS A 57 6.30 14.47 0.07
C LYS A 57 5.80 14.62 1.50
N ASN A 58 6.68 15.05 2.39
CA ASN A 58 6.24 15.35 3.74
C ASN A 58 5.25 16.52 3.73
N MET A 59 4.76 16.87 4.92
CA MET A 59 3.73 17.90 5.03
C MET A 59 4.28 19.27 4.63
N LEU A 60 5.47 19.62 5.12
CA LEU A 60 6.05 20.93 4.84
C LEU A 60 6.25 21.13 3.35
N LEU A 61 6.65 20.09 2.64
CA LEU A 61 6.85 20.20 1.20
C LEU A 61 5.55 20.52 0.48
N TRP A 62 4.47 19.81 0.83
CA TRP A 62 3.18 20.08 0.21
C TRP A 62 2.71 21.50 0.49
N ILE A 63 2.92 21.97 1.72
CA ILE A 63 2.48 23.32 2.07
C ILE A 63 3.30 24.35 1.31
N ASN A 64 4.63 24.21 1.32
CA ASN A 64 5.49 25.16 0.64
C ASN A 64 5.20 25.22 -0.86
N ASP A 65 4.97 24.06 -1.48
CA ASP A 65 4.72 24.03 -2.92
C ASP A 65 3.45 24.79 -3.28
N ALA A 66 2.44 24.78 -2.40
CA ALA A 66 1.23 25.54 -2.68
C ALA A 66 1.41 27.01 -2.35
N LEU A 67 2.01 27.32 -1.20
CA LEU A 67 2.17 28.72 -0.79
C LEU A 67 3.04 29.49 -1.78
N MET A 68 4.20 28.94 -2.14
CA MET A 68 5.08 29.62 -3.08
C MET A 68 4.54 29.66 -4.50
N ALA A 69 3.56 28.80 -4.82
CA ALA A 69 2.91 28.88 -6.13
C ALA A 69 2.16 30.20 -6.27
N VAL A 70 1.21 30.46 -5.36
CA VAL A 70 0.42 31.68 -5.48
C VAL A 70 1.27 32.91 -5.25
N PHE A 71 2.28 32.81 -4.37
CA PHE A 71 3.16 33.95 -4.15
C PHE A 71 3.87 34.35 -5.44
N PHE A 72 4.38 33.35 -6.17
CA PHE A 72 5.04 33.64 -7.44
C PHE A 72 4.06 33.93 -8.56
N LEU A 73 2.79 33.53 -8.42
CA LEU A 73 1.78 34.00 -9.36
C LEU A 73 1.63 35.51 -9.28
N LEU A 74 1.64 36.06 -8.06
CA LEU A 74 1.56 37.50 -7.89
C LEU A 74 2.77 38.20 -8.46
N ILE A 75 3.95 37.58 -8.33
CA ILE A 75 5.17 38.17 -8.87
C ILE A 75 5.14 38.16 -10.39
N GLY A 76 4.61 37.10 -10.99
CA GLY A 76 4.43 37.10 -12.44
C GLY A 76 3.59 38.24 -12.94
N LEU A 77 2.57 38.63 -12.16
CA LEU A 77 1.78 39.81 -12.52
C LEU A 77 2.57 41.08 -12.33
N GLU A 78 3.37 41.15 -11.26
CA GLU A 78 4.10 42.38 -10.98
C GLU A 78 5.30 42.55 -11.92
N VAL A 79 5.98 41.46 -12.25
CA VAL A 79 6.99 41.51 -13.31
C VAL A 79 6.39 42.03 -14.59
N LYS A 80 5.23 41.49 -14.98
CA LYS A 80 4.61 41.87 -16.25
C LYS A 80 4.19 43.34 -16.24
N ARG A 81 3.69 43.83 -15.11
CA ARG A 81 3.28 45.24 -15.06
C ARG A 81 4.49 46.16 -15.01
N GLU A 82 5.60 45.73 -14.41
CA GLU A 82 6.80 46.54 -14.40
C GLU A 82 7.61 46.40 -15.68
N LEU A 83 7.43 45.31 -16.41
CA LEU A 83 8.18 45.10 -17.65
C LEU A 83 7.53 45.79 -18.83
N MET A 84 6.28 46.24 -18.71
CA MET A 84 5.61 46.95 -19.79
C MET A 84 4.94 48.25 -19.36
N GLN A 85 4.89 48.57 -18.06
CA GLN A 85 4.28 49.80 -17.58
C GLN A 85 5.01 50.45 -16.42
N GLY A 86 6.17 49.93 -16.01
CA GLY A 86 6.84 50.46 -14.84
C GLY A 86 8.31 50.71 -15.03
N SER A 87 9.13 50.19 -14.12
CA SER A 87 10.56 50.48 -14.16
C SER A 87 11.25 49.75 -15.31
N LEU A 88 11.02 48.45 -15.43
CA LEU A 88 11.68 47.64 -16.45
C LEU A 88 11.08 47.83 -17.83
N ALA A 89 10.23 48.83 -18.03
CA ALA A 89 9.53 49.01 -19.30
C ALA A 89 10.52 49.21 -20.45
N SER A 90 11.36 50.24 -20.33
CA SER A 90 12.36 50.52 -21.36
C SER A 90 13.67 49.83 -21.01
N LEU A 91 14.53 49.71 -22.02
CA LEU A 91 15.84 49.10 -21.81
C LEU A 91 16.80 50.03 -21.07
N ARG A 92 16.56 51.34 -21.10
CA ARG A 92 17.44 52.28 -20.41
C ARG A 92 17.03 52.48 -18.96
N GLN A 93 15.73 52.56 -18.68
CA GLN A 93 15.28 52.66 -17.29
C GLN A 93 15.66 51.41 -16.50
N ALA A 94 15.56 50.25 -17.13
CA ALA A 94 15.91 48.98 -16.50
C ALA A 94 17.40 48.77 -16.33
N ALA A 95 18.22 49.74 -16.74
CA ALA A 95 19.67 49.55 -16.63
C ALA A 95 20.12 49.54 -15.18
N PHE A 96 19.54 50.38 -14.34
CA PHE A 96 20.00 50.52 -12.97
C PHE A 96 19.53 49.37 -12.06
N PRO A 97 18.24 48.97 -12.10
CA PRO A 97 17.85 47.81 -11.28
C PRO A 97 18.55 46.53 -11.66
N VAL A 98 18.83 46.31 -12.95
CA VAL A 98 19.47 45.07 -13.37
C VAL A 98 20.92 45.04 -12.95
N ILE A 99 21.65 46.14 -13.14
CA ILE A 99 23.05 46.19 -12.74
C ILE A 99 23.18 45.99 -11.24
N ALA A 100 22.29 46.59 -10.46
CA ALA A 100 22.32 46.39 -9.01
C ALA A 100 22.01 44.95 -8.64
N ALA A 101 21.23 44.25 -9.45
CA ALA A 101 20.83 42.89 -9.12
C ALA A 101 21.97 41.90 -9.33
N ILE A 102 22.70 42.04 -10.44
CA ILE A 102 23.83 41.15 -10.70
C ILE A 102 24.87 41.29 -9.60
N GLY A 103 25.21 42.53 -9.24
CA GLY A 103 26.08 42.74 -8.10
C GLY A 103 25.48 42.22 -6.82
N GLY A 104 24.18 42.44 -6.63
CA GLY A 104 23.49 41.91 -5.47
C GLY A 104 23.34 40.40 -5.45
N MET A 105 23.85 39.70 -6.46
CA MET A 105 23.83 38.25 -6.51
C MET A 105 25.22 37.63 -6.51
N ILE A 106 26.15 38.15 -7.29
CA ILE A 106 27.46 37.51 -7.42
C ILE A 106 28.31 37.73 -6.19
N VAL A 107 28.22 38.91 -5.57
CA VAL A 107 29.03 39.20 -4.40
C VAL A 107 28.53 38.43 -3.19
N PRO A 108 27.22 38.40 -2.89
CA PRO A 108 26.75 37.53 -1.80
C PRO A 108 27.07 36.07 -2.02
N ALA A 109 27.09 35.61 -3.28
CA ALA A 109 27.44 34.21 -3.54
C ALA A 109 28.94 34.00 -3.44
N LEU A 110 29.73 34.96 -3.91
CA LEU A 110 31.18 34.86 -3.79
C LEU A 110 31.60 34.78 -2.34
N LEU A 111 31.05 35.65 -1.49
CA LEU A 111 31.34 35.59 -0.06
C LEU A 111 30.96 34.22 0.51
N TYR A 112 29.75 33.77 0.20
CA TYR A 112 29.31 32.45 0.66
C TYR A 112 30.27 31.36 0.19
N LEU A 113 30.62 31.40 -1.10
CA LEU A 113 31.56 30.41 -1.62
C LEU A 113 32.95 30.56 -1.02
N ALA A 114 33.35 31.79 -0.69
CA ALA A 114 34.64 31.99 -0.04
C ALA A 114 34.75 31.20 1.25
N PHE A 115 33.64 31.06 1.99
CA PHE A 115 33.62 30.27 3.21
C PHE A 115 33.34 28.80 2.97
N ASN A 116 32.60 28.46 1.91
CA ASN A 116 32.06 27.12 1.74
C ASN A 116 32.65 26.35 0.56
N TYR A 117 33.66 26.91 -0.12
CA TYR A 117 34.14 26.27 -1.35
C TYR A 117 34.72 24.88 -1.08
N SER A 118 35.30 24.66 0.10
CA SER A 118 35.98 23.41 0.40
C SER A 118 35.02 22.27 0.75
N ASP A 119 33.75 22.56 1.01
CA ASP A 119 32.79 21.51 1.35
C ASP A 119 31.81 21.33 0.20
N PRO A 120 31.92 20.25 -0.58
CA PRO A 120 31.00 20.07 -1.72
C PRO A 120 29.53 20.04 -1.33
N VAL A 121 29.22 19.68 -0.08
CA VAL A 121 27.82 19.55 0.31
C VAL A 121 27.19 20.91 0.59
N THR A 122 27.97 21.85 1.14
CA THR A 122 27.43 23.16 1.47
C THR A 122 27.55 24.15 0.33
N ARG A 123 28.52 23.98 -0.56
CA ARG A 123 28.63 24.96 -1.63
C ARG A 123 27.52 24.83 -2.67
N GLU A 124 26.58 23.91 -2.46
CA GLU A 124 25.39 23.86 -3.29
C GLU A 124 24.40 24.97 -2.95
N GLY A 125 24.46 25.50 -1.73
CA GLY A 125 23.53 26.55 -1.32
C GLY A 125 24.06 27.95 -1.53
N TRP A 126 24.89 28.13 -2.56
CA TRP A 126 25.49 29.43 -2.84
C TRP A 126 24.45 30.50 -3.16
N ALA A 127 23.27 30.11 -3.63
CA ALA A 127 22.24 31.08 -3.97
C ALA A 127 21.44 31.54 -2.76
N ILE A 128 21.69 30.99 -1.57
CA ILE A 128 20.87 31.33 -0.40
C ILE A 128 20.98 32.81 -0.05
N PRO A 129 22.16 33.41 0.09
CA PRO A 129 22.24 34.83 0.42
C PRO A 129 22.02 35.77 -0.75
N ALA A 130 21.59 35.27 -1.90
CA ALA A 130 21.30 36.12 -3.04
C ALA A 130 19.84 36.58 -3.07
N ALA A 131 18.96 35.89 -2.35
CA ALA A 131 17.55 36.24 -2.31
C ALA A 131 17.31 37.37 -1.32
N THR A 132 16.30 38.18 -1.62
CA THR A 132 15.87 39.28 -0.78
C THR A 132 14.38 39.18 -0.54
N ASP A 133 13.97 39.16 0.72
CA ASP A 133 12.56 39.19 1.08
C ASP A 133 11.98 40.55 0.70
N ILE A 134 11.09 40.57 -0.30
CA ILE A 134 10.51 41.83 -0.75
C ILE A 134 9.58 42.40 0.30
N ALA A 135 8.69 41.55 0.83
CA ALA A 135 7.70 42.01 1.81
C ALA A 135 8.36 42.61 3.05
N PHE A 136 9.37 41.92 3.58
CA PHE A 136 10.09 42.42 4.75
C PHE A 136 10.78 43.75 4.44
N ALA A 137 11.61 43.77 3.40
CA ALA A 137 12.37 44.98 3.07
C ALA A 137 11.45 46.16 2.80
N LEU A 138 10.36 45.93 2.05
CA LEU A 138 9.39 47.00 1.84
C LEU A 138 8.75 47.43 3.15
N GLY A 139 8.54 46.49 4.08
CA GLY A 139 8.01 46.86 5.38
C GLY A 139 8.93 47.80 6.14
N VAL A 140 10.23 47.52 6.12
CA VAL A 140 11.19 48.38 6.81
C VAL A 140 11.22 49.77 6.17
N LEU A 141 11.16 49.83 4.84
CA LEU A 141 11.10 51.12 4.17
C LEU A 141 9.80 51.84 4.48
N ALA A 142 8.66 51.13 4.38
CA ALA A 142 7.38 51.73 4.68
C ALA A 142 7.24 52.08 6.16
N LEU A 143 8.04 51.45 7.03
CA LEU A 143 8.02 51.80 8.45
C LEU A 143 8.41 53.26 8.65
N LEU A 144 9.34 53.76 7.85
CA LEU A 144 9.72 55.17 7.85
C LEU A 144 9.25 55.87 6.57
N GLY A 145 8.29 55.28 5.87
CA GLY A 145 7.91 55.76 4.55
C GLY A 145 6.94 56.92 4.53
N SER A 146 7.12 57.89 5.42
CA SER A 146 6.30 59.10 5.36
C SER A 146 6.65 59.92 4.12
N ARG A 147 7.95 60.16 3.90
CA ARG A 147 8.43 60.87 2.72
C ARG A 147 9.75 60.28 2.25
N VAL A 148 9.74 58.99 1.90
CA VAL A 148 10.87 58.35 1.21
C VAL A 148 10.59 58.39 -0.28
N PRO A 149 11.60 58.55 -1.13
CA PRO A 149 11.32 58.76 -2.56
C PRO A 149 10.58 57.59 -3.17
N LEU A 150 9.60 57.92 -4.02
CA LEU A 150 8.77 56.89 -4.66
C LEU A 150 9.63 55.94 -5.48
N ALA A 151 10.65 56.47 -6.18
CA ALA A 151 11.47 55.65 -7.06
C ALA A 151 12.15 54.51 -6.33
N LEU A 152 12.52 54.72 -5.06
CA LEU A 152 13.20 53.67 -4.30
C LEU A 152 12.30 52.45 -4.12
N LYS A 153 11.04 52.67 -3.74
CA LYS A 153 10.15 51.54 -3.47
C LYS A 153 9.88 50.72 -4.72
N ILE A 154 9.87 51.36 -5.90
CA ILE A 154 9.77 50.61 -7.14
C ILE A 154 11.15 50.07 -7.55
N PHE A 155 12.22 50.82 -7.27
CA PHE A 155 13.56 50.30 -7.52
C PHE A 155 13.84 49.06 -6.68
N LEU A 156 13.57 49.15 -5.37
CA LEU A 156 13.78 48.00 -4.49
C LEU A 156 12.93 46.81 -4.93
N MET A 157 11.68 47.07 -5.35
CA MET A 157 10.82 45.98 -5.77
C MET A 157 11.38 45.30 -7.01
N ALA A 158 11.69 46.08 -8.05
CA ALA A 158 12.28 45.51 -9.26
C ALA A 158 13.62 44.85 -8.95
N LEU A 159 14.41 45.44 -8.06
CA LEU A 159 15.70 44.87 -7.69
C LEU A 159 15.54 43.49 -7.08
N ALA A 160 14.65 43.36 -6.10
CA ALA A 160 14.53 42.10 -5.38
C ALA A 160 13.92 40.99 -6.24
N ILE A 161 13.11 41.37 -7.23
CA ILE A 161 12.37 40.36 -7.98
C ILE A 161 13.27 39.61 -8.96
N ILE A 162 14.17 40.33 -9.65
CA ILE A 162 15.01 39.69 -10.66
C ILE A 162 15.94 38.68 -10.01
N ASP A 163 16.52 39.03 -8.87
CA ASP A 163 17.37 38.07 -8.15
C ASP A 163 16.58 36.83 -7.74
N ASP A 164 15.42 37.04 -7.09
CA ASP A 164 14.62 35.91 -6.63
C ASP A 164 14.18 35.05 -7.81
N LEU A 165 13.63 35.68 -8.86
CA LEU A 165 13.20 34.92 -10.02
C LEU A 165 14.38 34.29 -10.74
N GLY A 166 15.45 35.06 -10.95
CA GLY A 166 16.65 34.50 -11.57
C GLY A 166 17.21 33.32 -10.82
N ALA A 167 17.26 33.43 -9.49
CA ALA A 167 17.71 32.31 -8.67
C ALA A 167 16.81 31.10 -8.85
N ILE A 168 15.50 31.31 -8.80
CA ILE A 168 14.57 30.21 -9.03
C ILE A 168 14.75 29.64 -10.43
N VAL A 169 15.01 30.51 -11.41
CA VAL A 169 15.25 30.04 -12.78
C VAL A 169 16.50 29.18 -12.83
N ILE A 170 17.63 29.70 -12.35
CA ILE A 170 18.88 28.97 -12.45
C ILE A 170 18.85 27.71 -11.60
N ILE A 171 18.09 27.72 -10.50
CA ILE A 171 17.90 26.49 -9.73
C ILE A 171 17.08 25.49 -10.51
N ALA A 172 16.09 25.98 -11.26
CA ALA A 172 15.22 25.10 -12.04
C ALA A 172 15.79 24.75 -13.40
N LEU A 173 16.97 25.26 -13.76
CA LEU A 173 17.64 24.87 -15.00
C LEU A 173 18.72 23.81 -14.77
N PHE A 174 19.60 24.03 -13.79
CA PHE A 174 20.71 23.12 -13.57
C PHE A 174 20.46 22.23 -12.36
N TYR A 175 20.42 22.86 -11.17
CA TYR A 175 20.48 22.10 -9.93
C TYR A 175 19.22 21.28 -9.68
N THR A 176 18.08 21.68 -10.25
CA THR A 176 16.88 20.87 -10.11
C THR A 176 17.05 19.57 -10.89
N SER A 177 16.37 18.53 -10.41
CA SER A 177 16.40 17.25 -11.09
C SER A 177 15.38 17.23 -12.21
N ASP A 178 15.67 16.42 -13.23
CA ASP A 178 14.81 16.35 -14.41
C ASP A 178 13.42 15.83 -14.03
N LEU A 179 12.43 16.22 -14.83
CA LEU A 179 11.07 15.73 -14.67
C LEU A 179 10.86 14.49 -15.52
N SER A 180 9.69 13.88 -15.40
CA SER A 180 9.34 12.73 -16.23
C SER A 180 8.96 13.18 -17.63
N ILE A 181 8.98 12.23 -18.57
CA ILE A 181 8.65 12.53 -19.95
C ILE A 181 7.19 12.96 -20.08
N VAL A 182 6.28 12.26 -19.38
CA VAL A 182 4.87 12.60 -19.48
C VAL A 182 4.60 13.95 -18.83
N SER A 183 5.28 14.24 -17.72
CA SER A 183 5.04 15.50 -17.02
C SER A 183 5.35 16.70 -17.91
N LEU A 184 6.42 16.62 -18.71
CA LEU A 184 6.76 17.74 -19.59
C LEU A 184 5.75 17.89 -20.72
N GLY A 185 5.24 16.78 -21.25
CA GLY A 185 4.27 16.87 -22.32
C GLY A 185 3.00 17.58 -21.91
N VAL A 186 2.55 17.34 -20.68
CA VAL A 186 1.38 18.06 -20.17
C VAL A 186 1.73 19.51 -19.87
N ALA A 187 2.90 19.74 -19.27
CA ALA A 187 3.33 21.10 -18.98
C ALA A 187 3.42 21.92 -20.25
N ALA A 188 4.07 21.38 -21.28
CA ALA A 188 4.16 22.08 -22.56
C ALA A 188 2.79 22.32 -23.16
N PHE A 189 1.90 21.32 -23.10
CA PHE A 189 0.57 21.51 -23.65
C PHE A 189 -0.23 22.52 -22.85
N ALA A 190 -0.07 22.51 -21.51
CA ALA A 190 -0.78 23.49 -20.69
C ALA A 190 -0.32 24.91 -21.00
N ILE A 191 0.99 25.08 -21.17
CA ILE A 191 1.51 26.40 -21.54
C ILE A 191 0.98 26.82 -22.92
N ALA A 192 0.86 25.85 -23.83
CA ALA A 192 0.32 26.16 -25.16
C ALA A 192 -1.12 26.64 -25.06
N VAL A 193 -1.93 25.98 -24.22
CA VAL A 193 -3.31 26.41 -24.03
C VAL A 193 -3.36 27.81 -23.43
N LEU A 194 -2.43 28.12 -22.52
CA LEU A 194 -2.33 29.46 -21.99
C LEU A 194 -1.94 30.46 -23.08
N ALA A 195 -1.14 30.02 -24.05
CA ALA A 195 -0.78 30.91 -25.15
C ALA A 195 -1.95 31.12 -26.11
N LEU A 196 -2.61 30.02 -26.51
CA LEU A 196 -3.77 30.14 -27.38
C LEU A 196 -4.87 30.95 -26.72
N LEU A 197 -5.03 30.83 -25.40
CA LEU A 197 -5.98 31.67 -24.68
C LEU A 197 -5.61 33.14 -24.80
N ASN A 198 -4.32 33.45 -24.68
CA ASN A 198 -3.89 34.84 -24.79
C ASN A 198 -4.00 35.34 -26.23
N LEU A 199 -3.60 34.52 -27.20
CA LEU A 199 -3.66 34.95 -28.60
C LEU A 199 -5.10 35.12 -29.07
N CYS A 200 -6.02 34.30 -28.57
CA CYS A 200 -7.44 34.48 -28.90
C CYS A 200 -8.09 35.59 -28.09
N GLY A 201 -7.41 36.13 -27.09
CA GLY A 201 -7.93 37.27 -26.35
C GLY A 201 -9.07 36.98 -25.40
N VAL A 202 -8.98 35.90 -24.64
CA VAL A 202 -9.97 35.61 -23.60
C VAL A 202 -9.54 36.30 -22.32
N ARG A 203 -10.50 36.89 -21.61
CA ARG A 203 -10.19 37.73 -20.45
C ARG A 203 -10.77 37.20 -19.15
N ARG A 204 -11.35 35.99 -19.15
CA ARG A 204 -11.79 35.35 -17.92
C ARG A 204 -10.56 34.89 -17.16
N THR A 205 -10.32 35.48 -15.98
CA THR A 205 -9.12 35.15 -15.23
C THR A 205 -9.16 33.70 -14.74
N GLY A 206 -10.35 33.20 -14.39
CA GLY A 206 -10.45 31.85 -13.85
C GLY A 206 -10.04 30.77 -14.83
N VAL A 207 -10.21 31.01 -16.12
CA VAL A 207 -9.83 30.01 -17.11
C VAL A 207 -8.31 29.84 -17.11
N TYR A 208 -7.56 30.94 -17.10
CA TYR A 208 -6.11 30.84 -16.98
C TYR A 208 -5.71 30.11 -15.71
N ILE A 209 -6.41 30.38 -14.60
CA ILE A 209 -6.12 29.68 -13.35
C ILE A 209 -6.44 28.20 -13.50
N LEU A 210 -7.50 27.87 -14.23
CA LEU A 210 -7.83 26.48 -14.48
C LEU A 210 -6.70 25.77 -15.22
N VAL A 211 -6.30 26.32 -16.38
CA VAL A 211 -5.18 25.73 -17.13
C VAL A 211 -3.92 25.74 -16.29
N GLY A 212 -3.71 26.80 -15.50
CA GLY A 212 -2.55 26.85 -14.63
C GLY A 212 -2.56 25.77 -13.58
N ALA A 213 -3.74 25.39 -13.09
CA ALA A 213 -3.83 24.31 -12.13
C ALA A 213 -3.35 22.99 -12.73
N VAL A 214 -3.71 22.73 -13.98
CA VAL A 214 -3.21 21.55 -14.69
C VAL A 214 -1.69 21.61 -14.80
N LEU A 215 -1.16 22.77 -15.19
CA LEU A 215 0.29 22.95 -15.21
C LEU A 215 0.90 22.63 -13.85
N TRP A 216 0.35 23.24 -12.79
CA TRP A 216 0.89 23.03 -11.45
C TRP A 216 0.87 21.57 -11.06
N THR A 217 -0.20 20.85 -11.41
CA THR A 217 -0.33 19.46 -11.00
C THR A 217 0.69 18.57 -11.70
N ALA A 218 0.91 18.80 -13.00
CA ALA A 218 1.82 17.95 -13.76
C ALA A 218 3.23 17.94 -13.19
N VAL A 219 3.68 19.06 -12.62
CA VAL A 219 5.04 19.17 -12.12
C VAL A 219 5.05 19.13 -10.60
N LEU A 220 4.06 18.44 -10.01
CA LEU A 220 3.94 18.41 -8.56
C LEU A 220 5.20 17.86 -7.91
N LYS A 221 5.82 16.85 -8.50
CA LYS A 221 6.97 16.20 -7.89
C LYS A 221 8.15 17.16 -7.71
N SER A 222 8.23 18.20 -8.55
CA SER A 222 9.28 19.20 -8.44
C SER A 222 8.69 20.45 -7.79
N GLY A 223 9.16 20.77 -6.59
CA GLY A 223 8.66 21.95 -5.90
C GLY A 223 9.05 23.25 -6.55
N VAL A 224 10.24 23.28 -7.17
CA VAL A 224 10.67 24.52 -7.83
C VAL A 224 9.96 24.69 -9.16
N HIS A 225 9.53 23.59 -9.79
CA HIS A 225 8.77 23.72 -11.03
C HIS A 225 7.33 24.13 -10.74
N ALA A 226 6.70 23.53 -9.74
CA ALA A 226 5.39 23.99 -9.31
C ALA A 226 5.42 25.45 -8.86
N THR A 227 6.59 25.93 -8.42
CA THR A 227 6.77 27.35 -8.14
C THR A 227 6.78 28.18 -9.41
N LEU A 228 7.66 27.81 -10.35
CA LEU A 228 7.72 28.52 -11.62
C LEU A 228 6.42 28.46 -12.41
N ALA A 229 5.60 27.43 -12.15
CA ALA A 229 4.27 27.38 -12.75
C ALA A 229 3.47 28.63 -12.41
N GLY A 230 3.64 29.17 -11.21
CA GLY A 230 2.94 30.40 -10.86
C GLY A 230 3.41 31.59 -11.66
N VAL A 231 4.71 31.69 -11.90
CA VAL A 231 5.24 32.83 -12.67
C VAL A 231 4.75 32.76 -14.11
N ILE A 232 4.69 31.55 -14.68
CA ILE A 232 4.24 31.41 -16.06
C ILE A 232 2.78 31.83 -16.19
N VAL A 233 1.93 31.42 -15.25
CA VAL A 233 0.53 31.82 -15.28
C VAL A 233 0.40 33.32 -15.15
N GLY A 234 1.18 33.92 -14.24
CA GLY A 234 1.15 35.36 -14.07
C GLY A 234 1.58 36.12 -15.31
N PHE A 235 2.41 35.49 -16.15
CA PHE A 235 2.83 36.16 -17.38
C PHE A 235 1.72 36.18 -18.42
N PHE A 236 0.85 35.17 -18.43
CA PHE A 236 -0.15 35.04 -19.49
C PHE A 236 -1.49 35.69 -19.15
N ILE A 237 -1.72 36.07 -17.90
CA ILE A 237 -2.93 36.83 -17.57
C ILE A 237 -2.89 38.13 -18.36
N PRO A 238 -3.88 38.40 -19.21
CA PRO A 238 -3.83 39.61 -20.04
C PRO A 238 -3.83 40.89 -19.21
N LEU A 239 -3.06 41.86 -19.66
CA LEU A 239 -2.92 43.14 -18.98
C LEU A 239 -3.61 44.28 -19.71
N LYS A 240 -4.17 44.03 -20.90
CA LYS A 240 -4.79 45.09 -21.70
C LYS A 240 -5.91 45.77 -20.92
N GLU A 241 -6.19 47.02 -21.28
CA GLU A 241 -7.19 47.84 -20.61
C GLU A 241 -8.35 48.11 -21.58
N LYS A 242 -9.16 47.09 -21.82
CA LYS A 242 -10.37 47.24 -22.63
C LYS A 242 -11.56 47.57 -21.73
N HIS A 243 -12.29 48.63 -22.09
CA HIS A 243 -13.45 49.09 -21.33
C HIS A 243 -13.06 49.48 -19.90
N GLY A 244 -11.82 49.97 -19.74
CA GLY A 244 -11.35 50.37 -18.42
C GLY A 244 -11.23 49.25 -17.41
N ARG A 245 -10.95 48.02 -17.88
CA ARG A 245 -10.83 46.87 -17.00
C ARG A 245 -9.66 46.02 -17.45
N SER A 246 -8.86 45.56 -16.49
CA SER A 246 -7.69 44.74 -16.77
C SER A 246 -7.73 43.47 -15.92
N PRO A 247 -7.68 42.29 -16.51
CA PRO A 247 -7.66 41.07 -15.69
C PRO A 247 -6.44 40.97 -14.77
N ALA A 248 -5.25 41.29 -15.29
CA ALA A 248 -4.05 41.16 -14.47
C ALA A 248 -4.02 42.20 -13.35
N LYS A 249 -4.36 43.45 -13.66
CA LYS A 249 -4.43 44.48 -12.62
C LYS A 249 -5.49 44.13 -11.58
N ARG A 250 -6.61 43.55 -12.00
CA ARG A 250 -7.63 43.14 -11.04
C ARG A 250 -7.16 41.96 -10.20
N LEU A 251 -6.46 41.00 -10.83
CA LEU A 251 -6.03 39.81 -10.09
C LEU A 251 -4.91 40.14 -9.11
N GLU A 252 -3.94 40.94 -9.52
CA GLU A 252 -2.91 41.43 -8.61
C GLU A 252 -3.54 42.18 -7.44
N HIS A 253 -4.62 42.92 -7.70
CA HIS A 253 -5.30 43.64 -6.63
C HIS A 253 -5.99 42.69 -5.67
N VAL A 254 -6.43 41.52 -6.15
CA VAL A 254 -7.10 40.56 -5.27
C VAL A 254 -6.08 39.76 -4.48
N LEU A 255 -4.98 39.35 -5.11
CA LEU A 255 -4.02 38.48 -4.46
C LEU A 255 -3.22 39.20 -3.37
N HIS A 256 -3.02 40.50 -3.52
CA HIS A 256 -2.08 41.20 -2.65
C HIS A 256 -2.42 41.07 -1.16
N PRO A 257 -3.64 41.37 -0.70
CA PRO A 257 -3.92 41.18 0.73
C PRO A 257 -3.83 39.72 1.18
N TRP A 258 -4.16 38.75 0.32
CA TRP A 258 -4.05 37.36 0.72
C TRP A 258 -2.59 36.93 0.86
N VAL A 259 -1.70 37.48 0.03
CA VAL A 259 -0.30 37.11 0.11
C VAL A 259 0.35 37.77 1.32
N ALA A 260 0.03 39.03 1.58
CA ALA A 260 0.67 39.77 2.65
C ALA A 260 0.21 39.31 4.02
N TYR A 261 -1.02 38.79 4.13
CA TYR A 261 -1.62 38.51 5.44
C TYR A 261 -1.89 37.04 5.71
N LEU A 262 -1.72 36.17 4.71
CA LEU A 262 -1.97 34.75 4.94
C LEU A 262 -0.84 33.89 4.37
N ILE A 263 -0.52 34.08 3.09
CA ILE A 263 0.45 33.23 2.44
C ILE A 263 1.83 33.38 3.09
N LEU A 264 2.32 34.60 3.19
CA LEU A 264 3.64 34.83 3.76
C LEU A 264 3.67 34.53 5.26
N PRO A 265 2.68 34.99 6.06
CA PRO A 265 2.69 34.58 7.47
C PRO A 265 2.65 33.07 7.68
N LEU A 266 1.87 32.34 6.88
CA LEU A 266 1.87 30.88 7.03
C LEU A 266 3.20 30.29 6.62
N PHE A 267 3.80 30.81 5.54
CA PHE A 267 5.10 30.29 5.13
C PHE A 267 6.16 30.56 6.18
N ALA A 268 6.14 31.74 6.79
CA ALA A 268 7.08 32.05 7.85
C ALA A 268 6.82 31.21 9.10
N PHE A 269 5.54 30.96 9.40
CA PHE A 269 5.22 30.16 10.58
C PHE A 269 5.63 28.71 10.41
N ALA A 270 5.63 28.20 9.18
CA ALA A 270 5.94 26.80 8.94
C ALA A 270 7.42 26.53 8.66
N ASN A 271 8.22 27.58 8.51
CA ASN A 271 9.62 27.40 8.11
C ASN A 271 10.64 28.12 8.99
N ALA A 272 10.27 29.18 9.69
CA ALA A 272 11.22 29.97 10.46
C ALA A 272 11.43 29.47 11.89
N GLY A 273 10.89 28.29 12.23
CA GLY A 273 11.06 27.77 13.57
C GLY A 273 12.16 26.73 13.66
N VAL A 274 13.30 27.11 14.25
CA VAL A 274 14.38 26.17 14.52
C VAL A 274 14.64 26.15 16.02
N SER A 275 15.06 25.00 16.52
CA SER A 275 15.42 24.91 17.93
C SER A 275 16.70 25.71 18.18
N LEU A 276 16.74 26.40 19.31
CA LEU A 276 17.90 27.17 19.71
C LEU A 276 18.75 26.44 20.73
N GLN A 277 18.36 25.23 21.12
CA GLN A 277 19.07 24.51 22.16
C GLN A 277 20.43 24.05 21.65
N GLY A 278 21.49 24.37 22.40
CA GLY A 278 22.83 24.02 22.04
C GLY A 278 23.52 24.96 21.08
N VAL A 279 22.87 26.06 20.70
CA VAL A 279 23.45 27.00 19.74
C VAL A 279 24.47 27.88 20.45
N THR A 280 25.69 27.92 19.93
CA THR A 280 26.78 28.68 20.52
C THR A 280 27.39 29.58 19.45
N ILE A 281 28.18 30.56 19.89
CA ILE A 281 28.81 31.49 18.96
C ILE A 281 29.75 30.75 18.02
N ASP A 282 30.48 29.76 18.54
CA ASP A 282 31.38 28.99 17.69
C ASP A 282 30.60 28.23 16.62
N GLY A 283 29.42 27.71 16.98
CA GLY A 283 28.58 27.10 15.97
C GLY A 283 28.13 28.08 14.91
N LEU A 284 27.77 29.30 15.33
CA LEU A 284 27.30 30.32 14.39
C LEU A 284 28.40 30.85 13.49
N THR A 285 29.67 30.64 13.86
CA THR A 285 30.79 31.10 13.06
C THR A 285 31.35 30.01 12.16
N SER A 286 30.70 28.85 12.09
CA SER A 286 31.12 27.84 11.13
C SER A 286 30.79 28.30 9.71
N MET A 287 31.28 27.56 8.72
CA MET A 287 31.28 28.06 7.35
C MET A 287 29.87 28.28 6.83
N LEU A 288 28.93 27.37 7.15
CA LEU A 288 27.59 27.47 6.55
C LEU A 288 26.82 28.67 7.06
N PRO A 289 26.54 28.82 8.37
CA PRO A 289 25.79 30.02 8.80
C PRO A 289 26.54 31.32 8.58
N LEU A 290 27.85 31.34 8.83
CA LEU A 290 28.60 32.58 8.68
C LEU A 290 28.74 32.99 7.22
N GLY A 291 28.84 32.01 6.31
CA GLY A 291 28.84 32.33 4.90
C GLY A 291 27.55 32.99 4.46
N ILE A 292 26.42 32.53 5.04
CA ILE A 292 25.14 33.18 4.77
C ILE A 292 25.09 34.55 5.42
N ILE A 293 25.48 34.63 6.69
CA ILE A 293 25.51 35.90 7.40
C ILE A 293 26.38 36.91 6.66
N ALA A 294 27.60 36.52 6.29
CA ALA A 294 28.46 37.42 5.55
C ALA A 294 27.89 37.72 4.18
N GLY A 295 27.29 36.71 3.54
CA GLY A 295 26.67 36.94 2.24
C GLY A 295 25.56 37.99 2.29
N LEU A 296 24.69 37.89 3.30
CA LEU A 296 23.59 38.84 3.43
C LEU A 296 24.08 40.18 3.98
N LEU A 297 24.69 40.16 5.15
CA LEU A 297 25.00 41.39 5.86
C LEU A 297 26.02 42.24 5.12
N ILE A 298 26.92 41.61 4.35
CA ILE A 298 28.00 42.33 3.67
C ILE A 298 27.92 42.19 2.17
N GLY A 299 27.64 40.98 1.66
CA GLY A 299 27.66 40.78 0.22
C GLY A 299 26.65 41.62 -0.51
N LYS A 300 25.43 41.73 0.05
CA LYS A 300 24.39 42.53 -0.60
C LYS A 300 24.79 43.99 -0.72
N PRO A 301 25.05 44.73 0.37
CA PRO A 301 25.41 46.15 0.19
C PRO A 301 26.73 46.35 -0.55
N LEU A 302 27.62 45.34 -0.54
CA LEU A 302 28.85 45.45 -1.32
C LEU A 302 28.56 45.34 -2.81
N GLY A 303 27.95 44.23 -3.23
CA GLY A 303 27.68 44.03 -4.64
C GLY A 303 26.75 45.07 -5.22
N ILE A 304 25.79 45.53 -4.44
CA ILE A 304 24.84 46.52 -4.93
C ILE A 304 25.53 47.87 -5.11
N SER A 305 26.25 48.33 -4.08
CA SER A 305 26.93 49.62 -4.17
C SER A 305 28.01 49.60 -5.25
N LEU A 306 28.85 48.55 -5.24
CA LEU A 306 29.94 48.47 -6.21
C LEU A 306 29.43 48.57 -7.64
N PHE A 307 28.43 47.77 -7.99
CA PHE A 307 27.95 47.76 -9.36
C PHE A 307 27.20 49.04 -9.71
N CYS A 308 26.43 49.58 -8.76
CA CYS A 308 25.79 50.86 -9.00
C CYS A 308 26.81 51.97 -9.16
N TRP A 309 27.85 51.97 -8.30
CA TRP A 309 28.93 52.94 -8.45
CA TRP A 309 28.91 52.95 -8.46
C TRP A 309 29.68 52.73 -9.75
N LEU A 310 29.89 51.46 -10.14
CA LEU A 310 30.51 51.18 -11.43
C LEU A 310 29.62 51.61 -12.58
N ALA A 311 28.30 51.41 -12.43
CA ALA A 311 27.38 51.86 -13.47
C ALA A 311 27.48 53.36 -13.68
N LEU A 312 27.33 54.14 -12.60
CA LEU A 312 27.35 55.60 -12.71
C LEU A 312 28.61 56.09 -13.41
N ARG A 313 29.76 55.61 -12.97
CA ARG A 313 31.02 56.12 -13.50
C ARG A 313 31.22 55.72 -14.97
N PHE A 314 30.74 54.55 -15.38
CA PHE A 314 31.05 54.00 -16.69
C PHE A 314 29.88 54.10 -17.67
N LYS A 315 29.13 55.20 -17.59
CA LYS A 315 28.29 55.71 -18.68
C LYS A 315 27.15 54.80 -19.12
N LEU A 316 27.13 53.53 -18.71
CA LEU A 316 26.03 52.63 -19.01
C LEU A 316 24.88 52.75 -18.01
N ALA A 317 24.68 53.93 -17.44
CA ALA A 317 23.96 54.07 -16.19
C ALA A 317 22.62 54.79 -16.34
N HIS A 318 22.00 55.05 -15.20
CA HIS A 318 20.85 55.92 -15.03
C HIS A 318 20.88 56.37 -13.57
N LEU A 319 19.84 57.06 -13.13
CA LEU A 319 19.72 57.41 -11.72
C LEU A 319 18.27 57.76 -11.40
N PRO A 320 17.68 57.10 -10.40
CA PRO A 320 16.30 57.45 -10.01
C PRO A 320 16.22 58.88 -9.50
N GLN A 321 15.01 59.44 -9.54
CA GLN A 321 14.82 60.83 -9.17
C GLN A 321 14.94 60.99 -7.65
N GLY A 322 15.71 61.99 -7.24
CA GLY A 322 15.97 62.21 -5.82
C GLY A 322 16.70 61.05 -5.17
N THR A 323 17.90 60.76 -5.66
CA THR A 323 18.63 59.54 -5.29
C THR A 323 19.77 59.80 -4.30
N THR A 324 20.59 60.83 -4.56
CA THR A 324 21.73 61.22 -3.72
C THR A 324 22.86 60.18 -3.74
N TYR A 325 22.56 58.96 -4.19
CA TYR A 325 23.47 57.81 -4.32
C TYR A 325 23.96 57.26 -2.98
N GLN A 326 23.70 57.96 -1.88
CA GLN A 326 23.92 57.33 -0.58
C GLN A 326 22.72 56.48 -0.18
N GLN A 327 21.53 56.82 -0.69
CA GLN A 327 20.36 55.99 -0.47
C GLN A 327 20.36 54.73 -1.33
N ILE A 328 21.20 54.67 -2.35
CA ILE A 328 21.33 53.45 -3.14
C ILE A 328 22.03 52.37 -2.32
N MET A 329 23.15 52.72 -1.69
CA MET A 329 23.83 51.76 -0.82
C MET A 329 23.04 51.50 0.46
N ALA A 330 22.17 52.43 0.85
CA ALA A 330 21.32 52.21 2.02
C ALA A 330 20.39 51.04 1.80
N VAL A 331 19.64 51.04 0.69
CA VAL A 331 18.76 49.91 0.39
C VAL A 331 19.55 48.67 0.08
N GLY A 332 20.84 48.79 -0.27
CA GLY A 332 21.67 47.61 -0.40
C GLY A 332 21.77 46.86 0.92
N ILE A 333 21.85 47.58 2.03
CA ILE A 333 21.84 46.94 3.34
C ILE A 333 20.49 46.30 3.60
N LEU A 334 19.40 47.01 3.28
CA LEU A 334 18.07 46.46 3.47
C LEU A 334 17.85 45.21 2.63
N CYS A 335 18.54 45.08 1.51
CA CYS A 335 18.43 43.88 0.70
C CYS A 335 19.10 42.69 1.36
N GLY A 336 19.88 42.89 2.42
CA GLY A 336 20.40 41.78 3.21
C GLY A 336 19.35 41.00 3.95
N ILE A 337 18.10 41.48 3.97
CA ILE A 337 17.00 40.76 4.58
C ILE A 337 16.53 39.66 3.64
N GLY A 338 17.10 38.47 3.77
CA GLY A 338 16.72 37.36 2.92
C GLY A 338 15.42 36.71 3.38
N PHE A 339 15.36 36.37 4.66
CA PHE A 339 14.16 35.86 5.33
C PHE A 339 13.43 34.78 4.53
N THR A 340 12.16 35.02 4.22
CA THR A 340 11.33 33.97 3.63
C THR A 340 11.90 33.47 2.32
N MET A 341 12.39 34.38 1.47
CA MET A 341 12.92 33.95 0.18
C MET A 341 14.19 33.13 0.33
N SER A 342 15.12 33.57 1.17
CA SER A 342 16.31 32.76 1.40
C SER A 342 15.96 31.43 2.04
N ILE A 343 14.98 31.42 2.94
CA ILE A 343 14.58 30.16 3.58
C ILE A 343 14.07 29.18 2.53
N PHE A 344 13.26 29.67 1.58
CA PHE A 344 12.75 28.80 0.53
C PHE A 344 13.89 28.27 -0.34
N ILE A 345 14.79 29.15 -0.78
CA ILE A 345 15.97 28.71 -1.51
C ILE A 345 16.75 27.66 -0.72
N ALA A 346 16.94 27.88 0.57
CA ALA A 346 17.65 26.89 1.39
C ALA A 346 16.92 25.57 1.45
N SER A 347 15.58 25.59 1.43
CA SER A 347 14.83 24.35 1.48
C SER A 347 14.99 23.56 0.18
N LEU A 348 15.21 24.25 -0.95
CA LEU A 348 15.48 23.58 -2.22
C LEU A 348 16.92 23.08 -2.26
N ALA A 349 17.88 23.92 -1.88
CA ALA A 349 19.28 23.54 -1.94
C ALA A 349 19.61 22.39 -1.00
N PHE A 350 18.90 22.31 0.13
CA PHE A 350 19.27 21.40 1.20
C PHE A 350 18.20 20.36 1.48
N GLY A 351 17.38 20.03 0.47
CA GLY A 351 16.51 18.89 0.59
C GLY A 351 17.24 17.59 0.25
N ASN A 352 16.74 16.50 0.82
CA ASN A 352 17.34 15.16 0.65
C ASN A 352 18.84 15.17 0.92
N VAL A 353 19.25 15.99 1.88
CA VAL A 353 20.56 15.89 2.50
C VAL A 353 20.38 15.95 4.02
N ASP A 354 21.50 15.96 4.72
CA ASP A 354 21.51 15.88 6.17
C ASP A 354 20.53 16.90 6.76
N PRO A 355 19.70 16.52 7.74
CA PRO A 355 18.64 17.42 8.21
C PRO A 355 19.12 18.64 8.95
N GLU A 356 20.37 18.67 9.41
CA GLU A 356 20.85 19.83 10.14
C GLU A 356 21.35 20.93 9.21
N LEU A 357 21.59 20.61 7.95
CA LEU A 357 22.00 21.63 6.99
C LEU A 357 20.92 22.71 6.87
N ILE A 358 19.66 22.32 6.73
CA ILE A 358 18.60 23.32 6.62
C ILE A 358 18.44 24.09 7.92
N ASN A 359 18.70 23.46 9.06
CA ASN A 359 18.56 24.13 10.34
C ASN A 359 19.65 25.18 10.54
N TRP A 360 20.91 24.83 10.27
CA TRP A 360 21.98 25.82 10.36
C TRP A 360 21.79 26.94 9.34
N ALA A 361 21.17 26.63 8.20
CA ALA A 361 20.96 27.67 7.20
C ALA A 361 19.99 28.72 7.71
N LYS A 362 18.83 28.28 8.24
CA LYS A 362 17.84 29.23 8.76
C LYS A 362 18.44 30.11 9.83
N LEU A 363 19.29 29.55 10.70
CA LEU A 363 19.90 30.36 11.74
C LEU A 363 20.77 31.46 11.14
N GLY A 364 21.58 31.13 10.12
CA GLY A 364 22.37 32.16 9.47
C GLY A 364 21.52 33.20 8.78
N ILE A 365 20.43 32.77 8.15
CA ILE A 365 19.53 33.69 7.47
C ILE A 365 18.91 34.66 8.47
N LEU A 366 18.41 34.12 9.59
CA LEU A 366 17.72 34.96 10.56
C LEU A 366 18.66 35.97 11.20
N ILE A 367 19.88 35.53 11.55
CA ILE A 367 20.85 36.48 12.10
C ILE A 367 21.24 37.50 11.05
N GLY A 368 21.58 37.04 9.84
CA GLY A 368 21.92 37.96 8.77
C GLY A 368 20.81 38.95 8.46
N SER A 369 19.58 38.45 8.33
CA SER A 369 18.46 39.33 8.01
C SER A 369 18.18 40.31 9.14
N LEU A 370 18.25 39.84 10.39
CA LEU A 370 17.98 40.73 11.51
C LEU A 370 19.04 41.82 11.61
N LEU A 371 20.31 41.46 11.35
CA LEU A 371 21.36 42.47 11.36
C LEU A 371 21.20 43.44 10.19
N SER A 372 20.86 42.92 9.01
CA SER A 372 20.64 43.80 7.86
C SER A 372 19.46 44.74 8.07
N ALA A 373 18.43 44.28 8.79
CA ALA A 373 17.28 45.15 9.03
C ALA A 373 17.61 46.25 10.04
N VAL A 374 18.30 45.89 11.13
CA VAL A 374 18.62 46.87 12.16
C VAL A 374 19.65 47.87 11.63
N VAL A 375 20.71 47.37 11.00
CA VAL A 375 21.75 48.26 10.47
C VAL A 375 21.16 49.18 9.40
N GLY A 376 20.35 48.63 8.49
CA GLY A 376 19.74 49.44 7.46
C GLY A 376 18.71 50.42 7.98
N TYR A 377 18.19 50.21 9.19
CA TYR A 377 17.24 51.14 9.79
C TYR A 377 17.91 52.40 10.32
N SER A 378 19.21 52.35 10.61
CA SER A 378 19.91 53.51 11.16
C SER A 378 20.14 54.58 10.12
N TRP A 379 20.16 54.22 8.83
CA TRP A 379 20.36 55.20 7.77
C TRP A 379 19.06 55.92 7.42
N ASP B 11 -30.38 31.51 -23.35
CA ASP B 11 -30.26 31.18 -21.94
C ASP B 11 -30.44 29.68 -21.72
N ALA B 12 -30.82 28.98 -22.80
CA ALA B 12 -30.96 27.54 -22.78
C ALA B 12 -29.65 26.83 -23.12
N SER B 13 -28.54 27.57 -23.24
CA SER B 13 -27.28 26.97 -23.65
C SER B 13 -26.76 25.98 -22.62
N GLY B 14 -27.07 26.20 -21.35
CA GLY B 14 -26.61 25.27 -20.32
C GLY B 14 -27.22 23.89 -20.46
N GLY B 15 -28.50 23.83 -20.84
CA GLY B 15 -29.16 22.54 -21.00
C GLY B 15 -28.69 21.78 -22.21
N ILE B 16 -28.27 22.48 -23.26
CA ILE B 16 -27.79 21.82 -24.46
C ILE B 16 -26.39 21.27 -24.26
N ILE B 17 -25.50 22.10 -23.69
CA ILE B 17 -24.16 21.62 -23.38
C ILE B 17 -24.22 20.43 -22.43
N LEU B 18 -25.17 20.45 -21.49
CA LEU B 18 -25.38 19.32 -20.60
C LEU B 18 -25.81 18.07 -21.38
N ILE B 19 -26.41 18.24 -22.54
CA ILE B 19 -26.83 17.09 -23.34
C ILE B 19 -25.68 16.58 -24.20
N ILE B 20 -24.88 17.48 -24.78
CA ILE B 20 -23.72 17.05 -25.55
C ILE B 20 -22.78 16.23 -24.68
N ALA B 21 -22.57 16.67 -23.43
CA ALA B 21 -21.65 15.97 -22.54
C ALA B 21 -22.11 14.56 -22.24
N ALA B 22 -23.44 14.38 -22.08
CA ALA B 22 -23.95 13.04 -21.81
C ALA B 22 -23.87 12.16 -23.06
N ALA B 23 -24.09 12.76 -24.24
CA ALA B 23 -23.92 12.02 -25.48
C ALA B 23 -22.47 11.58 -25.66
N LEU B 24 -21.53 12.51 -25.50
CA LEU B 24 -20.11 12.16 -25.55
C LEU B 24 -19.80 11.04 -24.57
N ALA B 25 -20.29 11.17 -23.33
CA ALA B 25 -20.04 10.13 -22.32
C ALA B 25 -20.59 8.78 -22.79
N MET B 26 -21.81 8.78 -23.36
CA MET B 26 -22.38 7.53 -23.87
C MET B 26 -21.57 6.99 -25.03
N LEU B 27 -21.06 7.88 -25.90
CA LEU B 27 -20.16 7.45 -26.97
C LEU B 27 -18.89 6.84 -26.39
N MET B 28 -18.30 7.48 -25.38
CA MET B 28 -17.09 6.96 -24.78
C MET B 28 -17.29 5.56 -24.21
N ALA B 29 -18.46 5.30 -23.64
CA ALA B 29 -18.73 4.04 -22.96
C ALA B 29 -19.27 2.96 -23.88
N ASN B 30 -19.19 3.12 -25.20
CA ASN B 30 -19.79 2.12 -26.08
C ASN B 30 -18.97 1.77 -27.32
N MET B 31 -18.16 2.67 -27.86
CA MET B 31 -17.26 2.29 -28.94
C MET B 31 -15.99 1.69 -28.33
N GLY B 32 -15.55 0.56 -28.91
CA GLY B 32 -14.52 -0.24 -28.28
C GLY B 32 -13.20 0.48 -28.12
N ALA B 33 -12.94 1.49 -28.96
CA ALA B 33 -11.67 2.21 -28.88
C ALA B 33 -11.54 2.97 -27.57
N THR B 34 -12.67 3.35 -26.96
CA THR B 34 -12.67 4.20 -25.78
C THR B 34 -13.33 3.56 -24.56
N SER B 35 -14.07 2.46 -24.73
CA SER B 35 -14.75 1.85 -23.59
C SER B 35 -13.77 1.41 -22.50
N GLY B 36 -12.55 1.04 -22.90
CA GLY B 36 -11.57 0.59 -21.91
C GLY B 36 -11.03 1.74 -21.08
N TRP B 37 -10.63 2.83 -21.74
CA TRP B 37 -10.05 3.97 -21.03
CA TRP B 37 -10.05 3.95 -21.01
C TRP B 37 -11.08 4.62 -20.11
N TYR B 38 -12.30 4.83 -20.63
CA TYR B 38 -13.33 5.51 -19.85
C TYR B 38 -13.67 4.74 -18.57
N HIS B 39 -13.88 3.43 -18.70
CA HIS B 39 -14.23 2.63 -17.53
C HIS B 39 -13.06 2.55 -16.55
N ASP B 40 -11.87 2.27 -17.05
CA ASP B 40 -10.71 2.12 -16.17
C ASP B 40 -10.35 3.43 -15.47
N PHE B 41 -10.47 4.56 -16.18
CA PHE B 41 -10.14 5.84 -15.57
C PHE B 41 -11.10 6.18 -14.43
N LEU B 42 -12.40 5.99 -14.64
CA LEU B 42 -13.36 6.34 -13.61
C LEU B 42 -13.24 5.45 -12.38
N GLU B 43 -12.78 4.21 -12.55
CA GLU B 43 -12.61 3.29 -11.43
C GLU B 43 -11.19 3.30 -10.88
N THR B 44 -10.35 4.22 -11.33
CA THR B 44 -8.99 4.31 -10.83
C THR B 44 -8.99 4.61 -9.33
N PRO B 45 -8.31 3.81 -8.51
CA PRO B 45 -8.27 4.10 -7.07
C PRO B 45 -7.31 5.22 -6.74
N VAL B 46 -7.69 6.01 -5.73
CA VAL B 46 -6.95 7.19 -5.31
C VAL B 46 -6.83 7.12 -3.79
N GLN B 47 -5.61 6.91 -3.31
CA GLN B 47 -5.34 6.81 -1.87
C GLN B 47 -4.58 8.04 -1.42
N LEU B 48 -5.17 8.79 -0.49
CA LEU B 48 -4.48 9.87 0.21
C LEU B 48 -4.17 9.39 1.63
N ARG B 49 -2.89 9.37 1.98
CA ARG B 49 -2.44 8.93 3.29
C ARG B 49 -1.70 10.10 3.93
N VAL B 50 -2.33 10.71 4.93
CA VAL B 50 -1.72 11.81 5.68
C VAL B 50 -1.38 11.26 7.05
N GLY B 51 -0.11 10.95 7.27
CA GLY B 51 0.28 10.31 8.52
C GLY B 51 -0.42 8.97 8.66
N ALA B 52 -1.06 8.77 9.81
CA ALA B 52 -1.83 7.55 10.02
C ALA B 52 -3.21 7.62 9.37
N LEU B 53 -3.70 8.82 9.08
CA LEU B 53 -4.98 8.99 8.40
C LEU B 53 -4.89 8.50 6.96
N GLU B 54 -6.03 8.08 6.42
CA GLU B 54 -6.05 7.47 5.09
C GLU B 54 -7.45 7.58 4.51
N ILE B 55 -7.53 7.97 3.24
CA ILE B 55 -8.80 8.04 2.51
C ILE B 55 -8.64 7.28 1.21
N ASN B 56 -9.52 6.31 0.98
CA ASN B 56 -9.54 5.52 -0.26
C ASN B 56 -10.88 5.73 -0.94
N LYS B 57 -10.85 6.34 -2.12
CA LYS B 57 -12.01 6.50 -2.98
C LYS B 57 -11.55 6.36 -4.42
N ASN B 58 -12.36 5.72 -5.25
CA ASN B 58 -12.04 5.71 -6.67
C ASN B 58 -12.04 7.14 -7.22
N MET B 59 -11.53 7.28 -8.45
CA MET B 59 -11.43 8.59 -9.09
C MET B 59 -12.78 9.26 -9.19
N LEU B 60 -13.81 8.51 -9.61
CA LEU B 60 -15.12 9.10 -9.84
C LEU B 60 -15.70 9.72 -8.58
N LEU B 61 -15.43 9.10 -7.42
CA LEU B 61 -15.94 9.64 -6.16
C LEU B 61 -15.28 10.97 -5.82
N TRP B 62 -13.96 11.06 -6.00
CA TRP B 62 -13.28 12.35 -5.77
C TRP B 62 -13.87 13.44 -6.66
N ILE B 63 -14.08 13.13 -7.93
CA ILE B 63 -14.63 14.11 -8.86
C ILE B 63 -16.01 14.55 -8.42
N ASN B 64 -16.87 13.59 -8.07
CA ASN B 64 -18.25 13.94 -7.71
C ASN B 64 -18.29 14.73 -6.41
N ASP B 65 -17.45 14.36 -5.43
CA ASP B 65 -17.44 15.10 -4.17
C ASP B 65 -16.94 16.52 -4.35
N ALA B 66 -16.09 16.77 -5.34
CA ALA B 66 -15.65 18.13 -5.62
C ALA B 66 -16.66 18.88 -6.48
N LEU B 67 -17.20 18.23 -7.52
CA LEU B 67 -18.16 18.90 -8.39
C LEU B 67 -19.44 19.23 -7.64
N MET B 68 -20.01 18.25 -6.94
CA MET B 68 -21.26 18.48 -6.24
C MET B 68 -21.11 19.39 -5.02
N ALA B 69 -19.89 19.63 -4.54
CA ALA B 69 -19.71 20.66 -3.53
C ALA B 69 -19.85 22.05 -4.13
N VAL B 70 -19.33 22.25 -5.35
CA VAL B 70 -19.44 23.56 -6.00
C VAL B 70 -20.87 23.79 -6.47
N PHE B 71 -21.52 22.76 -7.01
CA PHE B 71 -22.90 22.90 -7.46
C PHE B 71 -23.83 23.26 -6.31
N PHE B 72 -23.64 22.65 -5.14
CA PHE B 72 -24.51 22.91 -4.01
C PHE B 72 -24.12 24.17 -3.24
N LEU B 73 -22.93 24.74 -3.48
CA LEU B 73 -22.67 26.09 -2.99
C LEU B 73 -23.54 27.10 -3.71
N LEU B 74 -23.70 26.93 -5.02
CA LEU B 74 -24.59 27.80 -5.78
C LEU B 74 -26.03 27.64 -5.33
N ILE B 75 -26.43 26.43 -4.95
CA ILE B 75 -27.80 26.19 -4.50
C ILE B 75 -28.06 26.91 -3.18
N GLY B 76 -27.14 26.78 -2.22
CA GLY B 76 -27.29 27.48 -0.95
C GLY B 76 -27.43 28.98 -1.11
N LEU B 77 -26.73 29.55 -2.09
CA LEU B 77 -26.92 30.98 -2.40
C LEU B 77 -28.31 31.24 -2.94
N GLU B 78 -28.75 30.42 -3.91
CA GLU B 78 -30.07 30.61 -4.49
C GLU B 78 -31.17 30.42 -3.44
N VAL B 79 -31.02 29.38 -2.59
CA VAL B 79 -32.03 29.12 -1.57
C VAL B 79 -32.15 30.29 -0.63
N LYS B 80 -31.02 30.73 -0.06
CA LYS B 80 -31.07 31.81 0.93
C LYS B 80 -31.67 33.08 0.35
N ARG B 81 -31.40 33.37 -0.93
CA ARG B 81 -32.03 34.50 -1.58
C ARG B 81 -33.52 34.26 -1.76
N GLU B 82 -33.89 33.10 -2.32
CA GLU B 82 -35.29 32.78 -2.57
C GLU B 82 -36.05 32.43 -1.30
N LEU B 83 -35.38 32.31 -0.15
CA LEU B 83 -36.03 32.04 1.12
C LEU B 83 -36.09 33.24 2.04
N MET B 84 -35.22 34.23 1.85
CA MET B 84 -35.20 35.41 2.70
C MET B 84 -35.65 36.68 1.98
N GLN B 85 -35.67 36.68 0.65
CA GLN B 85 -36.14 37.83 -0.12
C GLN B 85 -36.52 37.41 -1.54
N GLY B 86 -37.04 36.20 -1.71
CA GLY B 86 -37.34 35.69 -3.03
C GLY B 86 -38.73 35.15 -3.21
N SER B 87 -38.92 34.29 -4.21
CA SER B 87 -40.25 33.79 -4.53
C SER B 87 -40.72 32.76 -3.50
N LEU B 88 -39.91 31.74 -3.24
CA LEU B 88 -40.22 30.80 -2.17
C LEU B 88 -40.42 31.54 -0.86
N ALA B 89 -39.39 32.26 -0.41
CA ALA B 89 -39.46 33.20 0.71
C ALA B 89 -39.75 32.51 2.05
N SER B 90 -39.51 33.25 3.14
CA SER B 90 -39.98 32.84 4.44
C SER B 90 -41.35 33.47 4.67
N LEU B 91 -41.71 33.70 5.93
CA LEU B 91 -42.99 34.27 6.33
C LEU B 91 -44.18 33.44 5.86
N ARG B 92 -43.93 32.22 5.37
CA ARG B 92 -44.98 31.24 5.06
C ARG B 92 -45.93 31.74 3.97
N GLN B 93 -45.45 32.61 3.08
CA GLN B 93 -46.33 33.18 2.06
C GLN B 93 -46.53 32.22 0.89
N ALA B 94 -45.46 31.99 0.11
CA ALA B 94 -45.51 31.07 -1.01
C ALA B 94 -45.26 29.65 -0.50
N ALA B 95 -46.24 29.14 0.22
CA ALA B 95 -46.25 27.74 0.64
C ALA B 95 -46.81 26.82 -0.44
N PHE B 96 -47.16 27.37 -1.60
CA PHE B 96 -47.60 26.55 -2.72
C PHE B 96 -46.52 25.58 -3.21
N PRO B 97 -45.24 25.97 -3.34
CA PRO B 97 -44.23 24.97 -3.70
C PRO B 97 -43.92 23.99 -2.57
N VAL B 98 -44.01 24.42 -1.31
CA VAL B 98 -43.68 23.52 -0.20
C VAL B 98 -44.66 22.37 -0.13
N ILE B 99 -45.95 22.64 -0.33
CA ILE B 99 -46.93 21.56 -0.35
C ILE B 99 -46.78 20.73 -1.63
N ALA B 100 -46.39 21.37 -2.74
CA ALA B 100 -46.16 20.63 -3.97
C ALA B 100 -44.94 19.73 -3.87
N ALA B 101 -43.94 20.13 -3.09
CA ALA B 101 -42.70 19.35 -3.02
C ALA B 101 -42.91 18.05 -2.27
N ILE B 102 -43.71 18.07 -1.20
CA ILE B 102 -44.01 16.83 -0.48
C ILE B 102 -44.67 15.83 -1.41
N GLY B 103 -45.47 16.32 -2.38
CA GLY B 103 -46.02 15.43 -3.38
C GLY B 103 -45.01 14.97 -4.41
N GLY B 104 -44.05 15.84 -4.76
CA GLY B 104 -42.96 15.45 -5.62
C GLY B 104 -41.98 14.46 -5.02
N MET B 105 -42.14 14.13 -3.74
CA MET B 105 -41.31 13.14 -3.08
C MET B 105 -42.07 11.93 -2.58
N ILE B 106 -43.31 12.11 -2.12
CA ILE B 106 -44.07 10.99 -1.56
C ILE B 106 -44.57 10.07 -2.67
N VAL B 107 -45.15 10.65 -3.72
CA VAL B 107 -45.72 9.84 -4.80
C VAL B 107 -44.62 9.15 -5.60
N PRO B 108 -43.54 9.83 -6.02
CA PRO B 108 -42.47 9.09 -6.72
C PRO B 108 -41.86 7.98 -5.87
N ALA B 109 -41.72 8.21 -4.57
CA ALA B 109 -41.15 7.18 -3.70
C ALA B 109 -42.11 6.01 -3.56
N LEU B 110 -43.39 6.28 -3.26
CA LEU B 110 -44.36 5.20 -3.12
C LEU B 110 -44.54 4.44 -4.42
N LEU B 111 -44.44 5.12 -5.56
CA LEU B 111 -44.54 4.43 -6.85
C LEU B 111 -43.32 3.55 -7.08
N TYR B 112 -42.13 4.03 -6.75
CA TYR B 112 -40.92 3.23 -6.87
C TYR B 112 -40.99 2.01 -5.95
N LEU B 113 -41.35 2.23 -4.68
CA LEU B 113 -41.41 1.14 -3.72
C LEU B 113 -42.48 0.11 -4.07
N ALA B 114 -43.46 0.47 -4.90
CA ALA B 114 -44.45 -0.50 -5.33
C ALA B 114 -43.83 -1.61 -6.16
N PHE B 115 -42.75 -1.31 -6.87
CA PHE B 115 -42.04 -2.32 -7.66
C PHE B 115 -41.00 -3.07 -6.83
N ASN B 116 -40.22 -2.35 -6.03
CA ASN B 116 -39.03 -2.89 -5.41
C ASN B 116 -39.24 -3.33 -3.96
N TYR B 117 -40.50 -3.45 -3.51
CA TYR B 117 -40.74 -3.77 -2.10
C TYR B 117 -40.21 -5.15 -1.74
N SER B 118 -40.33 -6.12 -2.65
CA SER B 118 -39.88 -7.49 -2.38
C SER B 118 -38.37 -7.63 -2.39
N ASP B 119 -37.63 -6.62 -2.85
CA ASP B 119 -36.17 -6.68 -2.91
C ASP B 119 -35.59 -5.74 -1.86
N PRO B 120 -35.06 -6.25 -0.76
CA PRO B 120 -34.49 -5.37 0.27
C PRO B 120 -33.31 -4.56 -0.20
N VAL B 121 -32.60 -5.00 -1.24
CA VAL B 121 -31.43 -4.25 -1.70
C VAL B 121 -31.87 -2.99 -2.44
N THR B 122 -32.79 -3.12 -3.39
CA THR B 122 -33.20 -1.98 -4.21
C THR B 122 -34.16 -1.04 -3.48
N ARG B 123 -34.81 -1.50 -2.40
CA ARG B 123 -35.66 -0.62 -1.60
C ARG B 123 -34.94 0.63 -1.13
N GLU B 124 -33.61 0.61 -1.12
CA GLU B 124 -32.85 1.75 -0.59
C GLU B 124 -32.86 2.92 -1.56
N GLY B 125 -33.02 2.67 -2.85
CA GLY B 125 -33.01 3.73 -3.84
C GLY B 125 -34.36 4.38 -4.07
N TRP B 126 -35.15 4.56 -3.00
CA TRP B 126 -36.48 5.11 -3.15
C TRP B 126 -36.51 6.61 -3.39
N ALA B 127 -35.39 7.31 -3.19
CA ALA B 127 -35.32 8.74 -3.42
C ALA B 127 -34.77 9.08 -4.79
N ILE B 128 -34.41 8.08 -5.60
CA ILE B 128 -33.87 8.36 -6.94
C ILE B 128 -34.85 9.14 -7.80
N PRO B 129 -36.11 8.71 -8.00
CA PRO B 129 -37.01 9.52 -8.81
C PRO B 129 -37.50 10.79 -8.13
N ALA B 130 -37.11 11.01 -6.88
CA ALA B 130 -37.50 12.24 -6.20
C ALA B 130 -36.63 13.43 -6.59
N ALA B 131 -35.55 13.20 -7.33
CA ALA B 131 -34.67 14.28 -7.76
C ALA B 131 -35.18 14.92 -9.05
N THR B 132 -34.68 16.13 -9.31
CA THR B 132 -35.03 16.89 -10.50
C THR B 132 -33.81 17.68 -10.96
N ASP B 133 -33.42 17.50 -12.22
CA ASP B 133 -32.30 18.25 -12.78
C ASP B 133 -32.78 19.67 -13.07
N ILE B 134 -32.37 20.62 -12.22
CA ILE B 134 -32.85 22.00 -12.35
C ILE B 134 -32.39 22.60 -13.67
N ALA B 135 -31.10 22.47 -13.97
CA ALA B 135 -30.53 23.16 -15.12
C ALA B 135 -31.14 22.68 -16.42
N PHE B 136 -31.31 21.37 -16.58
CA PHE B 136 -31.82 20.86 -17.85
C PHE B 136 -33.32 21.10 -17.97
N ALA B 137 -34.05 21.01 -16.87
CA ALA B 137 -35.50 21.25 -16.92
C ALA B 137 -35.80 22.69 -17.32
N LEU B 138 -35.09 23.65 -16.71
CA LEU B 138 -35.19 25.03 -17.15
C LEU B 138 -34.58 25.21 -18.54
N GLY B 139 -33.55 24.44 -18.86
CA GLY B 139 -32.99 24.49 -20.20
C GLY B 139 -34.00 24.13 -21.27
N VAL B 140 -34.86 23.15 -20.98
CA VAL B 140 -35.93 22.81 -21.91
C VAL B 140 -37.08 23.82 -21.83
N LEU B 141 -37.20 24.56 -20.72
CA LEU B 141 -38.17 25.65 -20.64
C LEU B 141 -37.67 26.90 -21.36
N ALA B 142 -36.40 27.26 -21.14
CA ALA B 142 -35.80 28.36 -21.87
C ALA B 142 -35.83 28.12 -23.37
N LEU B 143 -35.87 26.85 -23.80
CA LEU B 143 -36.08 26.52 -25.20
C LEU B 143 -37.39 27.10 -25.72
N LEU B 144 -38.39 27.23 -24.85
CA LEU B 144 -39.68 27.81 -25.19
C LEU B 144 -39.94 29.12 -24.45
N GLY B 145 -38.97 29.59 -23.67
CA GLY B 145 -39.19 30.70 -22.76
C GLY B 145 -39.24 32.08 -23.37
N SER B 146 -39.97 32.24 -24.48
CA SER B 146 -40.20 33.58 -25.01
C SER B 146 -41.14 34.36 -24.11
N ARG B 147 -42.31 33.81 -23.82
CA ARG B 147 -43.27 34.40 -22.91
C ARG B 147 -43.88 33.31 -22.02
N VAL B 148 -43.03 32.64 -21.25
CA VAL B 148 -43.50 31.76 -20.18
C VAL B 148 -43.54 32.59 -18.90
N PRO B 149 -44.54 32.41 -18.05
CA PRO B 149 -44.60 33.21 -16.81
C PRO B 149 -43.32 33.09 -15.99
N LEU B 150 -42.79 34.25 -15.59
CA LEU B 150 -41.56 34.28 -14.79
C LEU B 150 -41.72 33.47 -13.52
N ALA B 151 -42.85 33.63 -12.83
CA ALA B 151 -43.08 32.88 -11.60
C ALA B 151 -43.07 31.38 -11.84
N LEU B 152 -43.52 30.94 -13.02
CA LEU B 152 -43.53 29.52 -13.34
C LEU B 152 -42.13 28.92 -13.25
N LYS B 153 -41.17 29.53 -13.94
CA LYS B 153 -39.81 29.02 -13.92
C LYS B 153 -39.21 29.12 -12.52
N ILE B 154 -39.42 30.24 -11.83
CA ILE B 154 -38.93 30.38 -10.47
C ILE B 154 -39.80 29.61 -9.47
N PHE B 155 -40.97 29.13 -9.89
CA PHE B 155 -41.68 28.12 -9.10
C PHE B 155 -41.07 26.74 -9.33
N LEU B 156 -40.77 26.41 -10.59
CA LEU B 156 -40.06 25.17 -10.88
C LEU B 156 -38.72 25.12 -10.14
N MET B 157 -37.93 26.19 -10.27
CA MET B 157 -36.63 26.23 -9.64
C MET B 157 -36.74 26.16 -8.12
N ALA B 158 -37.76 26.81 -7.55
CA ALA B 158 -37.99 26.71 -6.11
C ALA B 158 -38.49 25.32 -5.74
N LEU B 159 -39.34 24.73 -6.58
CA LEU B 159 -39.88 23.41 -6.29
C LEU B 159 -38.80 22.34 -6.37
N ALA B 160 -37.95 22.41 -7.40
CA ALA B 160 -36.95 21.36 -7.62
C ALA B 160 -35.95 21.28 -6.49
N ILE B 161 -35.66 22.41 -5.83
CA ILE B 161 -34.63 22.41 -4.79
C ILE B 161 -35.11 21.67 -3.55
N ILE B 162 -36.36 21.88 -3.14
CA ILE B 162 -36.88 21.23 -1.95
C ILE B 162 -36.76 19.71 -2.08
N ASP B 163 -37.08 19.18 -3.26
CA ASP B 163 -36.94 17.74 -3.49
C ASP B 163 -35.48 17.29 -3.42
N ASP B 164 -34.59 18.05 -4.08
CA ASP B 164 -33.18 17.65 -4.10
C ASP B 164 -32.53 17.84 -2.73
N LEU B 165 -32.79 18.97 -2.09
CA LEU B 165 -32.27 19.22 -0.74
C LEU B 165 -32.80 18.18 0.24
N GLY B 166 -34.11 17.97 0.23
CA GLY B 166 -34.70 16.99 1.13
C GLY B 166 -34.15 15.59 0.92
N ALA B 167 -33.94 15.21 -0.35
CA ALA B 167 -33.37 13.89 -0.63
C ALA B 167 -31.95 13.79 -0.09
N ILE B 168 -31.13 14.81 -0.30
CA ILE B 168 -29.77 14.82 0.22
C ILE B 168 -29.78 14.80 1.75
N VAL B 169 -30.74 15.51 2.36
CA VAL B 169 -30.82 15.56 3.82
C VAL B 169 -31.13 14.18 4.39
N ILE B 170 -32.11 13.49 3.82
CA ILE B 170 -32.53 12.20 4.34
C ILE B 170 -31.41 11.17 4.18
N ILE B 171 -30.74 11.18 3.03
CA ILE B 171 -29.59 10.29 2.84
C ILE B 171 -28.51 10.61 3.86
N ALA B 172 -28.36 11.89 4.21
CA ALA B 172 -27.35 12.30 5.18
C ALA B 172 -27.76 12.02 6.62
N LEU B 173 -29.06 11.91 6.90
CA LEU B 173 -29.53 11.70 8.26
C LEU B 173 -29.77 10.23 8.60
N PHE B 174 -29.96 9.37 7.61
CA PHE B 174 -30.27 7.97 7.91
C PHE B 174 -29.43 7.02 7.07
N TYR B 175 -29.43 7.19 5.75
CA TYR B 175 -28.85 6.23 4.82
C TYR B 175 -27.36 6.45 4.58
N THR B 176 -26.68 7.22 5.42
CA THR B 176 -25.25 7.44 5.28
C THR B 176 -24.48 6.70 6.36
N SER B 177 -23.19 6.51 6.10
CA SER B 177 -22.30 5.88 7.07
C SER B 177 -21.81 6.92 8.07
N ASP B 178 -21.01 6.45 9.03
CA ASP B 178 -20.64 7.28 10.17
C ASP B 178 -19.39 8.11 9.88
N LEU B 179 -19.28 9.23 10.59
CA LEU B 179 -18.09 10.05 10.65
C LEU B 179 -17.49 9.97 12.04
N SER B 180 -16.17 9.98 12.12
CA SER B 180 -15.50 9.94 13.40
C SER B 180 -15.78 11.22 14.19
N ILE B 181 -15.61 11.13 15.51
CA ILE B 181 -15.87 12.28 16.37
C ILE B 181 -14.90 13.41 16.05
N VAL B 182 -13.68 13.08 15.61
CA VAL B 182 -12.75 14.12 15.19
C VAL B 182 -13.30 14.86 13.98
N SER B 183 -13.90 14.14 13.04
CA SER B 183 -14.53 14.78 11.88
C SER B 183 -15.71 15.64 12.32
N LEU B 184 -16.60 15.08 13.15
CA LEU B 184 -17.77 15.83 13.61
C LEU B 184 -17.34 17.05 14.42
N GLY B 185 -16.28 16.92 15.22
CA GLY B 185 -15.84 18.06 16.01
C GLY B 185 -15.37 19.22 15.15
N VAL B 186 -14.47 18.94 14.21
CA VAL B 186 -13.99 19.99 13.31
C VAL B 186 -15.13 20.54 12.47
N ALA B 187 -16.05 19.68 12.04
CA ALA B 187 -17.22 20.15 11.30
C ALA B 187 -18.03 21.14 12.13
N ALA B 188 -18.18 20.88 13.43
CA ALA B 188 -18.93 21.81 14.27
C ALA B 188 -18.13 23.08 14.54
N PHE B 189 -16.81 22.95 14.73
CA PHE B 189 -15.99 24.13 14.91
C PHE B 189 -15.93 24.97 13.64
N ALA B 190 -16.00 24.33 12.47
CA ALA B 190 -15.99 25.07 11.22
C ALA B 190 -17.25 25.90 11.06
N ILE B 191 -18.36 25.51 11.69
CA ILE B 191 -19.57 26.32 11.64
C ILE B 191 -19.52 27.43 12.67
N ALA B 192 -18.90 27.17 13.83
CA ALA B 192 -18.77 28.22 14.84
C ALA B 192 -18.00 29.42 14.30
N VAL B 193 -16.90 29.17 13.59
CA VAL B 193 -16.15 30.28 12.99
C VAL B 193 -16.95 30.91 11.85
N LEU B 194 -17.75 30.11 11.14
CA LEU B 194 -18.65 30.69 10.15
C LEU B 194 -19.71 31.55 10.81
N ALA B 195 -20.24 31.12 11.97
CA ALA B 195 -21.23 31.90 12.67
C ALA B 195 -20.64 33.17 13.26
N LEU B 196 -19.38 33.09 13.74
CA LEU B 196 -18.70 34.29 14.21
C LEU B 196 -18.47 35.27 13.06
N LEU B 197 -18.11 34.75 11.88
CA LEU B 197 -17.93 35.62 10.72
C LEU B 197 -19.25 36.29 10.34
N ASN B 198 -20.35 35.54 10.36
CA ASN B 198 -21.64 36.08 9.95
C ASN B 198 -22.10 37.19 10.89
N LEU B 199 -21.94 36.99 12.20
CA LEU B 199 -22.36 38.02 13.16
C LEU B 199 -21.49 39.26 13.05
N CYS B 200 -20.17 39.07 12.91
CA CYS B 200 -19.24 40.20 12.86
C CYS B 200 -19.31 40.97 11.54
N GLY B 201 -20.17 40.59 10.61
CA GLY B 201 -20.33 41.36 9.39
C GLY B 201 -19.18 41.27 8.41
N VAL B 202 -18.38 40.20 8.46
CA VAL B 202 -17.31 40.00 7.50
C VAL B 202 -17.93 39.78 6.12
N ARG B 203 -17.45 40.52 5.12
CA ARG B 203 -18.03 40.48 3.79
C ARG B 203 -17.05 39.98 2.73
N ARG B 204 -15.87 39.51 3.12
CA ARG B 204 -14.94 38.91 2.18
C ARG B 204 -15.43 37.52 1.81
N THR B 205 -15.70 37.31 0.52
CA THR B 205 -16.19 36.00 0.08
C THR B 205 -15.14 34.93 0.30
N GLY B 206 -13.86 35.27 0.10
CA GLY B 206 -12.81 34.27 0.19
C GLY B 206 -12.63 33.71 1.58
N VAL B 207 -12.81 34.54 2.61
CA VAL B 207 -12.63 34.07 3.98
C VAL B 207 -13.68 33.03 4.32
N TYR B 208 -14.90 33.21 3.81
CA TYR B 208 -15.92 32.17 4.00
C TYR B 208 -15.57 30.91 3.23
N ILE B 209 -14.91 31.05 2.08
CA ILE B 209 -14.56 29.86 1.30
C ILE B 209 -13.35 29.16 1.91
N LEU B 210 -12.41 29.93 2.47
CA LEU B 210 -11.30 29.34 3.20
C LEU B 210 -11.80 28.43 4.32
N VAL B 211 -12.63 28.98 5.21
CA VAL B 211 -13.22 28.18 6.28
C VAL B 211 -14.05 27.03 5.70
N GLY B 212 -14.81 27.31 4.64
CA GLY B 212 -15.56 26.25 3.99
C GLY B 212 -14.67 25.11 3.52
N ALA B 213 -13.47 25.44 3.04
CA ALA B 213 -12.54 24.39 2.62
C ALA B 213 -12.20 23.46 3.78
N VAL B 214 -12.07 24.02 4.98
CA VAL B 214 -11.84 23.18 6.16
C VAL B 214 -13.04 22.29 6.44
N LEU B 215 -14.25 22.87 6.37
CA LEU B 215 -15.45 22.07 6.56
C LEU B 215 -15.52 20.93 5.55
N TRP B 216 -15.19 21.22 4.28
CA TRP B 216 -15.25 20.20 3.24
C TRP B 216 -14.28 19.06 3.51
N THR B 217 -13.01 19.40 3.78
CA THR B 217 -12.02 18.35 4.00
C THR B 217 -12.27 17.56 5.27
N ALA B 218 -12.88 18.18 6.29
CA ALA B 218 -13.16 17.45 7.53
C ALA B 218 -14.15 16.31 7.30
N VAL B 219 -15.10 16.47 6.38
CA VAL B 219 -16.10 15.46 6.11
C VAL B 219 -15.82 14.74 4.79
N LEU B 220 -14.57 14.76 4.34
CA LEU B 220 -14.23 14.25 3.02
C LEU B 220 -14.51 12.75 2.87
N LYS B 221 -14.65 12.02 3.97
CA LYS B 221 -14.95 10.59 3.90
C LYS B 221 -16.41 10.29 3.54
N SER B 222 -17.25 11.31 3.35
CA SER B 222 -18.66 11.08 3.08
C SER B 222 -19.13 12.03 1.99
N GLY B 223 -19.73 11.49 0.94
CA GLY B 223 -20.15 12.32 -0.17
C GLY B 223 -21.28 13.26 0.19
N VAL B 224 -22.28 12.75 0.91
CA VAL B 224 -23.43 13.59 1.29
C VAL B 224 -22.97 14.75 2.16
N HIS B 225 -22.14 14.46 3.16
CA HIS B 225 -21.68 15.52 4.05
C HIS B 225 -20.80 16.53 3.31
N ALA B 226 -19.94 16.05 2.41
CA ALA B 226 -19.22 16.97 1.54
C ALA B 226 -20.17 17.80 0.70
N THR B 227 -21.29 17.20 0.27
CA THR B 227 -22.31 17.96 -0.44
C THR B 227 -23.04 18.92 0.50
N LEU B 228 -23.36 18.47 1.72
CA LEU B 228 -24.02 19.36 2.68
C LEU B 228 -23.15 20.55 3.02
N ALA B 229 -21.82 20.37 3.02
CA ALA B 229 -20.92 21.48 3.33
C ALA B 229 -20.99 22.59 2.28
N GLY B 230 -21.45 22.28 1.06
CA GLY B 230 -21.58 23.33 0.06
C GLY B 230 -22.73 24.27 0.35
N VAL B 231 -23.88 23.70 0.73
CA VAL B 231 -25.06 24.54 0.99
C VAL B 231 -24.87 25.35 2.26
N ILE B 232 -24.11 24.81 3.23
CA ILE B 232 -23.94 25.52 4.49
C ILE B 232 -23.08 26.76 4.29
N VAL B 233 -22.03 26.66 3.49
CA VAL B 233 -21.21 27.83 3.18
C VAL B 233 -22.03 28.88 2.44
N GLY B 234 -22.87 28.44 1.50
CA GLY B 234 -23.76 29.36 0.83
C GLY B 234 -24.82 29.97 1.73
N PHE B 235 -25.11 29.31 2.87
CA PHE B 235 -26.05 29.86 3.84
C PHE B 235 -25.44 30.98 4.66
N PHE B 236 -24.17 30.84 5.04
CA PHE B 236 -23.55 31.77 5.97
C PHE B 236 -22.94 32.99 5.30
N ILE B 237 -22.89 33.05 3.98
CA ILE B 237 -22.30 34.20 3.30
C ILE B 237 -23.29 35.36 3.35
N PRO B 238 -22.87 36.55 3.79
CA PRO B 238 -23.81 37.67 3.93
C PRO B 238 -24.46 38.05 2.60
N LEU B 239 -25.78 38.22 2.64
CA LEU B 239 -26.57 38.66 1.50
C LEU B 239 -26.83 40.17 1.53
N LYS B 240 -26.31 40.88 2.53
CA LYS B 240 -26.64 42.28 2.74
C LYS B 240 -26.25 43.13 1.54
N GLU B 241 -27.02 44.21 1.34
CA GLU B 241 -26.87 45.09 0.18
C GLU B 241 -26.16 46.39 0.53
N LYS B 242 -25.20 46.35 1.45
CA LYS B 242 -24.48 47.57 1.84
C LYS B 242 -23.67 48.12 0.67
N HIS B 243 -23.86 49.40 0.38
CA HIS B 243 -23.16 50.10 -0.69
C HIS B 243 -23.49 49.49 -2.06
N GLY B 244 -24.69 48.93 -2.21
CA GLY B 244 -25.14 48.39 -3.46
C GLY B 244 -24.34 47.20 -3.97
N ARG B 245 -23.55 46.59 -3.10
CA ARG B 245 -22.72 45.44 -3.45
C ARG B 245 -22.99 44.33 -2.45
N SER B 246 -23.48 43.18 -2.93
CA SER B 246 -23.80 42.07 -2.06
C SER B 246 -22.82 40.91 -2.31
N PRO B 247 -22.17 40.40 -1.26
CA PRO B 247 -21.23 39.29 -1.47
C PRO B 247 -21.89 38.05 -2.05
N ALA B 248 -23.11 37.71 -1.59
CA ALA B 248 -23.79 36.54 -2.12
C ALA B 248 -24.18 36.74 -3.57
N LYS B 249 -24.75 37.89 -3.92
CA LYS B 249 -25.11 38.13 -5.32
C LYS B 249 -23.87 38.20 -6.21
N ARG B 250 -22.81 38.84 -5.73
CA ARG B 250 -21.58 38.89 -6.53
C ARG B 250 -21.02 37.48 -6.75
N LEU B 251 -20.98 36.67 -5.69
CA LEU B 251 -20.46 35.30 -5.83
C LEU B 251 -21.34 34.47 -6.76
N GLU B 252 -22.66 34.57 -6.62
CA GLU B 252 -23.56 33.79 -7.47
C GLU B 252 -23.42 34.18 -8.94
N HIS B 253 -23.20 35.47 -9.22
CA HIS B 253 -23.02 35.89 -10.61
C HIS B 253 -21.71 35.38 -11.19
N VAL B 254 -20.70 35.17 -10.34
CA VAL B 254 -19.48 34.53 -10.80
C VAL B 254 -19.65 33.02 -10.85
N LEU B 255 -20.33 32.46 -9.83
CA LEU B 255 -20.44 31.02 -9.71
C LEU B 255 -21.38 30.42 -10.76
N HIS B 256 -22.43 31.15 -11.13
CA HIS B 256 -23.45 30.57 -12.01
C HIS B 256 -22.90 30.13 -13.36
N PRO B 257 -22.14 30.95 -14.10
CA PRO B 257 -21.66 30.48 -15.41
C PRO B 257 -20.74 29.28 -15.34
N TRP B 258 -19.94 29.15 -14.28
CA TRP B 258 -19.05 27.99 -14.17
C TRP B 258 -19.81 26.69 -13.96
N VAL B 259 -20.95 26.76 -13.26
CA VAL B 259 -21.75 25.55 -13.05
C VAL B 259 -22.40 25.10 -14.36
N ALA B 260 -22.97 26.05 -15.11
CA ALA B 260 -23.70 25.66 -16.31
C ALA B 260 -22.77 25.18 -17.42
N TYR B 261 -21.53 25.67 -17.45
CA TYR B 261 -20.62 25.39 -18.54
C TYR B 261 -19.51 24.42 -18.22
N LEU B 262 -19.20 24.20 -16.94
CA LEU B 262 -18.08 23.33 -16.60
C LEU B 262 -18.45 22.25 -15.58
N ILE B 263 -19.08 22.63 -14.47
CA ILE B 263 -19.33 21.66 -13.41
C ILE B 263 -20.35 20.62 -13.85
N LEU B 264 -21.51 21.08 -14.37
CA LEU B 264 -22.56 20.12 -14.72
C LEU B 264 -22.19 19.27 -15.92
N PRO B 265 -21.66 19.81 -17.03
CA PRO B 265 -21.24 18.92 -18.13
C PRO B 265 -20.13 17.97 -17.73
N LEU B 266 -19.27 18.33 -16.77
CA LEU B 266 -18.27 17.39 -16.31
C LEU B 266 -18.90 16.27 -15.49
N PHE B 267 -19.78 16.63 -14.55
CA PHE B 267 -20.48 15.60 -13.77
C PHE B 267 -21.28 14.68 -14.68
N ALA B 268 -21.89 15.24 -15.73
CA ALA B 268 -22.59 14.41 -16.70
C ALA B 268 -21.62 13.55 -17.48
N PHE B 269 -20.52 14.13 -17.97
CA PHE B 269 -19.57 13.35 -18.75
C PHE B 269 -18.93 12.24 -17.91
N ALA B 270 -18.86 12.42 -16.60
CA ALA B 270 -18.25 11.43 -15.73
C ALA B 270 -19.24 10.39 -15.21
N ASN B 271 -20.52 10.74 -15.12
CA ASN B 271 -21.49 9.87 -14.48
C ASN B 271 -22.60 9.36 -15.39
N ALA B 272 -22.73 9.90 -16.61
CA ALA B 272 -23.81 9.51 -17.50
C ALA B 272 -23.37 8.53 -18.59
N GLY B 273 -22.24 7.85 -18.40
CA GLY B 273 -21.77 6.92 -19.40
C GLY B 273 -21.99 5.48 -19.00
N VAL B 274 -22.87 4.78 -19.73
CA VAL B 274 -23.26 3.41 -19.41
C VAL B 274 -23.09 2.55 -20.66
N SER B 275 -22.38 1.44 -20.52
CA SER B 275 -22.23 0.49 -21.62
C SER B 275 -23.57 -0.18 -21.91
N LEU B 276 -23.99 -0.12 -23.18
CA LEU B 276 -25.29 -0.61 -23.59
C LEU B 276 -25.23 -2.00 -24.21
N GLN B 277 -24.08 -2.65 -24.18
CA GLN B 277 -24.00 -3.99 -24.76
C GLN B 277 -24.86 -4.95 -23.95
N GLY B 278 -25.58 -5.81 -24.65
CA GLY B 278 -26.45 -6.77 -24.00
C GLY B 278 -27.73 -6.20 -23.46
N VAL B 279 -27.93 -4.88 -23.51
CA VAL B 279 -29.15 -4.27 -22.97
C VAL B 279 -30.33 -4.71 -23.83
N THR B 280 -31.23 -5.47 -23.22
CA THR B 280 -32.44 -5.95 -23.87
C THR B 280 -33.65 -5.21 -23.32
N ILE B 281 -34.82 -5.52 -23.88
CA ILE B 281 -36.05 -4.91 -23.40
C ILE B 281 -36.56 -5.60 -22.15
N ASP B 282 -36.11 -6.83 -21.87
CA ASP B 282 -36.48 -7.48 -20.61
C ASP B 282 -35.75 -6.85 -19.44
N GLY B 283 -34.52 -6.40 -19.65
CA GLY B 283 -33.76 -5.81 -18.56
C GLY B 283 -34.31 -4.47 -18.10
N LEU B 284 -34.83 -3.68 -19.03
CA LEU B 284 -35.36 -2.36 -18.69
C LEU B 284 -36.70 -2.43 -17.98
N THR B 285 -37.43 -3.54 -18.12
CA THR B 285 -38.70 -3.74 -17.44
C THR B 285 -38.52 -4.37 -16.05
N SER B 286 -37.29 -4.47 -15.55
CA SER B 286 -37.05 -4.97 -14.21
C SER B 286 -37.55 -3.99 -13.16
N MET B 287 -37.73 -4.49 -11.94
CA MET B 287 -38.32 -3.68 -10.88
C MET B 287 -37.52 -2.41 -10.59
N LEU B 288 -36.20 -2.46 -10.76
CA LEU B 288 -35.35 -1.31 -10.44
C LEU B 288 -35.44 -0.21 -11.49
N PRO B 289 -35.12 -0.45 -12.77
CA PRO B 289 -35.23 0.67 -13.72
C PRO B 289 -36.66 1.11 -13.94
N LEU B 290 -37.60 0.17 -14.04
CA LEU B 290 -38.99 0.56 -14.29
C LEU B 290 -39.54 1.40 -13.14
N GLY B 291 -39.14 1.09 -11.90
CA GLY B 291 -39.54 1.92 -10.78
C GLY B 291 -39.05 3.35 -10.93
N ILE B 292 -37.82 3.53 -11.42
CA ILE B 292 -37.32 4.86 -11.70
C ILE B 292 -38.05 5.48 -12.90
N ILE B 293 -38.32 4.68 -13.93
CA ILE B 293 -39.09 5.18 -15.07
CA ILE B 293 -39.09 5.16 -15.07
C ILE B 293 -40.45 5.66 -14.60
N ALA B 294 -41.18 4.80 -13.89
CA ALA B 294 -42.53 5.15 -13.45
C ALA B 294 -42.51 6.30 -12.45
N GLY B 295 -41.62 6.22 -11.45
CA GLY B 295 -41.55 7.28 -10.45
C GLY B 295 -41.24 8.65 -11.04
N LEU B 296 -40.53 8.67 -12.16
CA LEU B 296 -40.22 9.92 -12.86
C LEU B 296 -41.29 10.29 -13.88
N LEU B 297 -41.55 9.37 -14.82
CA LEU B 297 -42.46 9.68 -15.92
C LEU B 297 -43.91 9.82 -15.45
N ILE B 298 -44.28 9.13 -14.36
CA ILE B 298 -45.63 9.19 -13.83
C ILE B 298 -45.67 9.73 -12.41
N GLY B 299 -44.75 9.29 -11.56
CA GLY B 299 -44.77 9.75 -10.17
C GLY B 299 -44.63 11.25 -10.05
N LYS B 300 -43.80 11.87 -10.90
CA LYS B 300 -43.66 13.33 -10.84
C LYS B 300 -44.93 14.03 -11.32
N PRO B 301 -45.44 13.79 -12.53
CA PRO B 301 -46.65 14.51 -12.94
C PRO B 301 -47.87 14.19 -12.10
N LEU B 302 -48.09 12.90 -11.80
CA LEU B 302 -49.24 12.53 -10.98
C LEU B 302 -49.12 13.09 -9.56
N GLY B 303 -47.90 13.07 -9.01
CA GLY B 303 -47.72 13.54 -7.64
C GLY B 303 -47.82 15.05 -7.51
N ILE B 304 -47.16 15.78 -8.41
CA ILE B 304 -47.16 17.23 -8.33
C ILE B 304 -48.57 17.79 -8.54
N SER B 305 -49.24 17.36 -9.61
CA SER B 305 -50.55 17.89 -9.93
C SER B 305 -51.58 17.51 -8.87
N LEU B 306 -51.52 16.29 -8.36
CA LEU B 306 -52.53 15.85 -7.40
C LEU B 306 -52.41 16.61 -6.08
N PHE B 307 -51.21 17.06 -5.72
CA PHE B 307 -51.05 17.80 -4.47
C PHE B 307 -51.46 19.26 -4.62
N CYS B 308 -51.17 19.88 -5.77
CA CYS B 308 -51.67 21.22 -6.03
C CYS B 308 -53.19 21.22 -6.09
N TRP B 309 -53.78 20.18 -6.70
CA TRP B 309 -55.22 20.00 -6.68
C TRP B 309 -55.72 19.84 -5.25
N LEU B 310 -55.07 18.97 -4.47
CA LEU B 310 -55.50 18.74 -3.10
C LEU B 310 -55.31 19.97 -2.23
N ALA B 311 -54.34 20.83 -2.56
CA ALA B 311 -54.07 21.98 -1.71
C ALA B 311 -54.97 23.16 -2.06
N LEU B 312 -55.23 23.39 -3.35
CA LEU B 312 -56.06 24.52 -3.76
C LEU B 312 -57.48 24.37 -3.24
N ARG B 313 -58.05 23.17 -3.37
CA ARG B 313 -59.45 22.97 -2.99
C ARG B 313 -59.66 23.21 -1.50
N PHE B 314 -58.69 22.83 -0.68
CA PHE B 314 -58.82 22.90 0.77
C PHE B 314 -58.20 24.18 1.35
N LYS B 315 -58.13 25.23 0.56
CA LYS B 315 -57.84 26.61 0.95
C LYS B 315 -56.53 26.78 1.73
N LEU B 316 -55.66 25.77 1.72
CA LEU B 316 -54.35 25.88 2.34
C LEU B 316 -53.29 26.44 1.41
N ALA B 317 -53.63 26.67 0.13
CA ALA B 317 -52.65 26.85 -0.91
C ALA B 317 -52.60 28.30 -1.39
N HIS B 318 -52.33 28.50 -2.68
CA HIS B 318 -52.07 29.79 -3.31
C HIS B 318 -52.01 29.52 -4.81
N LEU B 319 -51.76 30.57 -5.58
CA LEU B 319 -51.66 30.37 -7.02
C LEU B 319 -50.85 31.50 -7.67
N PRO B 320 -49.74 31.17 -8.34
CA PRO B 320 -48.94 32.22 -8.98
C PRO B 320 -49.70 32.91 -10.10
N GLN B 321 -49.39 34.19 -10.29
CA GLN B 321 -50.09 35.00 -11.28
C GLN B 321 -49.81 34.48 -12.69
N GLY B 322 -50.86 34.05 -13.38
CA GLY B 322 -50.74 33.48 -14.72
C GLY B 322 -50.49 31.98 -14.70
N THR B 323 -51.37 31.23 -14.04
CA THR B 323 -51.16 29.82 -13.75
C THR B 323 -51.87 28.88 -14.72
N THR B 324 -53.17 29.08 -14.94
CA THR B 324 -54.02 28.22 -15.77
C THR B 324 -54.20 26.82 -15.21
N TYR B 325 -53.27 26.39 -14.35
CA TYR B 325 -53.23 25.11 -13.65
C TYR B 325 -52.99 23.93 -14.58
N GLN B 326 -53.23 24.09 -15.88
CA GLN B 326 -52.74 23.11 -16.84
C GLN B 326 -51.27 23.31 -17.15
N GLN B 327 -50.77 24.54 -17.01
CA GLN B 327 -49.34 24.79 -17.16
C GLN B 327 -48.53 24.13 -16.06
N ILE B 328 -49.14 23.93 -14.89
CA ILE B 328 -48.44 23.25 -13.79
C ILE B 328 -48.15 21.80 -14.18
N MET B 329 -49.13 21.13 -14.79
CA MET B 329 -48.94 19.75 -15.23
C MET B 329 -47.88 19.62 -16.31
N ALA B 330 -47.56 20.72 -17.01
CA ALA B 330 -46.41 20.70 -17.92
C ALA B 330 -45.10 20.74 -17.15
N VAL B 331 -45.07 21.48 -16.04
CA VAL B 331 -43.90 21.42 -15.15
C VAL B 331 -43.77 20.04 -14.54
N GLY B 332 -44.91 19.43 -14.19
CA GLY B 332 -44.92 18.10 -13.62
C GLY B 332 -44.21 17.08 -14.49
N ILE B 333 -44.69 16.90 -15.73
CA ILE B 333 -44.01 16.03 -16.67
C ILE B 333 -42.59 16.50 -16.92
N LEU B 334 -42.32 17.80 -16.75
CA LEU B 334 -40.96 18.31 -16.85
C LEU B 334 -40.13 18.02 -15.60
N CYS B 335 -40.77 17.78 -14.46
CA CYS B 335 -40.05 17.39 -13.26
C CYS B 335 -39.61 15.92 -13.28
N GLY B 336 -40.11 15.13 -14.23
CA GLY B 336 -39.57 13.81 -14.46
C GLY B 336 -38.16 13.81 -15.02
N ILE B 337 -37.57 14.99 -15.16
CA ILE B 337 -36.17 15.12 -15.53
C ILE B 337 -35.33 14.87 -14.28
N GLY B 338 -34.87 13.63 -14.12
CA GLY B 338 -33.94 13.32 -13.06
C GLY B 338 -32.52 13.67 -13.47
N PHE B 339 -32.04 12.99 -14.52
CA PHE B 339 -30.71 13.23 -15.08
C PHE B 339 -29.62 13.31 -14.02
N THR B 340 -28.87 14.42 -14.02
CA THR B 340 -27.69 14.51 -13.18
C THR B 340 -28.05 14.38 -11.70
N MET B 341 -29.16 14.97 -11.28
CA MET B 341 -29.50 14.97 -9.87
C MET B 341 -29.88 13.59 -9.38
N SER B 342 -30.65 12.84 -10.17
CA SER B 342 -30.97 11.46 -9.81
C SER B 342 -29.73 10.56 -9.93
N ILE B 343 -28.85 10.83 -10.88
CA ILE B 343 -27.64 10.03 -10.98
C ILE B 343 -26.81 10.19 -9.71
N PHE B 344 -26.70 11.42 -9.21
CA PHE B 344 -25.97 11.64 -7.97
C PHE B 344 -26.63 10.90 -6.81
N ILE B 345 -27.96 11.02 -6.68
CA ILE B 345 -28.66 10.30 -5.63
C ILE B 345 -28.45 8.80 -5.77
N ALA B 346 -28.53 8.30 -7.01
CA ALA B 346 -28.28 6.87 -7.25
C ALA B 346 -26.88 6.47 -6.82
N SER B 347 -25.87 7.27 -7.17
CA SER B 347 -24.50 6.95 -6.80
C SER B 347 -24.31 6.93 -5.30
N LEU B 348 -25.14 7.63 -4.54
CA LEU B 348 -25.02 7.59 -3.08
C LEU B 348 -25.77 6.40 -2.50
N ALA B 349 -27.00 6.16 -2.97
CA ALA B 349 -27.79 5.06 -2.45
C ALA B 349 -27.22 3.70 -2.82
N PHE B 350 -26.45 3.61 -3.90
CA PHE B 350 -25.92 2.34 -4.38
C PHE B 350 -24.40 2.30 -4.32
N GLY B 351 -23.84 2.80 -3.22
CA GLY B 351 -22.43 2.66 -2.95
C GLY B 351 -22.17 1.49 -2.03
N ASN B 352 -21.03 0.82 -2.23
CA ASN B 352 -20.65 -0.37 -1.48
C ASN B 352 -21.71 -1.47 -1.58
N VAL B 353 -22.34 -1.56 -2.75
CA VAL B 353 -23.18 -2.70 -3.12
C VAL B 353 -22.83 -3.09 -4.56
N ASP B 354 -23.53 -4.11 -5.05
CA ASP B 354 -23.26 -4.70 -6.36
C ASP B 354 -23.12 -3.61 -7.42
N PRO B 355 -22.05 -3.60 -8.21
CA PRO B 355 -21.81 -2.48 -9.14
C PRO B 355 -22.84 -2.36 -10.23
N GLU B 356 -23.52 -3.44 -10.62
CA GLU B 356 -24.51 -3.30 -11.69
C GLU B 356 -25.75 -2.56 -11.23
N LEU B 357 -25.91 -2.34 -9.93
CA LEU B 357 -27.06 -1.60 -9.43
C LEU B 357 -27.05 -0.17 -9.95
N ILE B 358 -25.91 0.53 -9.83
CA ILE B 358 -25.84 1.90 -10.31
C ILE B 358 -26.04 1.96 -11.83
N ASN B 359 -25.56 0.94 -12.56
CA ASN B 359 -25.72 0.96 -14.02
C ASN B 359 -27.19 0.82 -14.42
N TRP B 360 -27.91 -0.13 -13.81
CA TRP B 360 -29.33 -0.24 -14.12
C TRP B 360 -30.10 0.98 -13.66
N ALA B 361 -29.69 1.59 -12.54
CA ALA B 361 -30.35 2.81 -12.09
C ALA B 361 -30.16 3.93 -13.10
N LYS B 362 -28.96 4.06 -13.68
CA LYS B 362 -28.72 5.11 -14.66
C LYS B 362 -29.60 4.96 -15.89
N LEU B 363 -29.79 3.72 -16.36
CA LEU B 363 -30.65 3.49 -17.51
C LEU B 363 -32.08 3.94 -17.23
N GLY B 364 -32.61 3.57 -16.07
CA GLY B 364 -33.94 4.01 -15.68
C GLY B 364 -34.06 5.52 -15.55
N ILE B 365 -32.94 6.21 -15.33
CA ILE B 365 -32.98 7.67 -15.18
C ILE B 365 -33.00 8.35 -16.53
N LEU B 366 -32.15 7.92 -17.46
CA LEU B 366 -32.06 8.59 -18.75
CA LEU B 366 -32.07 8.60 -18.76
C LEU B 366 -33.29 8.31 -19.61
N ILE B 367 -33.82 7.08 -19.56
CA ILE B 367 -35.03 6.79 -20.31
C ILE B 367 -36.22 7.52 -19.71
N GLY B 368 -36.27 7.59 -18.37
CA GLY B 368 -37.36 8.30 -17.72
C GLY B 368 -37.30 9.80 -17.96
N SER B 369 -36.10 10.37 -17.96
CA SER B 369 -35.95 11.80 -18.19
C SER B 369 -36.23 12.16 -19.65
N LEU B 370 -35.66 11.40 -20.58
CA LEU B 370 -35.92 11.64 -22.00
C LEU B 370 -37.40 11.58 -22.31
N LEU B 371 -38.08 10.55 -21.80
CA LEU B 371 -39.53 10.48 -21.95
C LEU B 371 -40.21 11.66 -21.27
N SER B 372 -39.65 12.15 -20.17
CA SER B 372 -40.23 13.32 -19.51
C SER B 372 -39.94 14.59 -20.30
N ALA B 373 -38.73 14.72 -20.85
CA ALA B 373 -38.38 15.92 -21.61
C ALA B 373 -39.22 16.06 -22.86
N VAL B 374 -39.37 14.96 -23.61
CA VAL B 374 -40.14 15.00 -24.86
C VAL B 374 -41.61 15.24 -24.58
N VAL B 375 -42.19 14.44 -23.67
CA VAL B 375 -43.59 14.65 -23.29
C VAL B 375 -43.78 16.04 -22.69
N GLY B 376 -42.82 16.48 -21.87
CA GLY B 376 -42.92 17.82 -21.29
C GLY B 376 -42.82 18.93 -22.31
N TYR B 377 -42.04 18.71 -23.37
CA TYR B 377 -41.91 19.72 -24.42
C TYR B 377 -43.08 19.67 -25.39
N SER B 378 -43.38 18.49 -25.92
CA SER B 378 -44.44 18.35 -26.92
C SER B 378 -45.81 18.70 -26.36
N TRP B 379 -46.02 18.59 -25.06
CA TRP B 379 -47.32 18.94 -24.50
C TRP B 379 -47.39 20.40 -24.07
N LEU B 380 -46.30 20.96 -23.55
CA LEU B 380 -46.32 22.37 -23.20
C LEU B 380 -46.25 23.26 -24.43
N ARG B 381 -45.65 22.79 -25.52
CA ARG B 381 -45.68 23.55 -26.76
C ARG B 381 -47.08 23.61 -27.34
N ALA B 382 -48.00 22.75 -26.87
CA ALA B 382 -49.39 22.82 -27.31
C ALA B 382 -50.17 23.90 -26.55
N ARG B 383 -49.81 24.16 -25.30
CA ARG B 383 -50.51 25.17 -24.51
C ARG B 383 -49.68 26.46 -24.37
N ALA C 1 16.73 -5.22 -2.29
CA ALA C 1 17.76 -5.66 -1.37
C ALA C 1 19.05 -4.90 -1.66
N VAL C 2 19.37 -3.94 -0.81
CA VAL C 2 20.56 -3.13 -1.01
C VAL C 2 21.81 -3.98 -0.83
N THR C 3 22.70 -3.92 -1.81
CA THR C 3 23.89 -4.77 -1.86
C THR C 3 25.12 -3.93 -2.12
N LEU C 4 26.15 -4.11 -1.29
CA LEU C 4 27.44 -3.42 -1.45
C LEU C 4 28.54 -4.47 -1.35
N ASP C 5 29.25 -4.70 -2.46
CA ASP C 5 30.23 -5.78 -2.57
C ASP C 5 31.59 -5.22 -2.92
N GLU C 6 32.49 -5.17 -1.94
CA GLU C 6 33.82 -4.63 -2.11
C GLU C 6 34.79 -5.68 -2.65
N SER C 7 35.82 -5.22 -3.35
CA SER C 7 36.92 -6.07 -3.77
C SER C 7 38.16 -5.20 -3.97
N GLY C 8 39.29 -5.85 -4.27
CA GLY C 8 40.54 -5.15 -4.52
C GLY C 8 41.49 -5.08 -3.34
N GLY C 9 41.00 -5.33 -2.13
CA GLY C 9 41.89 -5.37 -1.00
C GLY C 9 42.77 -6.61 -1.02
N GLY C 10 43.86 -6.53 -0.25
CA GLY C 10 44.81 -7.62 -0.21
C GLY C 10 46.12 -7.14 0.37
N LEU C 11 47.17 -7.91 0.07
CA LEU C 11 48.49 -7.64 0.61
C LEU C 11 49.25 -6.69 -0.31
N GLN C 12 49.98 -5.75 0.29
CA GLN C 12 50.82 -4.83 -0.45
C GLN C 12 51.99 -4.39 0.43
N THR C 13 53.15 -4.18 -0.20
CA THR C 13 54.31 -3.71 0.52
C THR C 13 54.14 -2.23 0.88
N PRO C 14 54.79 -1.76 1.94
CA PRO C 14 54.72 -0.32 2.27
C PRO C 14 55.26 0.53 1.14
N GLY C 15 54.54 1.61 0.84
CA GLY C 15 54.90 2.51 -0.23
C GLY C 15 54.12 2.31 -1.50
N GLY C 16 53.50 1.15 -1.68
CA GLY C 16 52.69 0.90 -2.87
C GLY C 16 51.29 1.43 -2.67
N GLY C 17 50.43 1.13 -3.64
CA GLY C 17 49.04 1.51 -3.58
C GLY C 17 48.12 0.32 -3.79
N LEU C 18 46.84 0.54 -3.48
CA LEU C 18 45.79 -0.44 -3.76
C LEU C 18 44.56 0.30 -4.26
N SER C 19 43.77 -0.40 -5.09
CA SER C 19 42.54 0.14 -5.69
C SER C 19 41.38 -0.72 -5.24
N LEU C 20 40.49 -0.16 -4.41
CA LEU C 20 39.30 -0.84 -3.95
C LEU C 20 38.09 -0.33 -4.72
N VAL C 21 37.15 -1.24 -5.02
CA VAL C 21 35.96 -0.92 -5.79
C VAL C 21 34.76 -1.56 -5.10
N CYS C 22 33.65 -0.82 -5.07
CA CYS C 22 32.39 -1.27 -4.49
C CYS C 22 31.37 -1.41 -5.60
N LYS C 23 30.84 -2.61 -5.80
CA LYS C 23 29.78 -2.84 -6.77
C LYS C 23 28.44 -2.77 -6.04
N ALA C 24 27.58 -1.84 -6.46
CA ALA C 24 26.32 -1.59 -5.77
C ALA C 24 25.15 -2.13 -6.57
N SER C 25 24.10 -2.55 -5.87
CA SER C 25 22.88 -2.99 -6.54
C SER C 25 21.73 -2.87 -5.54
N GLY C 26 20.52 -3.05 -6.05
CA GLY C 26 19.34 -2.97 -5.22
C GLY C 26 18.77 -1.57 -5.02
N PHE C 27 19.41 -0.54 -5.55
CA PHE C 27 18.93 0.83 -5.39
C PHE C 27 19.47 1.66 -6.55
N THR C 28 18.89 2.86 -6.72
CA THR C 28 19.31 3.75 -7.80
C THR C 28 20.61 4.43 -7.37
N PHE C 29 21.72 3.94 -7.90
CA PHE C 29 23.04 4.30 -7.39
C PHE C 29 23.30 5.79 -7.51
N SER C 30 22.80 6.42 -8.58
CA SER C 30 23.18 7.80 -8.89
C SER C 30 22.56 8.82 -7.95
N ASP C 31 21.56 8.46 -7.17
CA ASP C 31 20.83 9.41 -6.33
C ASP C 31 21.43 9.57 -4.94
N TYR C 32 22.48 8.83 -4.60
CA TYR C 32 22.99 8.78 -3.24
C TYR C 32 24.47 9.13 -3.18
N GLY C 33 24.85 9.84 -2.14
CA GLY C 33 26.26 9.98 -1.85
C GLY C 33 26.82 8.65 -1.41
N MET C 34 28.13 8.48 -1.55
CA MET C 34 28.79 7.26 -1.14
C MET C 34 30.08 7.62 -0.45
N GLY C 35 30.63 6.67 0.29
CA GLY C 35 31.85 6.93 1.02
C GLY C 35 32.51 5.63 1.40
N TRP C 36 33.67 5.76 2.05
CA TRP C 36 34.43 4.60 2.47
C TRP C 36 34.83 4.78 3.92
N VAL C 37 34.77 3.69 4.67
CA VAL C 37 35.07 3.69 6.10
C VAL C 37 36.01 2.52 6.36
N ARG C 38 36.92 2.68 7.32
CA ARG C 38 37.89 1.63 7.59
C ARG C 38 37.98 1.36 9.08
N GLN C 39 38.54 0.20 9.41
CA GLN C 39 38.63 -0.22 10.80
C GLN C 39 39.94 -0.99 10.97
N ALA C 40 40.91 -0.35 11.63
CA ALA C 40 42.15 -1.03 11.93
C ALA C 40 41.90 -2.13 12.95
N PRO C 41 42.74 -3.17 12.96
CA PRO C 41 42.54 -4.28 13.90
C PRO C 41 42.36 -3.82 15.33
N ASP C 42 41.30 -4.30 15.96
CA ASP C 42 40.98 -4.00 17.36
C ASP C 42 40.88 -2.50 17.60
N LYS C 43 40.25 -1.80 16.66
CA LYS C 43 40.06 -0.36 16.78
C LYS C 43 38.70 0.02 16.22
N GLY C 44 38.36 1.30 16.35
CA GLY C 44 37.04 1.79 15.97
C GLY C 44 36.99 2.21 14.51
N LEU C 45 35.79 2.62 14.10
CA LEU C 45 35.60 3.05 12.73
C LEU C 45 36.30 4.37 12.49
N GLU C 46 36.77 4.57 11.26
CA GLU C 46 37.45 5.79 10.85
C GLU C 46 37.05 6.12 9.42
N TRP C 47 36.54 7.32 9.18
CA TRP C 47 36.12 7.70 7.84
C TRP C 47 37.32 7.89 6.93
N VAL C 48 37.21 7.42 5.68
CA VAL C 48 38.26 7.54 4.69
C VAL C 48 37.94 8.60 3.65
N ALA C 49 36.83 8.46 2.93
CA ALA C 49 36.52 9.39 1.86
C ALA C 49 35.03 9.36 1.55
N GLY C 50 34.56 10.41 0.91
CA GLY C 50 33.16 10.48 0.48
C GLY C 50 33.05 11.22 -0.83
N ILE C 51 32.01 10.89 -1.60
CA ILE C 51 31.80 11.48 -2.92
C ILE C 51 30.31 11.80 -3.08
N TYR C 52 30.02 13.02 -3.54
CA TYR C 52 28.68 13.58 -3.68
C TYR C 52 27.98 12.97 -4.88
N THR C 53 26.69 13.28 -5.04
CA THR C 53 25.93 12.75 -6.18
C THR C 53 26.31 13.45 -7.48
N THR C 54 26.22 14.77 -7.50
CA THR C 54 26.46 15.55 -8.71
C THR C 54 27.78 16.31 -8.60
N GLY C 55 28.34 16.65 -9.76
CA GLY C 55 29.58 17.38 -9.82
C GLY C 55 30.82 16.64 -9.36
N SER C 56 30.68 15.42 -8.82
CA SER C 56 31.79 14.68 -8.26
C SER C 56 32.61 15.57 -7.32
N GLY C 57 31.93 16.14 -6.34
CA GLY C 57 32.62 16.77 -5.23
C GLY C 57 33.06 15.70 -4.27
N THR C 58 34.36 15.69 -3.95
CA THR C 58 34.92 14.67 -3.08
C THR C 58 35.47 15.31 -1.82
N ARG C 59 35.61 14.48 -0.78
CA ARG C 59 36.13 14.93 0.50
C ARG C 59 36.79 13.73 1.16
N TYR C 60 37.87 13.99 1.90
CA TYR C 60 38.77 12.93 2.38
C TYR C 60 39.07 13.09 3.86
N GLY C 61 39.16 11.96 4.56
CA GLY C 61 39.59 11.99 5.95
C GLY C 61 41.03 12.49 6.08
N ALA C 62 41.36 12.99 7.26
CA ALA C 62 42.64 13.67 7.43
C ALA C 62 43.82 12.73 7.20
N ALA C 63 43.68 11.46 7.53
CA ALA C 63 44.81 10.53 7.48
C ALA C 63 45.13 10.05 6.08
N VAL C 64 44.22 10.23 5.13
CA VAL C 64 44.46 9.82 3.75
C VAL C 64 44.46 10.99 2.78
N LYS C 65 44.00 12.18 3.18
CA LYS C 65 43.98 13.33 2.28
C LYS C 65 45.36 13.58 1.72
N GLY C 66 45.42 13.85 0.41
CA GLY C 66 46.67 13.99 -0.29
C GLY C 66 47.17 12.72 -0.96
N ARG C 67 46.63 11.56 -0.61
CA ARG C 67 47.07 10.33 -1.25
C ARG C 67 45.94 9.36 -1.54
N ALA C 68 44.69 9.78 -1.42
CA ALA C 68 43.52 8.97 -1.76
C ALA C 68 42.78 9.61 -2.94
N THR C 69 42.00 8.78 -3.64
CA THR C 69 41.21 9.22 -4.79
C THR C 69 39.92 8.43 -4.78
N ILE C 70 38.80 9.08 -4.51
CA ILE C 70 37.49 8.44 -4.61
C ILE C 70 36.82 8.93 -5.88
N SER C 71 36.16 8.01 -6.58
CA SER C 71 35.44 8.35 -7.80
C SER C 71 34.28 7.37 -7.93
N ARG C 72 33.38 7.65 -8.88
CA ARG C 72 32.18 6.81 -9.03
C ARG C 72 31.84 6.64 -10.49
N ASP C 73 31.36 5.46 -10.83
CA ASP C 73 30.91 5.12 -12.16
C ASP C 73 29.41 4.83 -12.05
N ASN C 74 28.57 5.81 -12.42
CA ASN C 74 27.13 5.60 -12.36
C ASN C 74 26.63 4.61 -13.41
N GLY C 75 27.45 4.26 -14.40
CA GLY C 75 27.03 3.27 -15.37
C GLY C 75 27.23 1.84 -14.90
N GLN C 76 28.22 1.62 -14.02
CA GLN C 76 28.47 0.31 -13.44
C GLN C 76 28.01 0.23 -12.00
N SER C 77 27.51 1.32 -11.44
CA SER C 77 27.18 1.43 -10.02
C SER C 77 28.38 1.00 -9.19
N THR C 78 29.50 1.69 -9.38
CA THR C 78 30.69 1.40 -8.61
C THR C 78 31.30 2.67 -8.07
N VAL C 79 31.73 2.62 -6.82
CA VAL C 79 32.64 3.59 -6.23
C VAL C 79 34.02 2.94 -6.21
N ARG C 80 35.05 3.72 -6.48
CA ARG C 80 36.41 3.22 -6.45
C ARG C 80 37.23 4.07 -5.50
N LEU C 81 37.98 3.42 -4.62
CA LEU C 81 38.91 4.11 -3.75
C LEU C 81 40.32 3.65 -4.12
N GLN C 82 41.16 4.59 -4.54
CA GLN C 82 42.58 4.34 -4.68
C GLN C 82 43.33 5.01 -3.54
N LEU C 83 44.17 4.26 -2.85
CA LEU C 83 44.94 4.75 -1.71
C LEU C 83 46.42 4.49 -1.99
N ASN C 84 47.22 5.55 -1.96
CA ASN C 84 48.64 5.48 -2.32
C ASN C 84 49.51 5.65 -1.08
N ASN C 85 50.81 5.37 -1.26
CA ASN C 85 51.81 5.55 -0.22
C ASN C 85 51.37 4.83 1.07
N LEU C 86 50.96 3.58 0.91
CA LEU C 86 50.46 2.80 2.04
C LEU C 86 51.51 2.66 3.14
N ARG C 87 51.04 2.75 4.38
CA ARG C 87 51.82 2.52 5.59
C ARG C 87 51.09 1.46 6.43
N ALA C 88 51.79 0.96 7.45
CA ALA C 88 51.19 -0.05 8.34
C ALA C 88 49.86 0.42 8.92
N GLU C 89 49.78 1.70 9.31
CA GLU C 89 48.54 2.23 9.88
C GLU C 89 47.36 2.14 8.92
N ASP C 90 47.59 1.83 7.64
CA ASP C 90 46.50 1.71 6.67
C ASP C 90 45.93 0.29 6.61
N THR C 91 46.52 -0.65 7.35
CA THR C 91 45.96 -2.00 7.45
C THR C 91 44.60 -1.97 8.14
N GLY C 92 43.64 -2.72 7.61
CA GLY C 92 42.34 -2.82 8.26
C GLY C 92 41.28 -3.30 7.29
N THR C 93 40.05 -3.37 7.81
CA THR C 93 38.89 -3.65 6.98
C THR C 93 38.36 -2.34 6.40
N TYR C 94 38.07 -2.34 5.11
CA TYR C 94 37.55 -1.17 4.42
C TYR C 94 36.13 -1.46 3.98
N TYR C 95 35.18 -0.70 4.51
CA TYR C 95 33.77 -0.89 4.19
C TYR C 95 33.32 0.22 3.25
N CYS C 96 32.62 -0.18 2.19
CA CYS C 96 31.82 0.73 1.38
C CYS C 96 30.58 1.13 2.16
N ALA C 97 30.20 2.40 2.08
CA ALA C 97 29.12 2.94 2.92
C ALA C 97 28.19 3.78 2.07
N LYS C 98 26.90 3.45 2.08
CA LYS C 98 25.92 4.13 1.24
C LYS C 98 25.13 5.14 2.05
N SER C 99 24.96 6.34 1.52
CA SER C 99 24.27 7.38 2.25
C SER C 99 22.75 7.36 1.99
N THR C 100 22.01 7.95 2.92
CA THR C 100 20.57 8.11 2.76
C THR C 100 20.22 9.22 1.77
N GLY C 101 21.02 10.28 1.73
CA GLY C 101 20.74 11.36 0.82
C GLY C 101 21.89 11.62 -0.13
N ARG C 102 21.92 12.82 -0.71
CA ARG C 102 22.98 13.15 -1.65
C ARG C 102 24.32 13.35 -0.97
N ASP C 103 24.34 13.63 0.33
CA ASP C 103 25.59 13.95 1.00
C ASP C 103 26.29 12.67 1.44
N TYR C 104 27.43 12.83 2.12
CA TYR C 104 28.20 11.71 2.62
C TYR C 104 28.53 11.86 4.10
N TYR C 105 27.85 12.77 4.81
CA TYR C 105 28.09 12.92 6.23
C TYR C 105 27.77 11.62 6.95
N GLY C 106 28.33 11.46 8.14
CA GLY C 106 28.18 10.21 8.84
C GLY C 106 26.81 10.00 9.45
N GLY C 107 26.05 11.08 9.67
CA GLY C 107 24.73 10.93 10.25
C GLY C 107 23.76 10.12 9.42
N GLY C 108 24.00 10.00 8.12
CA GLY C 108 23.02 9.44 7.22
C GLY C 108 23.42 8.16 6.51
N ILE C 109 24.56 7.57 6.92
CA ILE C 109 24.97 6.26 6.39
C ILE C 109 23.92 5.24 6.75
N ASP C 110 23.29 4.63 5.74
CA ASP C 110 22.23 3.67 6.04
C ASP C 110 22.50 2.25 5.58
N ALA C 111 23.54 1.99 4.80
CA ALA C 111 23.86 0.64 4.39
C ALA C 111 25.37 0.47 4.33
N TRP C 112 25.86 -0.72 4.66
CA TRP C 112 27.28 -1.00 4.82
C TRP C 112 27.66 -2.25 4.04
N GLY C 113 28.80 -2.20 3.37
CA GLY C 113 29.34 -3.39 2.73
C GLY C 113 29.92 -4.36 3.74
N HIS C 114 30.24 -5.56 3.25
CA HIS C 114 30.84 -6.58 4.13
C HIS C 114 32.31 -6.28 4.44
N GLY C 115 32.98 -5.51 3.60
CA GLY C 115 34.35 -5.16 3.93
C GLY C 115 35.36 -5.98 3.16
N THR C 116 36.44 -5.33 2.74
CA THR C 116 37.56 -5.97 2.08
C THR C 116 38.79 -5.64 2.89
N GLU C 117 39.71 -6.59 3.00
CA GLU C 117 40.79 -6.50 3.97
C GLU C 117 42.04 -5.97 3.28
N VAL C 118 42.72 -5.03 3.93
CA VAL C 118 43.95 -4.44 3.40
C VAL C 118 45.07 -4.74 4.39
N ILE C 119 46.17 -5.27 3.89
CA ILE C 119 47.30 -5.68 4.71
C ILE C 119 48.54 -5.06 4.11
N VAL C 120 49.16 -4.13 4.83
CA VAL C 120 50.38 -3.47 4.39
C VAL C 120 51.54 -4.13 5.13
N SER C 121 52.35 -4.90 4.41
CA SER C 121 53.45 -5.63 5.02
C SER C 121 54.41 -6.06 3.92
N SER C 122 55.67 -6.24 4.30
CA SER C 122 56.70 -6.77 3.40
C SER C 122 56.78 -8.28 3.42
N ALA C 123 55.94 -8.95 4.21
CA ALA C 123 55.97 -10.40 4.30
C ALA C 123 55.29 -11.03 3.09
N SER C 124 55.83 -12.15 2.64
CA SER C 124 55.25 -12.82 1.48
C SER C 124 54.06 -13.67 1.90
N THR C 125 53.25 -14.04 0.91
CA THR C 125 52.09 -14.88 1.16
C THR C 125 52.53 -16.27 1.57
N LYS C 126 51.76 -16.89 2.46
CA LYS C 126 52.04 -18.25 2.90
C LYS C 126 50.71 -18.96 3.16
N GLY C 127 50.59 -20.18 2.64
CA GLY C 127 49.42 -20.99 2.86
C GLY C 127 49.47 -21.69 4.20
N PRO C 128 48.31 -22.11 4.69
CA PRO C 128 48.22 -22.64 6.06
C PRO C 128 48.65 -24.10 6.13
N SER C 129 48.77 -24.57 7.37
CA SER C 129 48.97 -25.98 7.68
C SER C 129 47.83 -26.42 8.58
N VAL C 130 47.07 -27.42 8.14
CA VAL C 130 45.87 -27.85 8.83
C VAL C 130 46.19 -29.08 9.65
N PHE C 131 45.89 -29.02 10.95
CA PHE C 131 46.11 -30.11 11.88
C PHE C 131 44.79 -30.43 12.58
N PRO C 132 44.35 -31.68 12.59
CA PRO C 132 43.07 -32.00 13.22
C PRO C 132 43.16 -32.00 14.75
N LEU C 133 42.08 -31.52 15.37
CA LEU C 133 41.93 -31.57 16.83
C LEU C 133 41.09 -32.81 17.13
N ALA C 134 41.76 -33.94 17.31
CA ALA C 134 41.05 -35.19 17.52
C ALA C 134 40.45 -35.24 18.92
N PRO C 135 39.25 -35.81 19.07
CA PRO C 135 38.56 -35.98 20.36
C PRO C 135 39.34 -36.85 21.35
N ALA C 146 33.76 -30.69 20.45
CA ALA C 146 34.06 -32.12 20.43
C ALA C 146 35.21 -32.44 19.47
N LEU C 147 35.29 -31.70 18.36
CA LEU C 147 36.35 -31.91 17.39
C LEU C 147 36.48 -30.67 16.51
N GLY C 148 37.56 -30.61 15.75
CA GLY C 148 37.77 -29.51 14.83
C GLY C 148 39.14 -29.57 14.19
N CYS C 149 39.41 -28.55 13.39
CA CYS C 149 40.66 -28.42 12.65
C CYS C 149 41.46 -27.23 13.15
N LEU C 150 42.78 -27.36 13.17
CA LEU C 150 43.70 -26.30 13.59
C LEU C 150 44.41 -25.76 12.35
N VAL C 151 44.06 -24.55 11.95
CA VAL C 151 44.68 -23.88 10.81
C VAL C 151 45.86 -23.07 11.33
N LYS C 152 47.07 -23.53 11.03
CA LYS C 152 48.27 -23.03 11.66
C LYS C 152 49.16 -22.31 10.66
N ASP C 153 49.73 -21.18 11.08
CA ASP C 153 50.79 -20.48 10.36
C ASP C 153 50.41 -20.14 8.92
N TYR C 154 49.63 -19.08 8.72
CA TYR C 154 49.31 -18.62 7.38
C TYR C 154 49.31 -17.10 7.35
N PHE C 155 49.47 -16.56 6.15
CA PHE C 155 49.52 -15.11 5.95
C PHE C 155 49.29 -14.81 4.48
N PRO C 156 48.46 -13.81 4.15
CA PRO C 156 47.72 -12.99 5.11
C PRO C 156 46.31 -13.48 5.36
N GLU C 157 45.52 -12.65 6.03
CA GLU C 157 44.10 -12.89 6.16
C GLU C 157 43.43 -12.77 4.80
N PRO C 158 42.27 -13.43 4.62
CA PRO C 158 41.66 -14.34 5.58
C PRO C 158 41.73 -15.79 5.14
N VAL C 159 41.13 -16.65 5.96
CA VAL C 159 40.98 -18.07 5.66
C VAL C 159 39.53 -18.44 5.90
N THR C 160 38.95 -19.23 5.00
CA THR C 160 37.57 -19.69 5.12
C THR C 160 37.56 -21.18 5.46
N VAL C 161 36.63 -21.57 6.32
CA VAL C 161 36.49 -22.96 6.74
C VAL C 161 35.02 -23.37 6.62
N SER C 162 34.78 -24.51 5.99
CA SER C 162 33.47 -25.14 5.97
C SER C 162 33.61 -26.58 6.42
N TRP C 163 32.47 -27.26 6.58
CA TRP C 163 32.45 -28.64 7.04
C TRP C 163 31.53 -29.45 6.13
N ASN C 164 32.03 -30.59 5.67
CA ASN C 164 31.28 -31.49 4.79
C ASN C 164 30.73 -30.74 3.58
N SER C 165 31.56 -29.86 3.02
CA SER C 165 31.24 -29.11 1.81
C SER C 165 30.00 -28.23 2.00
N GLY C 166 29.89 -27.60 3.16
CA GLY C 166 28.76 -26.77 3.49
C GLY C 166 27.54 -27.51 3.99
N ALA C 167 27.53 -28.85 3.95
CA ALA C 167 26.41 -29.65 4.43
C ALA C 167 26.43 -29.85 5.94
N LEU C 168 27.35 -29.21 6.65
CA LEU C 168 27.38 -29.28 8.11
C LEU C 168 27.63 -27.87 8.64
N THR C 169 26.61 -27.29 9.27
CA THR C 169 26.72 -25.95 9.84
C THR C 169 26.26 -25.87 11.29
N SER C 170 25.52 -26.85 11.80
CA SER C 170 25.00 -26.80 13.16
C SER C 170 26.10 -27.02 14.17
N GLY C 171 26.23 -26.11 15.13
CA GLY C 171 27.18 -26.27 16.21
C GLY C 171 28.62 -25.96 15.85
N VAL C 172 28.85 -25.29 14.73
CA VAL C 172 30.19 -24.97 14.25
C VAL C 172 30.62 -23.64 14.85
N HIS C 173 31.89 -23.55 15.25
CA HIS C 173 32.47 -22.32 15.79
C HIS C 173 33.86 -22.14 15.18
N THR C 174 33.97 -21.24 14.21
CA THR C 174 35.24 -20.92 13.57
C THR C 174 35.78 -19.66 14.24
N PHE C 175 36.75 -19.84 15.13
CA PHE C 175 37.25 -18.73 15.93
C PHE C 175 37.99 -17.72 15.06
N PRO C 176 37.93 -16.44 15.41
CA PRO C 176 38.72 -15.44 14.68
C PRO C 176 40.21 -15.73 14.81
N ALA C 177 40.95 -15.42 13.74
CA ALA C 177 42.37 -15.70 13.72
C ALA C 177 43.10 -14.79 14.70
N VAL C 178 44.22 -15.29 15.23
CA VAL C 178 45.08 -14.51 16.10
C VAL C 178 46.46 -14.42 15.44
N LEU C 179 47.06 -13.24 15.50
CA LEU C 179 48.38 -13.02 14.91
C LEU C 179 49.42 -13.61 15.86
N GLN C 180 49.96 -14.78 15.49
CA GLN C 180 51.06 -15.35 16.26
C GLN C 180 52.28 -14.45 16.17
N SER C 181 53.20 -14.62 17.13
CA SER C 181 54.37 -13.76 17.19
C SER C 181 55.32 -13.96 16.01
N SER C 182 55.15 -15.05 15.25
CA SER C 182 55.92 -15.26 14.03
C SER C 182 55.40 -14.45 12.86
N GLY C 183 54.48 -13.52 13.09
CA GLY C 183 53.86 -12.77 12.02
C GLY C 183 52.83 -13.55 11.22
N LEU C 184 52.64 -14.83 11.52
CA LEU C 184 51.69 -15.68 10.83
C LEU C 184 50.42 -15.84 11.66
N TYR C 185 49.30 -16.03 10.96
CA TYR C 185 48.02 -16.20 11.64
C TYR C 185 47.73 -17.67 11.92
N SER C 186 46.80 -17.88 12.85
CA SER C 186 46.41 -19.22 13.25
C SER C 186 45.02 -19.15 13.86
N LEU C 187 44.08 -19.92 13.31
CA LEU C 187 42.75 -20.04 13.89
C LEU C 187 42.42 -21.51 14.04
N SER C 188 41.44 -21.78 14.89
CA SER C 188 40.96 -23.14 15.12
C SER C 188 39.46 -23.16 14.85
N SER C 189 39.02 -24.19 14.12
CA SER C 189 37.61 -24.43 13.89
C SER C 189 37.15 -25.57 14.78
N VAL C 190 35.86 -25.55 15.13
CA VAL C 190 35.34 -26.49 16.13
C VAL C 190 33.86 -26.72 15.84
N VAL C 191 33.43 -27.97 16.02
CA VAL C 191 32.04 -28.34 15.80
C VAL C 191 31.60 -29.28 16.92
N THR C 192 30.39 -29.05 17.43
CA THR C 192 29.78 -29.90 18.46
C THR C 192 28.81 -30.85 17.78
N VAL C 193 29.01 -32.15 17.98
CA VAL C 193 28.16 -33.17 17.36
C VAL C 193 27.90 -34.28 18.35
N PRO C 194 26.74 -34.93 18.24
CA PRO C 194 26.43 -36.04 19.14
C PRO C 194 27.34 -37.24 18.92
N SER C 195 27.52 -38.02 19.98
CA SER C 195 28.44 -39.15 19.98
C SER C 195 27.83 -40.42 19.40
N SER C 196 26.54 -40.41 19.07
CA SER C 196 25.93 -41.62 18.51
C SER C 196 26.42 -41.92 17.10
N SER C 197 27.06 -40.96 16.44
CA SER C 197 27.56 -41.13 15.07
C SER C 197 28.98 -40.57 15.01
N LEU C 198 29.97 -41.45 15.07
CA LEU C 198 31.37 -41.05 14.95
C LEU C 198 32.05 -41.85 13.85
N GLY C 199 32.07 -43.17 14.01
CA GLY C 199 32.67 -44.04 13.01
C GLY C 199 31.80 -44.32 11.80
N THR C 200 30.55 -43.89 11.82
CA THR C 200 29.65 -44.08 10.69
C THR C 200 29.55 -42.87 9.78
N GLN C 201 29.70 -41.67 10.32
CA GLN C 201 29.64 -40.43 9.54
C GLN C 201 31.05 -39.88 9.35
N THR C 202 31.32 -39.40 8.13
CA THR C 202 32.61 -38.81 7.80
C THR C 202 32.53 -37.29 7.91
N TYR C 203 33.37 -36.71 8.74
CA TYR C 203 33.46 -35.26 8.92
C TYR C 203 34.79 -34.77 8.36
N ILE C 204 34.73 -33.83 7.41
CA ILE C 204 35.90 -33.27 6.77
C ILE C 204 35.77 -31.76 6.79
N CYS C 205 36.84 -31.08 7.21
CA CYS C 205 36.88 -29.62 7.18
C CYS C 205 37.51 -29.14 5.88
N ASN C 206 36.98 -28.03 5.36
CA ASN C 206 37.38 -27.52 4.05
C ASN C 206 37.97 -26.12 4.23
N VAL C 207 39.29 -26.02 4.15
CA VAL C 207 39.99 -24.75 4.30
C VAL C 207 40.31 -24.20 2.93
N ASN C 208 39.93 -22.95 2.69
CA ASN C 208 40.21 -22.26 1.42
C ASN C 208 40.91 -20.94 1.73
N HIS C 209 42.11 -20.78 1.20
CA HIS C 209 42.89 -19.57 1.37
C HIS C 209 42.96 -18.86 0.02
N LYS C 210 42.03 -17.93 -0.19
CA LYS C 210 41.97 -17.20 -1.45
C LYS C 210 43.29 -16.53 -1.83
N PRO C 211 43.99 -15.82 -0.92
CA PRO C 211 45.22 -15.13 -1.36
C PRO C 211 46.27 -16.04 -1.97
N SER C 212 46.39 -17.27 -1.48
CA SER C 212 47.32 -18.24 -2.05
C SER C 212 46.66 -19.18 -3.04
N ASN C 213 45.36 -19.01 -3.31
CA ASN C 213 44.59 -19.92 -4.15
C ASN C 213 44.81 -21.36 -3.71
N THR C 214 44.51 -21.60 -2.44
CA THR C 214 44.80 -22.86 -1.77
C THR C 214 43.52 -23.42 -1.15
N LYS C 215 43.20 -24.66 -1.49
CA LYS C 215 42.12 -25.42 -0.88
C LYS C 215 42.69 -26.72 -0.32
N VAL C 216 42.44 -26.98 0.96
CA VAL C 216 42.97 -28.17 1.64
C VAL C 216 41.87 -28.78 2.50
N ASP C 217 41.64 -30.07 2.33
CA ASP C 217 40.73 -30.84 3.16
C ASP C 217 41.52 -31.68 4.16
N LYS C 218 40.84 -32.05 5.25
CA LYS C 218 41.47 -32.86 6.29
C LYS C 218 40.37 -33.55 7.08
N LYS C 219 40.34 -34.88 7.01
CA LYS C 219 39.34 -35.65 7.75
C LYS C 219 39.80 -35.85 9.19
N VAL C 220 38.92 -35.54 10.14
CA VAL C 220 39.23 -35.69 11.55
C VAL C 220 38.75 -37.06 12.02
N GLU C 221 39.62 -37.78 12.70
CA GLU C 221 39.45 -39.19 13.04
C GLU C 221 39.40 -39.39 14.55
N PRO C 222 38.66 -40.39 15.01
CA PRO C 222 38.68 -40.72 16.45
C PRO C 222 39.98 -41.40 16.86
N LYS C 223 40.85 -40.65 17.53
CA LYS C 223 42.11 -41.19 18.01
C LYS C 223 42.55 -40.50 19.30
N ALA D 1 36.08 13.17 16.67
CA ALA D 1 36.02 14.07 17.81
C ALA D 1 34.62 14.04 18.41
N LEU D 2 33.94 12.92 18.25
CA LEU D 2 32.73 12.62 19.01
C LEU D 2 33.09 11.95 20.33
N THR D 3 32.29 12.22 21.35
CA THR D 3 32.47 11.66 22.68
C THR D 3 31.26 10.82 23.03
N GLN D 4 31.49 9.54 23.31
CA GLN D 4 30.48 8.61 23.77
C GLN D 4 31.13 7.72 24.83
N PRO D 5 30.34 7.21 25.78
CA PRO D 5 30.94 6.48 26.90
C PRO D 5 31.56 5.17 26.44
N SER D 6 32.55 4.72 27.22
CA SER D 6 33.26 3.48 26.88
C SER D 6 32.33 2.28 26.91
N SER D 7 31.42 2.24 27.88
CA SER D 7 30.61 1.03 28.07
C SER D 7 29.36 1.38 28.83
N VAL D 8 28.30 0.60 28.60
CA VAL D 8 27.02 0.76 29.27
C VAL D 8 26.47 -0.64 29.51
N SER D 9 25.90 -0.85 30.70
CA SER D 9 25.35 -2.14 31.07
C SER D 9 23.84 -2.02 31.29
N ALA D 10 23.13 -3.13 31.07
CA ALA D 10 21.68 -3.12 31.20
C ALA D 10 21.18 -4.53 31.45
N ASN D 11 20.05 -4.63 32.19
CA ASN D 11 19.34 -5.89 32.30
C ASN D 11 18.40 -6.06 31.10
N PRO D 12 18.17 -7.30 30.66
CA PRO D 12 17.22 -7.51 29.57
C PRO D 12 15.85 -6.99 29.97
N GLY D 13 15.25 -6.19 29.09
CA GLY D 13 14.00 -5.54 29.39
C GLY D 13 14.11 -4.17 30.00
N GLY D 14 15.32 -3.72 30.35
CA GLY D 14 15.55 -2.38 30.84
C GLY D 14 15.75 -1.42 29.69
N THR D 15 15.93 -0.14 30.02
CA THR D 15 16.11 0.90 29.02
C THR D 15 17.57 1.33 29.02
N VAL D 16 18.17 1.39 27.83
CA VAL D 16 19.55 1.79 27.63
C VAL D 16 19.54 3.16 26.98
N LYS D 17 20.39 4.07 27.48
CA LYS D 17 20.60 5.36 26.84
C LYS D 17 22.08 5.59 26.65
N ILE D 18 22.50 5.66 25.38
CA ILE D 18 23.89 5.91 25.02
C ILE D 18 23.94 7.29 24.39
N THR D 19 24.80 8.17 24.89
CA THR D 19 24.88 9.53 24.39
C THR D 19 26.12 9.75 23.52
N CYS D 20 26.07 10.82 22.74
CA CYS D 20 27.12 11.23 21.83
C CYS D 20 27.05 12.75 21.72
N SER D 21 28.20 13.41 21.75
CA SER D 21 28.24 14.85 21.54
C SER D 21 29.43 15.18 20.64
N GLY D 22 29.43 16.42 20.12
CA GLY D 22 30.55 16.91 19.34
C GLY D 22 30.31 17.02 17.86
N GLY D 23 29.16 16.58 17.35
CA GLY D 23 28.86 16.73 15.95
C GLY D 23 28.22 18.07 15.65
N THR D 24 28.38 18.51 14.40
CA THR D 24 27.72 19.72 13.94
C THR D 24 26.44 19.42 13.16
N TYR D 25 26.37 18.25 12.51
CA TYR D 25 25.21 17.82 11.75
C TYR D 25 24.54 16.64 12.45
N SER D 26 23.60 15.98 11.75
CA SER D 26 22.80 14.95 12.38
C SER D 26 23.67 13.78 12.85
N TYR D 27 23.06 12.89 13.65
CA TYR D 27 23.77 11.76 14.24
C TYR D 27 23.18 10.44 13.76
N GLY D 28 24.05 9.44 13.61
CA GLY D 28 23.61 8.09 13.29
C GLY D 28 24.27 7.12 14.26
N TRP D 29 23.70 5.93 14.33
CA TRP D 29 24.20 4.92 15.25
C TRP D 29 24.33 3.59 14.53
N PHE D 30 25.47 2.93 14.71
CA PHE D 30 25.79 1.74 13.95
C PHE D 30 26.15 0.64 14.92
N GLN D 31 25.56 -0.54 14.72
CA GLN D 31 25.73 -1.66 15.64
C GLN D 31 26.78 -2.58 15.03
N GLN D 32 27.81 -2.90 15.79
CA GLN D 32 28.84 -3.84 15.34
C GLN D 32 28.85 -4.98 16.33
N LYS D 33 28.44 -6.16 15.87
CA LYS D 33 28.30 -7.29 16.78
C LYS D 33 29.66 -7.88 17.15
N SER D 34 30.63 -7.81 16.24
CA SER D 34 32.01 -8.20 16.52
C SER D 34 32.92 -7.44 15.57
N PRO D 35 34.19 -7.26 15.93
CA PRO D 35 35.08 -6.48 15.04
C PRO D 35 35.27 -7.08 13.67
N GLY D 36 34.98 -8.36 13.51
CA GLY D 36 35.06 -9.02 12.22
C GLY D 36 33.73 -9.09 11.50
N SER D 37 32.97 -7.99 11.55
CA SER D 37 31.68 -7.96 10.88
C SER D 37 31.29 -6.53 10.57
N ALA D 38 30.59 -6.36 9.46
CA ALA D 38 30.12 -5.05 9.04
C ALA D 38 29.15 -4.48 10.07
N PRO D 39 29.19 -3.17 10.29
CA PRO D 39 28.19 -2.54 11.15
C PRO D 39 26.82 -2.52 10.48
N VAL D 40 25.83 -2.14 11.27
CA VAL D 40 24.43 -2.12 10.87
C VAL D 40 23.82 -0.85 11.43
N THR D 41 23.28 0.00 10.55
CA THR D 41 22.68 1.25 11.02
C THR D 41 21.40 0.94 11.78
N VAL D 42 21.32 1.42 13.04
CA VAL D 42 20.08 1.30 13.80
C VAL D 42 19.32 2.63 13.77
N ILE D 43 20.03 3.74 13.58
CA ILE D 43 19.41 5.07 13.59
C ILE D 43 20.22 5.96 12.68
N TYR D 44 19.54 6.69 11.80
CA TYR D 44 20.20 7.69 10.96
C TYR D 44 19.38 8.96 10.99
N TRP D 45 20.02 10.05 10.56
CA TRP D 45 19.43 11.38 10.48
C TRP D 45 18.69 11.72 11.77
N ASN D 46 19.40 11.58 12.89
CA ASN D 46 18.92 11.93 14.23
C ASN D 46 17.84 11.03 14.78
N ASP D 47 16.79 10.73 14.01
CA ASP D 47 15.68 9.97 14.60
C ASP D 47 15.05 8.97 13.65
N LYS D 48 15.58 8.76 12.45
CA LYS D 48 14.96 7.85 11.49
C LYS D 48 15.49 6.43 11.68
N ARG D 49 14.59 5.46 11.55
CA ARG D 49 14.91 4.06 11.78
C ARG D 49 14.69 3.24 10.52
N PRO D 50 15.70 2.54 9.99
CA PRO D 50 15.49 1.70 8.80
C PRO D 50 14.40 0.65 9.04
N SER D 51 13.87 0.14 7.93
CA SER D 51 12.66 -0.69 8.01
C SER D 51 12.92 -2.05 8.65
N ASN D 52 14.13 -2.58 8.56
CA ASN D 52 14.38 -3.91 9.11
C ASN D 52 14.80 -3.86 10.57
N ILE D 53 15.01 -2.68 11.14
CA ILE D 53 15.44 -2.51 12.52
C ILE D 53 14.25 -2.52 13.48
N PRO D 54 14.31 -3.29 14.56
CA PRO D 54 13.16 -3.37 15.49
C PRO D 54 12.86 -2.03 16.18
N SER D 55 11.58 -1.85 16.50
CA SER D 55 11.07 -0.54 16.92
C SER D 55 11.58 -0.10 18.30
N ARG D 56 12.18 -0.99 19.09
CA ARG D 56 12.71 -0.58 20.39
C ARG D 56 13.89 0.38 20.27
N PHE D 57 14.45 0.56 19.07
CA PHE D 57 15.55 1.49 18.83
C PHE D 57 15.00 2.87 18.46
N SER D 58 15.49 3.91 19.13
CA SER D 58 15.09 5.26 18.77
C SER D 58 16.22 6.22 19.09
N GLY D 59 16.20 7.36 18.41
CA GLY D 59 17.20 8.40 18.63
C GLY D 59 16.51 9.74 18.79
N SER D 60 17.19 10.64 19.51
CA SER D 60 16.68 11.98 19.70
C SER D 60 17.85 12.94 19.86
N LYS D 61 17.88 14.00 19.06
CA LYS D 61 18.88 15.04 19.25
C LYS D 61 18.33 16.07 20.23
N SER D 62 19.15 16.43 21.22
CA SER D 62 18.78 17.41 22.23
C SER D 62 19.91 18.44 22.35
N GLY D 63 19.97 19.36 21.41
CA GLY D 63 21.03 20.35 21.42
C GLY D 63 22.37 19.75 21.06
N SER D 64 23.30 19.76 22.01
CA SER D 64 24.66 19.33 21.76
C SER D 64 24.84 17.83 21.90
N THR D 65 23.88 17.12 22.50
CA THR D 65 24.01 15.70 22.81
C THR D 65 22.94 14.92 22.07
N HIS D 66 23.35 13.89 21.34
CA HIS D 66 22.42 12.91 20.80
C HIS D 66 22.34 11.69 21.72
N THR D 67 21.20 11.01 21.67
CA THR D 67 20.92 9.87 22.53
C THR D 67 20.31 8.72 21.72
N LEU D 68 20.99 7.57 21.71
CA LEU D 68 20.38 6.31 21.29
C LEU D 68 19.67 5.69 22.48
N THR D 69 18.39 5.39 22.33
CA THR D 69 17.60 4.73 23.36
C THR D 69 17.15 3.36 22.86
N ILE D 70 17.31 2.34 23.69
CA ILE D 70 16.77 1.01 23.43
C ILE D 70 15.79 0.73 24.56
N THR D 71 14.52 0.62 24.21
CA THR D 71 13.46 0.42 25.20
C THR D 71 13.15 -1.06 25.29
N GLY D 72 13.25 -1.62 26.49
CA GLY D 72 13.10 -3.05 26.66
C GLY D 72 14.17 -3.78 25.88
N VAL D 73 15.42 -3.45 26.19
CA VAL D 73 16.57 -4.05 25.51
C VAL D 73 16.53 -5.56 25.64
N ARG D 74 17.03 -6.25 24.60
CA ARG D 74 17.05 -7.71 24.56
C ARG D 74 18.48 -8.20 24.54
N ALA D 75 18.67 -9.49 24.88
CA ALA D 75 20.02 -10.05 24.99
C ALA D 75 20.80 -9.90 23.69
N GLU D 76 20.14 -10.04 22.54
CA GLU D 76 20.85 -9.91 21.26
C GLU D 76 21.30 -8.49 20.96
N ASP D 77 20.89 -7.50 21.75
CA ASP D 77 21.34 -6.13 21.53
C ASP D 77 22.74 -5.87 22.06
N GLU D 78 23.36 -6.86 22.71
CA GLU D 78 24.75 -6.72 23.16
C GLU D 78 25.67 -6.64 21.96
N ALA D 79 26.40 -5.54 21.85
CA ALA D 79 27.25 -5.25 20.70
C ALA D 79 28.01 -3.96 21.02
N VAL D 80 28.85 -3.53 20.08
CA VAL D 80 29.45 -2.22 20.12
C VAL D 80 28.62 -1.28 19.24
N TYR D 81 28.32 -0.09 19.76
CA TYR D 81 27.58 0.93 19.02
C TYR D 81 28.50 2.11 18.78
N PHE D 82 28.64 2.50 17.52
CA PHE D 82 29.35 3.72 17.14
C PHE D 82 28.34 4.79 16.73
N CYS D 83 28.61 6.05 17.12
CA CYS D 83 27.85 7.16 16.58
C CYS D 83 28.61 7.80 15.43
N GLY D 84 27.87 8.30 14.45
CA GLY D 84 28.46 9.02 13.35
C GLY D 84 27.83 10.39 13.23
N SER D 85 28.60 11.33 12.69
CA SER D 85 28.08 12.67 12.45
C SER D 85 29.00 13.34 11.44
N ALA D 86 29.13 14.66 11.53
CA ALA D 86 30.08 15.38 10.68
C ALA D 86 30.49 16.65 11.42
N ASP D 87 31.70 17.12 11.15
CA ASP D 87 32.18 18.28 11.91
C ASP D 87 31.82 19.57 11.16
N SER D 88 32.32 20.70 11.67
CA SER D 88 31.93 21.98 11.08
C SER D 88 32.41 22.13 9.64
N SER D 89 33.46 21.41 9.25
CA SER D 89 34.01 21.53 7.90
C SER D 89 33.36 20.59 6.89
N GLY D 90 32.40 19.76 7.31
CA GLY D 90 31.78 18.83 6.39
C GLY D 90 32.52 17.52 6.22
N THR D 91 33.16 17.04 7.27
CA THR D 91 33.90 15.79 7.24
C THR D 91 33.21 14.81 8.17
N ALA D 92 32.84 13.65 7.66
CA ALA D 92 32.21 12.67 8.53
C ALA D 92 33.21 12.22 9.60
N ILE D 93 32.71 11.99 10.81
CA ILE D 93 33.54 11.55 11.93
C ILE D 93 32.75 10.55 12.76
N PHE D 94 33.46 9.65 13.43
CA PHE D 94 32.84 8.61 14.25
C PHE D 94 33.35 8.71 15.68
N GLY D 95 32.52 8.30 16.61
CA GLY D 95 32.95 8.13 17.98
C GLY D 95 33.77 6.87 18.15
N ALA D 96 34.32 6.73 19.36
CA ALA D 96 35.20 5.62 19.70
C ALA D 96 34.45 4.31 19.91
N GLY D 97 33.16 4.38 20.19
CA GLY D 97 32.35 3.17 20.33
C GLY D 97 31.93 2.94 21.77
N THR D 98 30.71 2.45 21.94
CA THR D 98 30.20 2.10 23.26
C THR D 98 29.91 0.61 23.29
N THR D 99 30.54 -0.09 24.24
CA THR D 99 30.27 -1.51 24.44
C THR D 99 29.04 -1.66 25.33
N LEU D 100 27.96 -2.19 24.77
CA LEU D 100 26.73 -2.40 25.53
C LEU D 100 26.66 -3.84 25.98
N THR D 101 26.44 -4.04 27.28
CA THR D 101 26.39 -5.35 27.91
C THR D 101 24.97 -5.59 28.41
N VAL D 102 24.35 -6.67 27.95
CA VAL D 102 23.02 -7.07 28.38
C VAL D 102 23.16 -8.32 29.22
N LEU D 103 22.78 -8.22 30.50
CA LEU D 103 23.03 -9.27 31.47
C LEU D 103 21.97 -10.37 31.38
N ARG D 104 22.10 -11.17 30.33
CA ARG D 104 21.33 -12.40 30.23
C ARG D 104 21.82 -13.40 31.29
N THR D 105 21.01 -14.45 31.52
CA THR D 105 21.31 -15.38 32.60
C THR D 105 22.66 -16.05 32.38
N VAL D 106 23.40 -16.22 33.48
CA VAL D 106 24.74 -16.78 33.42
C VAL D 106 24.68 -18.22 32.92
N ALA D 107 25.67 -18.60 32.11
CA ALA D 107 25.78 -19.95 31.57
C ALA D 107 27.22 -20.41 31.68
N ALA D 108 27.42 -21.59 32.27
CA ALA D 108 28.76 -22.10 32.50
C ALA D 108 29.32 -22.76 31.23
N PRO D 109 30.62 -22.64 30.99
CA PRO D 109 31.20 -23.23 29.79
C PRO D 109 31.48 -24.72 29.95
N SER D 110 31.34 -25.43 28.84
CA SER D 110 31.80 -26.81 28.75
C SER D 110 33.21 -26.82 28.21
N VAL D 111 34.13 -27.45 28.93
CA VAL D 111 35.55 -27.41 28.62
C VAL D 111 35.93 -28.64 27.82
N PHE D 112 36.80 -28.45 26.83
CA PHE D 112 37.37 -29.52 26.03
C PHE D 112 38.84 -29.20 25.80
N ILE D 113 39.70 -30.20 25.97
CA ILE D 113 41.14 -30.04 25.76
C ILE D 113 41.58 -31.04 24.71
N PHE D 114 42.40 -30.59 23.76
CA PHE D 114 42.84 -31.41 22.65
C PHE D 114 44.35 -31.58 22.68
N PRO D 115 44.86 -32.78 22.46
CA PRO D 115 46.31 -33.00 22.38
C PRO D 115 46.84 -32.54 21.03
N PRO D 116 48.15 -32.30 20.92
CA PRO D 116 48.71 -31.87 19.64
C PRO D 116 48.50 -32.93 18.56
N SER D 117 48.39 -32.47 17.33
CA SER D 117 48.17 -33.36 16.20
C SER D 117 49.41 -34.18 15.90
N ASP D 118 49.20 -35.44 15.51
CA ASP D 118 50.32 -36.31 15.18
C ASP D 118 51.11 -35.77 13.99
N GLU D 119 50.43 -35.14 13.02
CA GLU D 119 51.15 -34.51 11.92
C GLU D 119 51.94 -33.29 12.41
N GLN D 120 51.36 -32.54 13.35
CA GLN D 120 52.04 -31.37 13.87
C GLN D 120 53.24 -31.77 14.72
N LEU D 121 53.09 -32.83 15.51
CA LEU D 121 54.20 -33.29 16.36
C LEU D 121 55.44 -33.59 15.53
N LYS D 122 55.24 -34.15 14.33
CA LYS D 122 56.38 -34.49 13.48
C LYS D 122 56.99 -33.26 12.80
N SER D 123 56.27 -32.15 12.77
CA SER D 123 56.76 -30.92 12.13
C SER D 123 57.52 -30.03 13.10
N GLY D 124 57.64 -30.41 14.36
CA GLY D 124 58.42 -29.64 15.32
C GLY D 124 57.64 -28.65 16.16
N THR D 125 56.32 -28.80 16.24
CA THR D 125 55.48 -27.88 16.99
C THR D 125 54.36 -28.66 17.64
N ALA D 126 54.01 -28.29 18.88
CA ALA D 126 52.93 -28.92 19.62
C ALA D 126 51.96 -27.84 20.06
N SER D 127 50.72 -27.92 19.57
CA SER D 127 49.65 -27.00 19.95
C SER D 127 48.57 -27.79 20.66
N VAL D 128 48.40 -27.55 21.96
CA VAL D 128 47.32 -28.11 22.76
C VAL D 128 46.35 -26.98 23.07
N VAL D 129 45.08 -27.19 22.73
CA VAL D 129 44.08 -26.14 22.83
C VAL D 129 43.05 -26.50 23.90
N CYS D 130 42.49 -25.47 24.51
CA CYS D 130 41.40 -25.59 25.47
C CYS D 130 40.19 -24.90 24.87
N LEU D 131 39.03 -25.55 24.94
CA LEU D 131 37.82 -25.04 24.30
C LEU D 131 36.74 -24.83 25.35
N LEU D 132 36.29 -23.59 25.47
CA LEU D 132 35.17 -23.23 26.35
C LEU D 132 33.97 -22.97 25.45
N ASN D 133 32.98 -23.84 25.50
CA ASN D 133 31.91 -23.86 24.51
C ASN D 133 30.62 -23.32 25.12
N ASN D 134 30.04 -22.31 24.45
CA ASN D 134 28.69 -21.82 24.74
C ASN D 134 28.51 -21.36 26.19
N PHE D 135 29.00 -20.16 26.50
CA PHE D 135 28.91 -19.63 27.85
C PHE D 135 28.55 -18.16 27.82
N TYR D 136 28.12 -17.65 28.97
CA TYR D 136 27.86 -16.23 29.19
C TYR D 136 28.12 -15.98 30.67
N PRO D 137 28.82 -14.88 31.02
CA PRO D 137 29.35 -13.84 30.13
C PRO D 137 30.66 -14.22 29.45
N ARG D 138 31.24 -13.29 28.71
CA ARG D 138 32.46 -13.57 27.97
C ARG D 138 33.71 -13.59 28.85
N GLU D 139 33.66 -13.03 30.05
CA GLU D 139 34.81 -13.03 30.95
C GLU D 139 35.03 -14.44 31.45
N ALA D 140 35.96 -15.16 30.84
CA ALA D 140 36.38 -16.47 31.30
C ALA D 140 37.89 -16.48 31.42
N LYS D 141 38.39 -17.14 32.45
CA LYS D 141 39.82 -17.19 32.75
C LYS D 141 40.30 -18.62 32.55
N VAL D 142 41.12 -18.84 31.52
CA VAL D 142 41.71 -20.16 31.26
C VAL D 142 43.13 -20.19 31.81
N GLN D 143 43.53 -21.33 32.37
CA GLN D 143 44.81 -21.47 33.05
C GLN D 143 45.45 -22.77 32.61
N TRP D 144 46.61 -22.66 31.94
CA TRP D 144 47.33 -23.82 31.45
C TRP D 144 48.28 -24.34 32.52
N LYS D 145 48.13 -25.61 32.88
CA LYS D 145 48.99 -26.28 33.86
C LYS D 145 49.67 -27.47 33.20
N VAL D 146 51.00 -27.52 33.32
CA VAL D 146 51.80 -28.61 32.79
C VAL D 146 52.63 -29.17 33.93
N ASP D 147 52.38 -30.44 34.28
CA ASP D 147 52.98 -31.07 35.46
C ASP D 147 52.70 -30.25 36.72
N ASN D 148 51.50 -29.68 36.78
CA ASN D 148 51.07 -28.80 37.88
C ASN D 148 51.99 -27.58 38.00
N ALA D 149 52.54 -27.12 36.88
CA ALA D 149 53.37 -25.93 36.84
C ALA D 149 52.68 -24.85 36.02
N LEU D 150 52.89 -23.60 36.42
CA LEU D 150 52.26 -22.47 35.76
C LEU D 150 52.94 -22.17 34.44
N GLN D 151 52.13 -21.89 33.42
CA GLN D 151 52.63 -21.49 32.11
C GLN D 151 52.39 -20.00 31.92
N SER D 152 53.21 -19.38 31.08
CA SER D 152 53.15 -17.95 30.86
C SER D 152 53.67 -17.63 29.47
N GLY D 153 52.94 -16.77 28.76
CA GLY D 153 53.35 -16.30 27.45
C GLY D 153 53.16 -17.28 26.32
N ASN D 154 52.99 -18.57 26.60
CA ASN D 154 52.88 -19.59 25.57
C ASN D 154 51.43 -19.94 25.25
N SER D 155 50.50 -19.01 25.46
CA SER D 155 49.08 -19.27 25.22
C SER D 155 48.42 -18.04 24.65
N GLN D 156 47.46 -18.25 23.74
CA GLN D 156 46.66 -17.19 23.16
C GLN D 156 45.19 -17.57 23.19
N GLU D 157 44.34 -16.56 23.37
CA GLU D 157 42.90 -16.75 23.46
C GLU D 157 42.20 -16.18 22.24
N SER D 158 40.97 -16.64 22.04
CA SER D 158 40.17 -16.21 20.89
C SER D 158 38.70 -16.47 21.22
N VAL D 159 37.88 -15.43 21.11
CA VAL D 159 36.46 -15.49 21.44
C VAL D 159 35.66 -15.35 20.15
N THR D 160 34.68 -16.23 19.96
CA THR D 160 33.80 -16.11 18.80
C THR D 160 32.88 -14.92 18.95
N GLU D 161 32.24 -14.56 17.85
CA GLU D 161 31.12 -13.61 17.91
C GLU D 161 30.01 -14.20 18.76
N GLN D 162 29.31 -13.33 19.48
CA GLN D 162 28.20 -13.78 20.31
C GLN D 162 27.12 -14.43 19.44
N ASP D 163 26.71 -15.63 19.81
CA ASP D 163 25.68 -16.34 19.06
C ASP D 163 24.44 -15.46 18.90
N SER D 164 23.88 -15.45 17.69
CA SER D 164 22.74 -14.60 17.39
C SER D 164 21.41 -15.20 17.82
N LYS D 165 21.42 -16.40 18.40
CA LYS D 165 20.19 -17.07 18.84
C LYS D 165 20.08 -17.19 20.36
N ASP D 166 21.13 -17.70 21.02
CA ASP D 166 21.15 -17.81 22.47
C ASP D 166 22.05 -16.80 23.16
N SER D 167 22.85 -16.03 22.40
CA SER D 167 23.69 -14.97 22.96
C SER D 167 24.75 -15.51 23.91
N THR D 168 25.39 -16.61 23.52
CA THR D 168 26.49 -17.20 24.27
C THR D 168 27.80 -17.02 23.51
N TYR D 169 28.90 -17.24 24.21
CA TYR D 169 30.22 -17.11 23.61
C TYR D 169 30.96 -18.44 23.65
N SER D 170 31.96 -18.56 22.77
CA SER D 170 32.88 -19.68 22.79
C SER D 170 34.30 -19.15 22.78
N LEU D 171 35.17 -19.80 23.54
CA LEU D 171 36.54 -19.35 23.71
C LEU D 171 37.49 -20.52 23.47
N SER D 172 38.62 -20.24 22.85
CA SER D 172 39.65 -21.23 22.60
C SER D 172 40.99 -20.70 23.09
N SER D 173 41.58 -21.38 24.06
CA SER D 173 42.93 -21.06 24.53
C SER D 173 43.90 -22.07 23.92
N THR D 174 44.86 -21.57 23.15
CA THR D 174 45.80 -22.42 22.42
C THR D 174 47.16 -22.34 23.10
N LEU D 175 47.61 -23.47 23.64
CA LEU D 175 48.93 -23.58 24.27
C LEU D 175 49.88 -24.16 23.23
N THR D 176 50.74 -23.32 22.66
CA THR D 176 51.73 -23.74 21.68
C THR D 176 53.06 -23.94 22.38
N LEU D 177 53.58 -25.16 22.33
CA LEU D 177 54.88 -25.49 22.90
C LEU D 177 55.77 -26.09 21.83
N SER D 178 57.09 -26.00 22.05
CA SER D 178 58.04 -26.59 21.14
C SER D 178 57.95 -28.11 21.19
N LYS D 179 58.37 -28.74 20.09
CA LYS D 179 58.40 -30.20 20.04
C LYS D 179 59.27 -30.77 21.15
N ALA D 180 60.45 -30.17 21.36
CA ALA D 180 61.36 -30.67 22.38
C ALA D 180 60.82 -30.41 23.79
N ASP D 181 60.24 -29.24 24.01
CA ASP D 181 59.67 -28.95 25.33
C ASP D 181 58.42 -29.77 25.60
N TYR D 182 57.72 -30.19 24.55
CA TYR D 182 56.52 -31.01 24.74
C TYR D 182 56.87 -32.42 25.21
N GLU D 183 58.11 -32.86 24.98
CA GLU D 183 58.51 -34.21 25.38
C GLU D 183 59.10 -34.26 26.78
N LYS D 184 59.47 -33.11 27.36
CA LYS D 184 60.05 -33.10 28.70
C LYS D 184 58.99 -33.44 29.76
N HIS D 185 57.92 -32.66 29.81
CA HIS D 185 56.90 -32.81 30.82
C HIS D 185 55.82 -33.80 30.36
N LYS D 186 54.90 -34.12 31.27
CA LYS D 186 53.95 -35.20 30.99
C LYS D 186 52.50 -34.82 31.23
N VAL D 187 52.20 -34.12 32.32
CA VAL D 187 50.83 -33.71 32.60
C VAL D 187 50.51 -32.44 31.83
N TYR D 188 49.30 -32.37 31.27
CA TYR D 188 48.85 -31.21 30.51
C TYR D 188 47.39 -30.94 30.84
N ALA D 189 47.12 -29.78 31.41
CA ALA D 189 45.77 -29.45 31.85
C ALA D 189 45.48 -27.98 31.59
N CYS D 190 44.22 -27.67 31.30
CA CYS D 190 43.73 -26.30 31.28
C CYS D 190 42.62 -26.19 32.31
N GLU D 191 42.67 -25.12 33.10
CA GLU D 191 41.69 -24.87 34.15
C GLU D 191 40.94 -23.59 33.85
N VAL D 192 39.62 -23.62 34.00
CA VAL D 192 38.76 -22.50 33.65
C VAL D 192 38.21 -21.86 34.92
N THR D 193 37.92 -20.57 34.83
CA THR D 193 37.37 -19.80 35.95
C THR D 193 36.29 -18.88 35.40
N HIS D 194 35.04 -19.30 35.52
CA HIS D 194 33.91 -18.54 35.02
C HIS D 194 32.99 -18.19 36.17
N GLN D 195 32.10 -17.22 35.92
CA GLN D 195 31.14 -16.83 36.95
C GLN D 195 30.16 -17.96 37.25
N GLY D 196 29.71 -18.67 36.20
CA GLY D 196 28.72 -19.72 36.36
C GLY D 196 29.27 -21.02 36.91
N LEU D 197 30.46 -20.99 37.50
CA LEU D 197 31.10 -22.15 38.10
C LEU D 197 31.41 -21.84 39.55
N SER D 198 30.77 -22.57 40.47
CA SER D 198 31.09 -22.44 41.89
C SER D 198 32.53 -22.84 42.16
N LEU D 199 32.94 -23.99 41.63
CA LEU D 199 34.31 -24.48 41.71
C LEU D 199 34.91 -24.56 40.31
N PRO D 200 36.19 -24.23 40.15
CA PRO D 200 36.81 -24.26 38.81
C PRO D 200 36.85 -25.67 38.23
N VAL D 201 36.90 -25.73 36.90
CA VAL D 201 36.89 -26.98 36.16
C VAL D 201 38.23 -27.17 35.48
N THR D 202 38.84 -28.34 35.67
CA THR D 202 40.13 -28.68 35.08
C THR D 202 39.94 -29.82 34.10
N LYS D 203 40.46 -29.64 32.88
CA LYS D 203 40.46 -30.68 31.86
C LYS D 203 41.92 -31.01 31.54
N SER D 204 42.32 -32.25 31.83
CA SER D 204 43.70 -32.68 31.70
C SER D 204 43.78 -33.87 30.75
N PHE D 205 45.00 -34.19 30.31
CA PHE D 205 45.24 -35.36 29.49
C PHE D 205 46.70 -35.76 29.60
N ASN D 206 46.96 -37.03 29.29
CA ASN D 206 48.31 -37.56 29.15
C ASN D 206 48.37 -38.43 27.91
N ARG D 207 49.57 -38.61 27.39
CA ARG D 207 49.79 -39.42 26.19
C ARG D 207 49.50 -40.89 26.46
N ALA E 1 -8.08 -11.59 10.77
CA ALA E 1 -8.45 -12.28 9.53
C ALA E 1 -9.93 -12.65 9.55
N VAL E 2 -10.56 -12.61 8.38
CA VAL E 2 -11.98 -12.94 8.29
C VAL E 2 -12.16 -14.41 8.62
N THR E 3 -12.96 -14.70 9.64
CA THR E 3 -13.29 -16.07 9.99
C THR E 3 -14.81 -16.20 10.05
N LEU E 4 -15.29 -17.37 9.66
CA LEU E 4 -16.73 -17.67 9.71
C LEU E 4 -16.88 -19.06 10.34
N ASP E 5 -16.95 -19.09 11.67
CA ASP E 5 -17.11 -20.34 12.40
C ASP E 5 -18.59 -20.75 12.43
N GLU E 6 -18.87 -21.98 11.99
CA GLU E 6 -20.23 -22.48 11.90
C GLU E 6 -20.48 -23.55 12.95
N SER E 7 -21.76 -23.87 13.13
CA SER E 7 -22.20 -24.89 14.09
C SER E 7 -23.67 -25.18 13.84
N GLY E 8 -24.18 -26.19 14.53
CA GLY E 8 -25.52 -26.65 14.26
C GLY E 8 -25.56 -27.72 13.18
N GLY E 9 -26.64 -27.76 12.41
CA GLY E 9 -26.76 -28.84 11.46
C GLY E 9 -26.91 -30.16 12.18
N GLY E 10 -26.55 -31.23 11.48
CA GLY E 10 -26.62 -32.55 12.05
C GLY E 10 -27.63 -33.42 11.33
N LEU E 11 -28.20 -34.37 12.06
CA LEU E 11 -29.08 -35.39 11.50
C LEU E 11 -30.50 -35.14 11.99
N GLN E 12 -31.46 -35.08 11.07
CA GLN E 12 -32.87 -34.91 11.42
C GLN E 12 -33.73 -35.82 10.54
N THR E 13 -34.90 -36.20 11.06
CA THR E 13 -35.88 -36.85 10.21
C THR E 13 -36.61 -35.83 9.35
N PRO E 14 -37.19 -36.25 8.22
CA PRO E 14 -37.93 -35.29 7.39
C PRO E 14 -39.14 -34.73 8.14
N GLY E 15 -39.40 -33.45 7.91
CA GLY E 15 -40.48 -32.77 8.62
C GLY E 15 -40.07 -32.08 9.89
N GLY E 16 -38.85 -32.29 10.38
CA GLY E 16 -38.38 -31.68 11.60
C GLY E 16 -37.52 -30.48 11.28
N GLY E 17 -36.95 -29.89 12.32
CA GLY E 17 -36.16 -28.72 12.05
C GLY E 17 -34.70 -28.85 12.43
N LEU E 18 -33.89 -27.94 11.90
CA LEU E 18 -32.48 -27.82 12.28
C LEU E 18 -32.09 -26.36 12.13
N SER E 19 -31.16 -25.94 12.96
CA SER E 19 -30.66 -24.57 12.94
C SER E 19 -29.16 -24.58 12.74
N LEU E 20 -28.68 -23.66 11.90
CA LEU E 20 -27.26 -23.43 11.74
C LEU E 20 -26.93 -22.01 12.18
N VAL E 21 -25.77 -21.86 12.80
CA VAL E 21 -25.29 -20.57 13.30
C VAL E 21 -23.91 -20.33 12.72
N CYS E 22 -23.61 -19.07 12.47
CA CYS E 22 -22.32 -18.65 11.93
C CYS E 22 -21.81 -17.49 12.76
N LYS E 23 -20.71 -17.73 13.49
CA LYS E 23 -20.08 -16.69 14.30
C LYS E 23 -18.95 -16.06 13.49
N ALA E 24 -19.08 -14.76 13.21
CA ALA E 24 -18.14 -14.07 12.35
C ALA E 24 -17.20 -13.21 13.19
N SER E 25 -15.94 -13.13 12.75
CA SER E 25 -14.97 -12.25 13.40
C SER E 25 -13.98 -11.75 12.35
N GLY E 26 -13.15 -10.80 12.76
CA GLY E 26 -12.15 -10.26 11.86
C GLY E 26 -12.62 -9.14 10.95
N PHE E 27 -13.85 -8.67 11.12
CA PHE E 27 -14.38 -7.59 10.29
C PHE E 27 -15.62 -7.03 10.97
N THR E 28 -15.98 -5.80 10.59
CA THR E 28 -17.17 -5.16 11.16
C THR E 28 -18.40 -5.84 10.61
N PHE E 29 -19.01 -6.71 11.43
CA PHE E 29 -20.08 -7.58 10.95
C PHE E 29 -21.25 -6.78 10.39
N SER E 30 -21.63 -5.69 11.06
CA SER E 30 -22.84 -4.97 10.68
C SER E 30 -22.71 -4.22 9.36
N ASP E 31 -21.54 -4.26 8.71
CA ASP E 31 -21.33 -3.55 7.45
C ASP E 31 -21.57 -4.40 6.21
N TYR E 32 -21.77 -5.70 6.36
CA TYR E 32 -21.76 -6.60 5.22
C TYR E 32 -23.02 -7.45 5.22
N GLY E 33 -23.56 -7.70 4.03
CA GLY E 33 -24.61 -8.67 3.88
C GLY E 33 -24.07 -10.08 4.09
N MET E 34 -24.95 -10.97 4.54
CA MET E 34 -24.56 -12.33 4.82
C MET E 34 -25.58 -13.27 4.19
N GLY E 35 -25.16 -14.51 3.98
CA GLY E 35 -26.06 -15.47 3.38
C GLY E 35 -25.59 -16.88 3.68
N TRP E 36 -26.39 -17.84 3.23
CA TRP E 36 -26.06 -19.25 3.37
C TRP E 36 -26.18 -19.93 2.03
N VAL E 37 -25.21 -20.78 1.72
CA VAL E 37 -25.15 -21.52 0.47
C VAL E 37 -25.02 -23.00 0.82
N ARG E 38 -25.56 -23.86 -0.04
CA ARG E 38 -25.53 -25.29 0.24
C ARG E 38 -25.13 -26.05 -1.00
N GLN E 39 -24.74 -27.31 -0.77
CA GLN E 39 -24.28 -28.17 -1.84
C GLN E 39 -24.66 -29.61 -1.50
N ALA E 40 -25.55 -30.20 -2.30
CA ALA E 40 -25.94 -31.59 -2.08
C ALA E 40 -24.82 -32.51 -2.50
N PRO E 41 -24.77 -33.72 -1.95
CA PRO E 41 -23.67 -34.64 -2.30
C PRO E 41 -23.50 -34.79 -3.81
N ASP E 42 -22.26 -34.54 -4.27
CA ASP E 42 -21.80 -34.58 -5.67
C ASP E 42 -22.52 -33.60 -6.60
N LYS E 43 -23.26 -32.62 -6.06
CA LYS E 43 -23.90 -31.64 -6.93
C LYS E 43 -23.23 -30.28 -6.72
N GLY E 44 -23.90 -29.21 -7.18
CA GLY E 44 -23.32 -27.90 -7.22
C GLY E 44 -23.84 -26.98 -6.13
N LEU E 45 -23.25 -25.79 -6.07
CA LEU E 45 -23.65 -24.81 -5.09
C LEU E 45 -25.07 -24.34 -5.35
N GLU E 46 -25.78 -23.99 -4.27
CA GLU E 46 -27.18 -23.59 -4.36
C GLU E 46 -27.45 -22.60 -3.25
N TRP E 47 -27.98 -21.43 -3.62
CA TRP E 47 -28.22 -20.39 -2.64
C TRP E 47 -29.40 -20.75 -1.76
N VAL E 48 -29.24 -20.53 -0.47
CA VAL E 48 -30.31 -20.80 0.48
C VAL E 48 -30.98 -19.50 0.89
N ALA E 49 -30.21 -18.57 1.45
CA ALA E 49 -30.80 -17.42 2.10
C ALA E 49 -29.77 -16.31 2.18
N GLY E 50 -30.28 -15.07 2.21
CA GLY E 50 -29.43 -13.93 2.41
C GLY E 50 -30.17 -12.89 3.22
N ILE E 51 -29.41 -12.06 3.93
CA ILE E 51 -29.98 -11.05 4.80
C ILE E 51 -29.20 -9.75 4.64
N TYR E 52 -29.93 -8.64 4.60
CA TYR E 52 -29.32 -7.34 4.40
C TYR E 52 -28.64 -6.87 5.69
N THR E 53 -27.93 -5.75 5.60
CA THR E 53 -27.14 -5.28 6.73
C THR E 53 -28.02 -4.81 7.88
N THR E 54 -29.16 -4.19 7.57
CA THR E 54 -30.04 -3.71 8.64
C THR E 54 -30.68 -4.86 9.41
N GLY E 55 -30.72 -6.07 8.84
CA GLY E 55 -31.31 -7.21 9.49
C GLY E 55 -32.81 -7.37 9.27
N SER E 56 -33.45 -6.42 8.61
CA SER E 56 -34.90 -6.44 8.39
C SER E 56 -35.27 -6.77 6.97
N GLY E 57 -34.32 -7.26 6.17
CA GLY E 57 -34.59 -7.59 4.79
C GLY E 57 -33.94 -8.89 4.40
N THR E 58 -34.74 -9.86 3.96
CA THR E 58 -34.25 -11.20 3.67
C THR E 58 -34.79 -11.68 2.33
N ARG E 59 -34.08 -12.66 1.75
CA ARG E 59 -34.52 -13.34 0.55
C ARG E 59 -34.11 -14.80 0.65
N TYR E 60 -34.82 -15.64 -0.08
CA TYR E 60 -34.65 -17.08 0.02
C TYR E 60 -34.65 -17.70 -1.37
N GLY E 61 -33.90 -18.80 -1.51
CA GLY E 61 -33.94 -19.54 -2.75
C GLY E 61 -35.24 -20.31 -2.91
N ALA E 62 -35.52 -20.70 -4.15
CA ALA E 62 -36.82 -21.28 -4.46
C ALA E 62 -37.01 -22.65 -3.80
N ALA E 63 -35.92 -23.38 -3.55
CA ALA E 63 -36.06 -24.71 -2.97
C ALA E 63 -36.42 -24.66 -1.49
N VAL E 64 -36.05 -23.58 -0.79
CA VAL E 64 -36.28 -23.45 0.64
C VAL E 64 -37.31 -22.38 0.98
N LYS E 65 -37.79 -21.62 -0.01
CA LYS E 65 -38.77 -20.57 0.27
C LYS E 65 -39.96 -21.15 1.02
N GLY E 66 -40.30 -20.52 2.14
CA GLY E 66 -41.39 -20.99 2.96
C GLY E 66 -40.97 -22.00 4.02
N ARG E 67 -39.74 -22.49 4.00
CA ARG E 67 -39.28 -23.45 4.99
C ARG E 67 -38.02 -22.99 5.71
N ALA E 68 -37.51 -21.80 5.41
CA ALA E 68 -36.24 -21.32 5.92
C ALA E 68 -36.43 -19.90 6.44
N THR E 69 -35.75 -19.59 7.54
CA THR E 69 -35.76 -18.24 8.11
C THR E 69 -34.34 -17.89 8.50
N ILE E 70 -33.84 -16.76 7.98
CA ILE E 70 -32.50 -16.29 8.30
C ILE E 70 -32.63 -15.03 9.16
N SER E 71 -31.71 -14.87 10.11
CA SER E 71 -31.69 -13.70 10.97
C SER E 71 -30.24 -13.41 11.33
N ARG E 72 -30.02 -12.28 11.99
CA ARG E 72 -28.66 -11.90 12.35
C ARG E 72 -28.70 -11.10 13.62
N ASP E 73 -27.63 -11.22 14.41
CA ASP E 73 -27.48 -10.52 15.68
C ASP E 73 -26.19 -9.71 15.58
N ASN E 74 -26.32 -8.42 15.25
CA ASN E 74 -25.13 -7.61 15.00
C ASN E 74 -24.32 -7.38 16.26
N GLY E 75 -24.97 -7.37 17.43
CA GLY E 75 -24.24 -7.31 18.69
C GLY E 75 -23.41 -8.55 18.97
N GLN E 76 -23.78 -9.69 18.40
CA GLN E 76 -23.07 -10.94 18.64
C GLN E 76 -22.26 -11.39 17.43
N SER E 77 -22.29 -10.64 16.33
CA SER E 77 -21.59 -10.99 15.09
C SER E 77 -21.96 -12.41 14.64
N THR E 78 -23.23 -12.76 14.80
CA THR E 78 -23.74 -14.05 14.38
C THR E 78 -24.84 -13.87 13.33
N VAL E 79 -25.02 -14.91 12.51
CA VAL E 79 -26.14 -15.02 11.60
C VAL E 79 -26.66 -16.45 11.70
N ARG E 80 -27.98 -16.60 11.79
CA ARG E 80 -28.63 -17.87 12.10
CA ARG E 80 -28.62 -17.87 12.10
C ARG E 80 -29.53 -18.29 10.95
N LEU E 81 -29.57 -19.59 10.67
CA LEU E 81 -30.47 -20.14 9.66
C LEU E 81 -31.34 -21.19 10.33
N GLN E 82 -32.67 -21.01 10.25
CA GLN E 82 -33.61 -22.00 10.76
C GLN E 82 -34.23 -22.73 9.58
N LEU E 83 -34.04 -24.04 9.54
CA LEU E 83 -34.62 -24.89 8.50
C LEU E 83 -35.74 -25.70 9.12
N ASN E 84 -36.95 -25.53 8.60
CA ASN E 84 -38.12 -26.23 9.12
C ASN E 84 -38.69 -27.09 8.01
N ASN E 85 -39.52 -28.06 8.40
CA ASN E 85 -40.16 -28.97 7.46
C ASN E 85 -39.15 -29.57 6.48
N LEU E 86 -38.08 -30.14 7.04
CA LEU E 86 -37.00 -30.67 6.25
C LEU E 86 -37.48 -31.82 5.36
N ARG E 87 -36.85 -31.93 4.18
CA ARG E 87 -37.02 -33.02 3.24
C ARG E 87 -35.64 -33.64 2.99
N ALA E 88 -35.64 -34.84 2.41
CA ALA E 88 -34.36 -35.53 2.20
C ALA E 88 -33.45 -34.74 1.26
N GLU E 89 -34.03 -34.09 0.24
CA GLU E 89 -33.23 -33.30 -0.69
C GLU E 89 -32.52 -32.13 -0.03
N ASP E 90 -32.83 -31.82 1.25
CA ASP E 90 -32.09 -30.79 1.98
C ASP E 90 -30.75 -31.28 2.51
N THR E 91 -30.45 -32.57 2.34
CA THR E 91 -29.18 -33.13 2.79
C THR E 91 -28.02 -32.49 2.02
N GLY E 92 -27.00 -32.03 2.74
CA GLY E 92 -25.85 -31.49 2.05
C GLY E 92 -24.94 -30.74 3.01
N THR E 93 -23.92 -30.11 2.42
CA THR E 93 -23.01 -29.21 3.12
C THR E 93 -23.54 -27.78 3.01
N TYR E 94 -23.59 -27.09 4.16
CA TYR E 94 -24.08 -25.72 4.25
C TYR E 94 -22.93 -24.79 4.62
N TYR E 95 -22.73 -23.73 3.85
CA TYR E 95 -21.63 -22.79 4.05
C TYR E 95 -22.16 -21.40 4.37
N CYS E 96 -21.58 -20.78 5.40
CA CYS E 96 -21.78 -19.35 5.62
C CYS E 96 -21.09 -18.60 4.49
N ALA E 97 -21.67 -17.47 4.08
CA ALA E 97 -21.13 -16.68 2.98
C ALA E 97 -21.16 -15.20 3.36
N LYS E 98 -20.01 -14.55 3.24
CA LYS E 98 -19.90 -13.12 3.54
C LYS E 98 -19.87 -12.33 2.24
N SER E 99 -20.60 -11.22 2.22
CA SER E 99 -20.65 -10.40 1.03
C SER E 99 -19.59 -9.29 1.09
N THR E 100 -19.23 -8.79 -0.09
CA THR E 100 -18.25 -7.71 -0.14
C THR E 100 -18.86 -6.39 0.30
N GLY E 101 -20.15 -6.19 0.04
CA GLY E 101 -20.84 -4.98 0.40
C GLY E 101 -22.05 -5.27 1.26
N ARG E 102 -23.03 -4.35 1.20
CA ARG E 102 -24.24 -4.47 2.00
C ARG E 102 -25.23 -5.48 1.43
N ASP E 103 -25.20 -5.72 0.12
CA ASP E 103 -26.13 -6.65 -0.48
C ASP E 103 -25.70 -8.08 -0.19
N TYR E 104 -26.47 -9.03 -0.70
CA TYR E 104 -26.15 -10.45 -0.57
C TYR E 104 -26.21 -11.16 -1.91
N TYR E 105 -26.05 -10.41 -3.02
CA TYR E 105 -26.08 -11.02 -4.33
C TYR E 105 -24.87 -11.91 -4.54
N GLY E 106 -24.99 -12.81 -5.54
CA GLY E 106 -23.98 -13.83 -5.73
C GLY E 106 -22.63 -13.28 -6.16
N GLY E 107 -22.61 -12.16 -6.89
CA GLY E 107 -21.37 -11.68 -7.47
C GLY E 107 -20.40 -11.09 -6.47
N GLY E 108 -20.82 -10.89 -5.22
CA GLY E 108 -19.99 -10.18 -4.26
C GLY E 108 -19.55 -11.00 -3.07
N ILE E 109 -19.89 -12.29 -3.05
CA ILE E 109 -19.44 -13.18 -1.99
C ILE E 109 -17.93 -13.25 -2.02
N ASP E 110 -17.28 -12.85 -0.92
CA ASP E 110 -15.83 -12.85 -0.88
C ASP E 110 -15.22 -13.75 0.18
N ALA E 111 -16.02 -14.32 1.09
CA ALA E 111 -15.49 -15.21 2.10
C ALA E 111 -16.48 -16.32 2.35
N TRP E 112 -15.96 -17.52 2.62
CA TRP E 112 -16.76 -18.72 2.78
C TRP E 112 -16.37 -19.47 4.04
N GLY E 113 -17.36 -20.01 4.73
CA GLY E 113 -17.09 -20.79 5.91
C GLY E 113 -16.74 -22.22 5.59
N HIS E 114 -16.26 -22.93 6.61
CA HIS E 114 -15.77 -24.29 6.40
C HIS E 114 -16.87 -25.21 5.87
N GLY E 115 -18.08 -25.07 6.38
CA GLY E 115 -19.15 -25.94 5.91
C GLY E 115 -19.62 -26.90 6.99
N THR E 116 -20.93 -27.00 7.15
CA THR E 116 -21.56 -27.88 8.13
C THR E 116 -22.41 -28.90 7.40
N GLU E 117 -22.40 -30.14 7.89
CA GLU E 117 -23.16 -31.19 7.25
C GLU E 117 -24.57 -31.23 7.82
N VAL E 118 -25.55 -31.39 6.94
CA VAL E 118 -26.93 -31.57 7.33
C VAL E 118 -27.44 -32.84 6.65
N ILE E 119 -27.96 -33.78 7.44
CA ILE E 119 -28.42 -35.06 6.91
C ILE E 119 -29.89 -35.19 7.26
N VAL E 120 -30.72 -35.44 6.26
CA VAL E 120 -32.16 -35.57 6.45
C VAL E 120 -32.59 -36.92 5.92
N SER E 121 -33.08 -37.79 6.80
CA SER E 121 -33.37 -39.16 6.41
C SER E 121 -34.31 -39.77 7.41
N SER E 122 -35.10 -40.74 6.95
CA SER E 122 -35.95 -41.55 7.83
C SER E 122 -35.25 -42.81 8.30
N ALA E 123 -34.06 -43.10 7.81
CA ALA E 123 -33.39 -44.35 8.15
C ALA E 123 -33.04 -44.37 9.64
N SER E 124 -33.01 -45.56 10.21
CA SER E 124 -32.54 -45.76 11.58
C SER E 124 -31.05 -46.08 11.56
N THR E 125 -30.36 -45.66 12.63
CA THR E 125 -28.93 -45.95 12.75
C THR E 125 -28.70 -47.44 12.66
N LYS E 126 -27.79 -47.86 11.79
CA LYS E 126 -27.59 -49.29 11.54
C LYS E 126 -26.13 -49.53 11.18
N GLY E 127 -25.57 -50.63 11.67
CA GLY E 127 -24.23 -51.02 11.33
C GLY E 127 -24.14 -51.74 9.99
N PRO E 128 -22.95 -51.77 9.41
CA PRO E 128 -22.80 -52.36 8.08
C PRO E 128 -22.69 -53.87 8.13
N SER E 129 -22.99 -54.47 6.99
CA SER E 129 -22.53 -55.81 6.67
C SER E 129 -21.27 -55.68 5.81
N VAL E 130 -20.31 -56.55 6.04
CA VAL E 130 -19.04 -56.52 5.34
C VAL E 130 -18.87 -57.82 4.57
N PHE E 131 -18.63 -57.70 3.26
CA PHE E 131 -18.45 -58.87 2.42
C PHE E 131 -17.12 -58.81 1.69
N PRO E 132 -16.46 -59.94 1.47
CA PRO E 132 -15.19 -59.93 0.76
C PRO E 132 -15.36 -59.74 -0.74
N LEU E 133 -14.48 -58.93 -1.33
CA LEU E 133 -14.24 -58.92 -2.77
C LEU E 133 -12.99 -59.78 -2.98
N ALA E 134 -13.20 -61.06 -3.20
CA ALA E 134 -12.10 -62.02 -3.16
C ALA E 134 -11.27 -61.92 -4.44
N PRO E 135 -9.95 -62.07 -4.31
CA PRO E 135 -9.07 -61.94 -5.48
C PRO E 135 -9.39 -63.01 -6.52
N SER E 136 -9.65 -62.56 -7.74
CA SER E 136 -10.10 -63.44 -8.81
C SER E 136 -9.07 -64.52 -9.10
N SER E 137 -9.55 -65.71 -9.45
CA SER E 137 -8.66 -66.81 -9.82
C SER E 137 -7.94 -66.56 -11.14
N LYS E 138 -8.46 -65.65 -11.97
CA LYS E 138 -7.79 -65.32 -13.22
C LYS E 138 -6.46 -64.62 -12.94
N SER E 139 -5.65 -64.48 -14.00
CA SER E 139 -4.33 -63.85 -13.91
C SER E 139 -4.46 -62.36 -13.64
N THR E 140 -5.70 -61.86 -13.62
CA THR E 140 -6.01 -60.45 -13.43
C THR E 140 -5.16 -59.56 -14.32
N SER E 141 -4.18 -58.86 -13.74
CA SER E 141 -3.40 -57.86 -14.48
C SER E 141 -1.93 -57.97 -14.05
N GLY E 142 -1.13 -58.64 -14.88
CA GLY E 142 0.32 -58.60 -14.81
C GLY E 142 0.99 -58.92 -13.48
N GLY E 143 0.60 -60.02 -12.85
CA GLY E 143 1.22 -60.44 -11.60
C GLY E 143 0.73 -59.74 -10.35
N THR E 144 -0.06 -58.68 -10.47
CA THR E 144 -0.67 -58.03 -9.32
C THR E 144 -2.15 -58.42 -9.25
N ALA E 145 -2.62 -58.68 -8.04
CA ALA E 145 -4.01 -59.06 -7.82
C ALA E 145 -4.72 -57.98 -7.03
N ALA E 146 -6.03 -57.90 -7.20
CA ALA E 146 -6.83 -56.95 -6.45
C ALA E 146 -7.80 -57.71 -5.56
N LEU E 147 -8.13 -57.09 -4.43
CA LEU E 147 -9.09 -57.67 -3.51
C LEU E 147 -9.62 -56.53 -2.68
N GLY E 148 -10.69 -56.81 -1.95
CA GLY E 148 -11.24 -55.79 -1.09
C GLY E 148 -12.35 -56.36 -0.25
N CYS E 149 -13.13 -55.44 0.33
CA CYS E 149 -14.34 -55.84 1.03
C CYS E 149 -15.42 -54.81 0.73
N LEU E 150 -16.65 -55.31 0.62
CA LEU E 150 -17.80 -54.49 0.29
C LEU E 150 -18.53 -54.19 1.59
N VAL E 151 -18.54 -52.92 1.97
CA VAL E 151 -19.14 -52.47 3.22
C VAL E 151 -20.53 -51.97 2.89
N LYS E 152 -21.56 -52.69 3.33
CA LYS E 152 -22.89 -52.47 2.77
C LYS E 152 -23.93 -52.24 3.86
N ASP E 153 -24.85 -51.32 3.58
CA ASP E 153 -26.10 -51.16 4.31
C ASP E 153 -25.93 -50.57 5.70
N TYR E 154 -25.33 -49.38 5.79
CA TYR E 154 -25.18 -48.73 7.08
C TYR E 154 -25.75 -47.33 6.98
N PHE E 155 -26.08 -46.77 8.14
CA PHE E 155 -26.56 -45.40 8.24
C PHE E 155 -26.35 -44.94 9.67
N PRO E 156 -25.90 -43.70 9.89
CA PRO E 156 -25.47 -42.76 8.86
C PRO E 156 -24.00 -42.93 8.56
N GLU E 157 -23.47 -42.08 7.69
CA GLU E 157 -22.04 -41.96 7.54
C GLU E 157 -21.44 -41.45 8.85
N PRO E 158 -20.13 -41.65 9.05
CA PRO E 158 -19.17 -42.33 8.17
C PRO E 158 -18.71 -43.69 8.70
N VAL E 159 -18.23 -44.56 7.83
CA VAL E 159 -17.39 -45.70 8.22
C VAL E 159 -15.95 -45.38 7.81
N THR E 160 -15.02 -45.96 8.55
CA THR E 160 -13.62 -45.97 8.15
C THR E 160 -13.18 -47.41 7.96
N VAL E 161 -12.35 -47.64 6.94
CA VAL E 161 -11.81 -48.95 6.61
C VAL E 161 -10.29 -48.85 6.65
N SER E 162 -9.67 -49.75 7.41
CA SER E 162 -8.23 -49.97 7.34
C SER E 162 -7.97 -51.41 6.92
N TRP E 163 -6.71 -51.71 6.59
CA TRP E 163 -6.31 -53.06 6.22
C TRP E 163 -5.17 -53.50 7.12
N ASN E 164 -5.25 -54.75 7.59
CA ASN E 164 -4.28 -55.33 8.53
C ASN E 164 -3.94 -54.35 9.65
N SER E 165 -4.98 -53.74 10.21
CA SER E 165 -4.87 -52.88 11.38
C SER E 165 -3.94 -51.68 11.14
N GLY E 166 -3.90 -51.20 9.91
CA GLY E 166 -3.04 -50.08 9.57
C GLY E 166 -1.70 -50.46 8.99
N ALA E 167 -1.35 -51.75 8.97
CA ALA E 167 -0.07 -52.19 8.44
C ALA E 167 -0.04 -52.26 6.91
N LEU E 168 -1.16 -52.01 6.24
CA LEU E 168 -1.22 -52.03 4.78
C LEU E 168 -1.90 -50.76 4.31
N THR E 169 -1.17 -49.90 3.61
CA THR E 169 -1.70 -48.62 3.16
C THR E 169 -1.39 -48.38 1.70
N SER E 170 -0.30 -48.97 1.22
CA SER E 170 0.11 -48.79 -0.17
C SER E 170 -0.85 -49.49 -1.12
N GLY E 171 -1.45 -48.73 -2.03
CA GLY E 171 -2.35 -49.29 -3.02
C GLY E 171 -3.78 -49.45 -2.59
N VAL E 172 -4.15 -48.91 -1.44
CA VAL E 172 -5.50 -49.00 -0.93
C VAL E 172 -6.34 -47.88 -1.52
N HIS E 173 -7.58 -48.20 -1.90
CA HIS E 173 -8.52 -47.20 -2.38
C HIS E 173 -9.86 -47.44 -1.69
N THR E 174 -10.27 -46.52 -0.84
CA THR E 174 -11.53 -46.63 -0.13
C THR E 174 -12.50 -45.64 -0.78
N PHE E 175 -13.45 -46.15 -1.54
CA PHE E 175 -14.23 -45.25 -2.36
C PHE E 175 -15.22 -44.47 -1.52
N PRO E 176 -15.62 -43.27 -1.97
CA PRO E 176 -16.65 -42.52 -1.25
C PRO E 176 -17.93 -43.32 -1.18
N ALA E 177 -18.68 -43.12 -0.10
CA ALA E 177 -19.91 -43.87 0.08
C ALA E 177 -20.96 -43.46 -0.96
N VAL E 178 -21.93 -44.34 -1.15
CA VAL E 178 -23.01 -44.13 -2.10
C VAL E 178 -24.33 -44.33 -1.35
N LEU E 179 -25.25 -43.39 -1.49
CA LEU E 179 -26.57 -43.54 -0.89
C LEU E 179 -27.42 -44.43 -1.78
N GLN E 180 -27.97 -45.50 -1.23
CA GLN E 180 -28.75 -46.45 -2.01
C GLN E 180 -30.24 -46.10 -1.95
N SER E 181 -31.02 -46.72 -2.84
CA SER E 181 -32.45 -46.47 -2.87
C SER E 181 -33.13 -46.86 -1.57
N SER E 182 -32.52 -47.75 -0.77
CA SER E 182 -33.09 -48.14 0.50
C SER E 182 -32.97 -47.07 1.57
N GLY E 183 -32.15 -46.06 1.36
CA GLY E 183 -31.84 -45.10 2.39
C GLY E 183 -30.49 -45.33 3.06
N LEU E 184 -29.86 -46.47 2.81
CA LEU E 184 -28.66 -46.87 3.50
C LEU E 184 -27.46 -46.74 2.58
N TYR E 185 -26.31 -46.44 3.18
CA TYR E 185 -25.11 -46.21 2.39
C TYR E 185 -24.38 -47.52 2.15
N SER E 186 -23.45 -47.48 1.19
CA SER E 186 -22.47 -48.55 1.04
C SER E 186 -21.26 -47.99 0.34
N LEU E 187 -20.13 -48.66 0.55
CA LEU E 187 -18.89 -48.34 -0.14
C LEU E 187 -18.08 -49.60 -0.27
N SER E 188 -17.05 -49.54 -1.12
CA SER E 188 -16.07 -50.59 -1.28
C SER E 188 -14.70 -50.05 -0.92
N SER E 189 -13.92 -50.86 -0.23
CA SER E 189 -12.50 -50.61 -0.06
C SER E 189 -11.76 -51.72 -0.77
N VAL E 190 -10.88 -51.36 -1.70
CA VAL E 190 -10.13 -52.32 -2.48
C VAL E 190 -8.66 -52.06 -2.24
N VAL E 191 -7.83 -52.96 -2.72
CA VAL E 191 -6.40 -52.85 -2.57
C VAL E 191 -5.74 -53.82 -3.54
N THR E 192 -4.65 -53.39 -4.16
CA THR E 192 -3.88 -54.20 -5.08
C THR E 192 -2.64 -54.71 -4.37
N VAL E 193 -2.28 -55.97 -4.64
CA VAL E 193 -1.18 -56.62 -3.96
C VAL E 193 -0.49 -57.56 -4.92
N PRO E 194 0.77 -57.90 -4.66
CA PRO E 194 1.42 -58.93 -5.47
C PRO E 194 0.65 -60.23 -5.38
N SER E 195 0.41 -60.86 -6.54
CA SER E 195 -0.39 -62.08 -6.56
C SER E 195 0.37 -63.30 -6.05
N SER E 196 1.69 -63.19 -5.86
CA SER E 196 2.45 -64.28 -5.27
C SER E 196 2.30 -64.35 -3.75
N SER E 197 1.67 -63.35 -3.13
CA SER E 197 1.50 -63.32 -1.68
C SER E 197 0.11 -63.71 -1.23
N LEU E 198 -0.78 -64.06 -2.17
CA LEU E 198 -2.15 -64.41 -1.81
C LEU E 198 -2.19 -65.65 -0.94
N GLY E 199 -1.39 -66.66 -1.27
CA GLY E 199 -1.31 -67.86 -0.47
C GLY E 199 -0.40 -67.77 0.74
N THR E 200 0.29 -66.65 0.92
CA THR E 200 1.16 -66.41 2.06
C THR E 200 0.56 -65.42 3.03
N GLN E 201 0.38 -64.17 2.60
CA GLN E 201 -0.11 -63.11 3.48
C GLN E 201 -1.61 -63.19 3.62
N THR E 202 -2.08 -63.05 4.86
CA THR E 202 -3.51 -62.90 5.14
C THR E 202 -3.87 -61.42 5.07
N TYR E 203 -5.08 -61.15 4.56
CA TYR E 203 -5.55 -59.78 4.36
C TYR E 203 -6.88 -59.60 5.08
N ILE E 204 -6.88 -58.75 6.10
CA ILE E 204 -8.08 -58.43 6.88
C ILE E 204 -8.41 -56.97 6.66
N CYS E 205 -9.67 -56.67 6.34
CA CYS E 205 -10.13 -55.29 6.35
C CYS E 205 -10.85 -55.04 7.66
N ASN E 206 -10.50 -53.95 8.32
CA ASN E 206 -11.07 -53.57 9.61
C ASN E 206 -12.02 -52.42 9.36
N VAL E 207 -13.31 -52.64 9.67
CA VAL E 207 -14.37 -51.71 9.34
C VAL E 207 -14.91 -51.12 10.63
N ASN E 208 -14.99 -49.79 10.69
CA ASN E 208 -15.42 -49.09 11.90
C ASN E 208 -16.61 -48.22 11.56
N HIS E 209 -17.69 -48.40 12.32
CA HIS E 209 -18.90 -47.58 12.17
C HIS E 209 -19.21 -46.99 13.53
N LYS E 210 -18.59 -45.85 13.83
CA LYS E 210 -18.78 -45.22 15.12
C LYS E 210 -20.23 -44.87 15.44
N PRO E 211 -21.05 -44.38 14.50
CA PRO E 211 -22.44 -44.03 14.89
C PRO E 211 -23.22 -45.16 15.52
N SER E 212 -23.08 -46.40 15.03
CA SER E 212 -23.75 -47.53 15.67
C SER E 212 -22.86 -48.27 16.66
N ASN E 213 -21.61 -47.85 16.81
CA ASN E 213 -20.66 -48.46 17.76
C ASN E 213 -20.36 -49.91 17.36
N THR E 214 -20.05 -50.09 16.07
CA THR E 214 -19.90 -51.40 15.44
C THR E 214 -18.55 -51.50 14.76
N LYS E 215 -17.79 -52.53 15.11
CA LYS E 215 -16.55 -52.88 14.43
C LYS E 215 -16.67 -54.28 13.81
N VAL E 216 -16.10 -54.45 12.62
CA VAL E 216 -16.13 -55.72 11.90
C VAL E 216 -14.75 -55.97 11.30
N ASP E 217 -14.21 -57.16 11.50
CA ASP E 217 -13.00 -57.61 10.82
C ASP E 217 -13.35 -58.73 9.85
N LYS E 218 -12.86 -58.62 8.61
CA LYS E 218 -13.21 -59.56 7.56
C LYS E 218 -11.93 -60.04 6.89
N LYS E 219 -11.57 -61.29 7.11
CA LYS E 219 -10.48 -61.91 6.36
C LYS E 219 -10.92 -62.11 4.90
N VAL E 220 -10.08 -61.68 3.97
CA VAL E 220 -10.39 -61.76 2.54
C VAL E 220 -9.45 -62.77 1.91
N GLU E 221 -10.02 -63.85 1.39
CA GLU E 221 -9.27 -65.00 0.90
C GLU E 221 -9.74 -65.38 -0.50
N PRO E 222 -8.89 -66.06 -1.27
CA PRO E 222 -9.33 -66.57 -2.57
C PRO E 222 -10.45 -67.59 -2.41
N LYS E 223 -11.19 -67.81 -3.49
CA LYS E 223 -12.30 -68.76 -3.48
C LYS E 223 -11.80 -70.20 -3.41
N ALA F 1 -30.18 -19.74 -12.58
CA ALA F 1 -30.41 -19.92 -14.01
C ALA F 1 -29.19 -19.43 -14.81
N LEU F 2 -28.01 -19.56 -14.24
CA LEU F 2 -26.79 -19.21 -14.94
C LEU F 2 -26.34 -20.37 -15.83
N THR F 3 -25.78 -20.03 -16.98
CA THR F 3 -25.30 -20.99 -17.95
C THR F 3 -23.79 -20.89 -18.02
N GLN F 4 -23.12 -22.02 -17.82
CA GLN F 4 -21.67 -22.11 -17.94
C GLN F 4 -21.34 -23.52 -18.38
N PRO F 5 -20.30 -23.69 -19.20
CA PRO F 5 -20.04 -25.03 -19.77
C PRO F 5 -19.69 -26.02 -18.68
N SER F 6 -19.92 -27.30 -18.99
CA SER F 6 -19.68 -28.35 -18.00
C SER F 6 -18.20 -28.57 -17.75
N SER F 7 -17.34 -28.27 -18.73
CA SER F 7 -15.94 -28.62 -18.61
C SER F 7 -15.11 -27.78 -19.56
N VAL F 8 -13.89 -27.47 -19.14
CA VAL F 8 -12.87 -26.88 -20.01
C VAL F 8 -11.57 -27.62 -19.75
N SER F 9 -10.79 -27.82 -20.80
CA SER F 9 -9.50 -28.50 -20.73
C SER F 9 -8.41 -27.53 -21.11
N ALA F 10 -7.44 -27.35 -20.23
CA ALA F 10 -6.26 -26.55 -20.54
C ALA F 10 -5.01 -27.40 -20.44
N ASN F 11 -3.89 -26.86 -20.92
CA ASN F 11 -2.57 -27.42 -20.72
C ASN F 11 -1.75 -26.49 -19.83
N PRO F 12 -0.78 -27.01 -19.09
CA PRO F 12 -0.04 -26.16 -18.15
C PRO F 12 0.65 -25.03 -18.88
N GLY F 13 0.52 -23.82 -18.34
CA GLY F 13 1.09 -22.65 -18.97
C GLY F 13 0.24 -22.00 -20.03
N GLY F 14 -0.95 -22.54 -20.31
CA GLY F 14 -1.84 -21.96 -21.30
C GLY F 14 -2.88 -21.04 -20.67
N THR F 15 -3.64 -20.38 -21.53
CA THR F 15 -4.71 -19.48 -21.11
C THR F 15 -6.04 -20.20 -21.28
N VAL F 16 -6.89 -20.11 -20.26
CA VAL F 16 -8.20 -20.75 -20.25
C VAL F 16 -9.26 -19.69 -19.97
N LYS F 17 -10.37 -19.76 -20.70
CA LYS F 17 -11.50 -18.88 -20.49
C LYS F 17 -12.74 -19.70 -20.16
N ILE F 18 -13.52 -19.21 -19.20
CA ILE F 18 -14.80 -19.81 -18.84
C ILE F 18 -15.86 -18.72 -18.87
N THR F 19 -16.94 -18.97 -19.62
CA THR F 19 -18.03 -18.01 -19.77
C THR F 19 -19.20 -18.35 -18.86
N CYS F 20 -19.99 -17.32 -18.55
CA CYS F 20 -21.17 -17.45 -17.72
C CYS F 20 -22.15 -16.40 -18.17
N SER F 21 -23.36 -16.81 -18.57
CA SER F 21 -24.40 -15.89 -18.96
C SER F 21 -25.63 -16.11 -18.08
N GLY F 22 -26.61 -15.20 -18.22
CA GLY F 22 -27.89 -15.35 -17.56
C GLY F 22 -28.07 -14.50 -16.31
N GLY F 23 -27.03 -13.81 -15.87
CA GLY F 23 -27.16 -12.95 -14.71
C GLY F 23 -27.65 -11.55 -15.06
N THR F 24 -28.26 -10.89 -14.07
CA THR F 24 -28.68 -9.51 -14.20
C THR F 24 -27.73 -8.54 -13.53
N TYR F 25 -27.11 -8.93 -12.43
CA TYR F 25 -26.15 -8.11 -11.71
C TYR F 25 -24.76 -8.71 -11.90
N SER F 26 -23.81 -8.27 -11.08
CA SER F 26 -22.41 -8.59 -11.30
C SER F 26 -22.17 -10.09 -11.17
N TYR F 27 -21.04 -10.53 -11.71
CA TYR F 27 -20.66 -11.94 -11.62
C TYR F 27 -19.45 -12.10 -10.73
N GLY F 28 -19.41 -13.23 -10.03
CA GLY F 28 -18.25 -13.62 -9.27
C GLY F 28 -17.94 -15.08 -9.57
N TRP F 29 -16.70 -15.47 -9.27
CA TRP F 29 -16.26 -16.83 -9.57
C TRP F 29 -15.65 -17.45 -8.33
N PHE F 30 -15.95 -18.73 -8.11
CA PHE F 30 -15.62 -19.40 -6.87
C PHE F 30 -14.96 -20.73 -7.18
N GLN F 31 -13.79 -20.94 -6.61
CA GLN F 31 -12.97 -22.12 -6.85
C GLN F 31 -13.22 -23.16 -5.76
N GLN F 32 -13.62 -24.37 -6.15
CA GLN F 32 -13.82 -25.45 -5.20
C GLN F 32 -12.99 -26.65 -5.66
N LYS F 33 -11.98 -27.01 -4.87
CA LYS F 33 -11.02 -28.02 -5.31
C LYS F 33 -11.49 -29.44 -5.00
N SER F 34 -12.52 -29.59 -4.19
CA SER F 34 -13.12 -30.90 -3.97
C SER F 34 -14.54 -30.67 -3.46
N PRO F 35 -15.51 -31.50 -3.86
CA PRO F 35 -16.90 -31.28 -3.42
C PRO F 35 -17.01 -31.37 -1.91
N GLY F 36 -17.77 -30.42 -1.34
CA GLY F 36 -17.98 -30.38 0.10
C GLY F 36 -17.00 -29.52 0.86
N SER F 37 -16.01 -28.94 0.18
CA SER F 37 -15.00 -28.09 0.78
C SER F 37 -15.32 -26.64 0.48
N ALA F 38 -14.88 -25.77 1.37
CA ALA F 38 -15.22 -24.36 1.24
C ALA F 38 -14.72 -23.84 -0.09
N PRO F 39 -15.55 -23.20 -0.90
CA PRO F 39 -15.06 -22.53 -2.10
C PRO F 39 -14.12 -21.39 -1.72
N VAL F 40 -13.40 -20.91 -2.72
CA VAL F 40 -12.51 -19.76 -2.59
C VAL F 40 -12.87 -18.77 -3.69
N THR F 41 -13.32 -17.58 -3.31
CA THR F 41 -13.63 -16.56 -4.30
C THR F 41 -12.36 -16.13 -4.99
N VAL F 42 -12.29 -16.30 -6.31
CA VAL F 42 -11.14 -15.83 -7.07
C VAL F 42 -11.42 -14.50 -7.80
N ILE F 43 -12.69 -14.17 -8.03
CA ILE F 43 -13.09 -12.92 -8.68
C ILE F 43 -14.47 -12.55 -8.13
N TYR F 44 -14.66 -11.27 -7.83
CA TYR F 44 -15.98 -10.81 -7.40
C TYR F 44 -16.24 -9.44 -8.02
N TRP F 45 -17.52 -9.08 -8.08
CA TRP F 45 -17.93 -7.83 -8.68
C TRP F 45 -17.31 -7.66 -10.08
N ASN F 46 -17.56 -8.65 -10.94
CA ASN F 46 -17.19 -8.63 -12.36
C ASN F 46 -15.68 -8.73 -12.61
N ASP F 47 -14.87 -7.86 -11.98
CA ASP F 47 -13.44 -7.87 -12.25
C ASP F 47 -12.55 -7.66 -11.02
N LYS F 48 -13.11 -7.56 -9.82
CA LYS F 48 -12.30 -7.35 -8.63
C LYS F 48 -11.69 -8.67 -8.17
N ARG F 49 -10.42 -8.62 -7.78
CA ARG F 49 -9.68 -9.79 -7.33
C ARG F 49 -9.25 -9.63 -5.88
N PRO F 50 -9.54 -10.60 -5.01
CA PRO F 50 -9.08 -10.50 -3.61
C PRO F 50 -7.55 -10.55 -3.54
N SER F 51 -7.02 -10.01 -2.44
CA SER F 51 -5.58 -9.75 -2.37
C SER F 51 -4.73 -11.01 -2.26
N ASN F 52 -5.30 -12.11 -1.80
CA ASN F 52 -4.58 -13.38 -1.72
C ASN F 52 -4.63 -14.17 -3.02
N ILE F 53 -5.49 -13.79 -3.96
CA ILE F 53 -5.65 -14.54 -5.21
C ILE F 53 -4.59 -14.06 -6.21
N PRO F 54 -3.90 -14.96 -6.89
CA PRO F 54 -2.84 -14.54 -7.82
C PRO F 54 -3.40 -13.74 -8.99
N SER F 55 -2.54 -12.90 -9.56
CA SER F 55 -2.93 -11.97 -10.61
C SER F 55 -3.17 -12.62 -11.96
N ARG F 56 -2.97 -13.93 -12.10
CA ARG F 56 -3.29 -14.59 -13.36
C ARG F 56 -4.79 -14.83 -13.52
N PHE F 57 -5.59 -14.54 -12.50
CA PHE F 57 -7.04 -14.61 -12.59
C PHE F 57 -7.59 -13.23 -12.94
N SER F 58 -8.51 -13.18 -13.91
CA SER F 58 -9.20 -11.92 -14.20
C SER F 58 -10.60 -12.24 -14.74
N GLY F 59 -11.45 -11.24 -14.70
CA GLY F 59 -12.80 -11.37 -15.22
C GLY F 59 -13.21 -10.11 -15.96
N SER F 60 -14.14 -10.25 -16.89
CA SER F 60 -14.66 -9.12 -17.64
C SER F 60 -16.08 -9.40 -18.08
N LYS F 61 -16.92 -8.36 -18.01
CA LYS F 61 -18.33 -8.47 -18.34
C LYS F 61 -18.57 -7.84 -19.70
N SER F 62 -19.10 -8.62 -20.63
CA SER F 62 -19.37 -8.17 -22.01
C SER F 62 -20.87 -8.36 -22.26
N GLY F 63 -21.66 -7.43 -21.73
CA GLY F 63 -23.10 -7.50 -21.89
C GLY F 63 -23.74 -8.64 -21.12
N SER F 64 -24.29 -9.61 -21.86
CA SER F 64 -24.96 -10.76 -21.26
C SER F 64 -24.01 -11.86 -20.82
N THR F 65 -22.72 -11.78 -21.16
CA THR F 65 -21.76 -12.84 -20.89
C THR F 65 -20.63 -12.30 -20.02
N HIS F 66 -20.25 -13.06 -19.01
CA HIS F 66 -19.06 -12.81 -18.23
C HIS F 66 -18.02 -13.89 -18.53
N THR F 67 -16.76 -13.49 -18.52
CA THR F 67 -15.66 -14.41 -18.84
C THR F 67 -14.64 -14.37 -17.71
N LEU F 68 -14.35 -15.55 -17.14
CA LEU F 68 -13.22 -15.72 -16.24
C LEU F 68 -12.02 -16.18 -17.05
N THR F 69 -10.92 -15.44 -16.98
CA THR F 69 -9.69 -15.76 -17.69
C THR F 69 -8.61 -16.17 -16.68
N ILE F 70 -7.85 -17.22 -17.00
CA ILE F 70 -6.71 -17.66 -16.21
C ILE F 70 -5.52 -17.71 -17.15
N THR F 71 -4.70 -16.66 -17.13
CA THR F 71 -3.53 -16.59 -18.01
C THR F 71 -2.38 -17.36 -17.37
N GLY F 72 -1.84 -18.34 -18.11
CA GLY F 72 -0.78 -19.17 -17.57
C GLY F 72 -1.27 -20.08 -16.46
N VAL F 73 -2.10 -21.06 -16.81
CA VAL F 73 -2.75 -21.90 -15.81
C VAL F 73 -1.74 -22.90 -15.23
N ARG F 74 -1.89 -23.21 -13.95
CA ARG F 74 -0.98 -24.11 -13.23
C ARG F 74 -1.76 -25.30 -12.69
N ALA F 75 -1.01 -26.29 -12.20
CA ALA F 75 -1.63 -27.53 -11.71
C ALA F 75 -2.53 -27.26 -10.51
N GLU F 76 -2.10 -26.39 -9.60
CA GLU F 76 -2.90 -26.08 -8.43
C GLU F 76 -4.21 -25.39 -8.78
N ASP F 77 -4.40 -24.98 -10.03
CA ASP F 77 -5.64 -24.31 -10.45
C ASP F 77 -6.73 -25.30 -10.81
N GLU F 78 -6.43 -26.60 -10.81
CA GLU F 78 -7.42 -27.62 -11.11
C GLU F 78 -8.50 -27.59 -10.03
N ALA F 79 -9.75 -27.40 -10.44
CA ALA F 79 -10.90 -27.32 -9.53
C ALA F 79 -12.17 -27.24 -10.37
N VAL F 80 -13.31 -27.18 -9.67
CA VAL F 80 -14.59 -26.79 -10.27
C VAL F 80 -14.80 -25.31 -9.98
N TYR F 81 -15.18 -24.55 -11.00
CA TYR F 81 -15.41 -23.11 -10.87
C TYR F 81 -16.90 -22.81 -11.01
N PHE F 82 -17.46 -22.19 -9.99
CA PHE F 82 -18.86 -21.77 -10.00
C PHE F 82 -18.92 -20.27 -10.24
N CYS F 83 -19.77 -19.84 -11.16
CA CYS F 83 -20.08 -18.43 -11.27
C CYS F 83 -21.29 -18.13 -10.42
N GLY F 84 -21.34 -16.91 -9.91
CA GLY F 84 -22.49 -16.52 -9.12
C GLY F 84 -22.95 -15.14 -9.54
N SER F 85 -24.25 -14.89 -9.48
CA SER F 85 -24.77 -13.57 -9.78
C SER F 85 -26.09 -13.37 -9.07
N ALA F 86 -27.00 -12.62 -9.69
CA ALA F 86 -28.34 -12.48 -9.13
C ALA F 86 -29.32 -12.19 -10.25
N ASP F 87 -30.54 -12.69 -10.10
CA ASP F 87 -31.58 -12.49 -11.10
C ASP F 87 -32.29 -11.17 -10.88
N SER F 88 -33.27 -10.87 -11.72
CA SER F 88 -33.91 -9.56 -11.68
C SER F 88 -34.79 -9.37 -10.44
N SER F 89 -35.00 -10.41 -9.65
CA SER F 89 -35.82 -10.30 -8.44
C SER F 89 -34.98 -10.05 -7.19
N GLY F 90 -33.66 -10.05 -7.31
CA GLY F 90 -32.79 -9.85 -6.17
C GLY F 90 -32.32 -11.13 -5.50
N THR F 91 -32.50 -12.26 -6.16
CA THR F 91 -32.14 -13.57 -5.63
C THR F 91 -30.80 -14.00 -6.21
N ALA F 92 -29.83 -14.30 -5.36
CA ALA F 92 -28.55 -14.80 -5.85
C ALA F 92 -28.72 -16.18 -6.47
N ILE F 93 -27.92 -16.46 -7.50
CA ILE F 93 -27.97 -17.72 -8.21
C ILE F 93 -26.56 -18.11 -8.63
N PHE F 94 -26.35 -19.42 -8.75
CA PHE F 94 -25.07 -19.99 -9.16
C PHE F 94 -25.25 -20.81 -10.42
N GLY F 95 -24.21 -20.85 -11.24
CA GLY F 95 -24.16 -21.81 -12.32
C GLY F 95 -23.89 -23.20 -11.81
N ALA F 96 -23.94 -24.17 -12.72
CA ALA F 96 -23.81 -25.57 -12.34
C ALA F 96 -22.37 -26.02 -12.18
N GLY F 97 -21.41 -25.13 -12.41
CA GLY F 97 -20.01 -25.46 -12.22
C GLY F 97 -19.28 -25.86 -13.48
N THR F 98 -18.02 -25.48 -13.60
CA THR F 98 -17.17 -25.85 -14.72
C THR F 98 -15.93 -26.57 -14.20
N THR F 99 -15.79 -27.84 -14.56
CA THR F 99 -14.60 -28.61 -14.19
C THR F 99 -13.43 -28.21 -15.09
N LEU F 100 -12.39 -27.65 -14.49
CA LEU F 100 -11.15 -27.36 -15.21
C LEU F 100 -10.18 -28.53 -15.05
N THR F 101 -9.57 -28.95 -16.16
CA THR F 101 -8.63 -30.06 -16.18
C THR F 101 -7.33 -29.59 -16.84
N VAL F 102 -6.27 -29.46 -16.07
CA VAL F 102 -4.93 -29.31 -16.64
C VAL F 102 -4.44 -30.70 -17.00
N LEU F 103 -4.19 -30.92 -18.29
CA LEU F 103 -3.99 -32.27 -18.79
C LEU F 103 -2.67 -32.85 -18.29
N ARG F 104 -2.73 -34.11 -17.88
CA ARG F 104 -1.54 -34.85 -17.48
C ARG F 104 -1.34 -36.03 -18.42
N THR F 105 -0.53 -37.00 -18.02
CA THR F 105 -0.26 -38.15 -18.87
C THR F 105 -1.44 -39.11 -18.86
N VAL F 106 -1.77 -39.62 -20.05
CA VAL F 106 -2.91 -40.52 -20.20
C VAL F 106 -2.50 -41.92 -19.76
N ALA F 107 -3.31 -42.50 -18.88
CA ALA F 107 -3.09 -43.84 -18.32
C ALA F 107 -4.36 -44.65 -18.44
N ALA F 108 -4.26 -45.84 -19.03
CA ALA F 108 -5.41 -46.71 -19.21
C ALA F 108 -5.69 -47.48 -17.92
N PRO F 109 -6.96 -47.73 -17.61
CA PRO F 109 -7.28 -48.42 -16.37
C PRO F 109 -6.91 -49.90 -16.44
N SER F 110 -6.61 -50.47 -15.28
CA SER F 110 -6.60 -51.91 -15.09
C SER F 110 -7.97 -52.29 -14.53
N VAL F 111 -8.64 -53.25 -15.17
CA VAL F 111 -10.02 -53.58 -14.82
C VAL F 111 -10.03 -54.91 -14.08
N PHE F 112 -10.81 -54.96 -13.00
CA PHE F 112 -11.04 -56.19 -12.25
C PHE F 112 -12.53 -56.31 -11.97
N ILE F 113 -13.04 -57.55 -12.02
CA ILE F 113 -14.44 -57.82 -11.72
C ILE F 113 -14.50 -58.82 -10.57
N PHE F 114 -15.35 -58.54 -9.58
CA PHE F 114 -15.48 -59.38 -8.41
C PHE F 114 -16.89 -59.96 -8.35
N PRO F 115 -17.06 -61.27 -8.28
CA PRO F 115 -18.39 -61.85 -8.10
C PRO F 115 -18.92 -61.60 -6.70
N PRO F 116 -20.23 -61.76 -6.51
CA PRO F 116 -20.77 -61.71 -5.15
C PRO F 116 -20.26 -62.88 -4.35
N SER F 117 -20.23 -62.68 -3.04
CA SER F 117 -19.78 -63.69 -2.12
C SER F 117 -20.94 -64.62 -1.74
N ASP F 118 -20.60 -65.87 -1.43
CA ASP F 118 -21.62 -66.79 -0.97
C ASP F 118 -22.29 -66.28 0.30
N GLU F 119 -21.55 -65.52 1.12
CA GLU F 119 -22.13 -64.97 2.33
C GLU F 119 -23.23 -63.98 2.02
N GLN F 120 -23.03 -63.13 1.00
CA GLN F 120 -24.06 -62.16 0.65
C GLN F 120 -25.29 -62.83 0.05
N LEU F 121 -25.08 -63.79 -0.86
CA LEU F 121 -26.22 -64.44 -1.51
C LEU F 121 -27.18 -65.06 -0.50
N LYS F 122 -26.68 -65.50 0.66
CA LYS F 122 -27.56 -66.02 1.69
C LYS F 122 -28.62 -65.02 2.10
N SER F 123 -28.31 -63.73 2.04
CA SER F 123 -29.23 -62.67 2.41
C SER F 123 -30.23 -62.33 1.31
N GLY F 124 -30.12 -62.95 0.13
CA GLY F 124 -31.05 -62.68 -0.95
C GLY F 124 -30.66 -61.54 -1.84
N THR F 125 -29.41 -61.10 -1.81
CA THR F 125 -28.94 -60.01 -2.64
C THR F 125 -27.61 -60.39 -3.25
N ALA F 126 -27.31 -59.84 -4.42
CA ALA F 126 -26.07 -60.09 -5.12
C ALA F 126 -25.50 -58.75 -5.57
N SER F 127 -24.23 -58.49 -5.21
CA SER F 127 -23.53 -57.29 -5.61
C SER F 127 -22.31 -57.71 -6.41
N VAL F 128 -22.25 -57.29 -7.68
CA VAL F 128 -21.13 -57.57 -8.56
C VAL F 128 -20.36 -56.26 -8.73
N VAL F 129 -19.05 -56.31 -8.58
CA VAL F 129 -18.25 -55.10 -8.46
C VAL F 129 -17.19 -55.14 -9.53
N CYS F 130 -17.07 -54.04 -10.26
CA CYS F 130 -16.07 -53.85 -11.30
C CYS F 130 -15.18 -52.70 -10.84
N LEU F 131 -13.87 -52.89 -10.92
CA LEU F 131 -12.92 -51.89 -10.45
C LEU F 131 -12.06 -51.41 -11.61
N LEU F 132 -11.96 -50.10 -11.78
CA LEU F 132 -11.02 -49.49 -12.71
C LEU F 132 -9.96 -48.78 -11.87
N ASN F 133 -8.69 -49.02 -12.17
CA ASN F 133 -7.63 -48.67 -11.22
C ASN F 133 -6.55 -47.81 -11.88
N ASN F 134 -6.24 -46.68 -11.25
CA ASN F 134 -5.11 -45.82 -11.64
C ASN F 134 -5.15 -45.46 -13.13
N PHE F 135 -6.18 -44.71 -13.50
CA PHE F 135 -6.34 -44.28 -14.88
C PHE F 135 -6.42 -42.77 -14.95
N TYR F 136 -6.22 -42.24 -16.16
CA TYR F 136 -6.31 -40.81 -16.42
C TYR F 136 -6.59 -40.71 -17.90
N PRO F 137 -7.49 -39.80 -18.34
CA PRO F 137 -8.26 -38.86 -17.53
C PRO F 137 -9.46 -39.50 -16.82
N ARG F 138 -10.14 -38.70 -15.97
CA ARG F 138 -11.23 -39.24 -15.16
C ARG F 138 -12.32 -39.86 -16.01
N GLU F 139 -12.53 -39.37 -17.23
CA GLU F 139 -13.64 -39.84 -18.05
C GLU F 139 -13.44 -41.30 -18.43
N ALA F 140 -14.38 -42.15 -18.00
CA ALA F 140 -14.40 -43.54 -18.41
C ALA F 140 -15.84 -43.99 -18.46
N LYS F 141 -16.12 -44.96 -19.32
CA LYS F 141 -17.47 -45.49 -19.48
C LYS F 141 -17.47 -46.96 -19.10
N VAL F 142 -18.34 -47.34 -18.18
CA VAL F 142 -18.46 -48.71 -17.70
C VAL F 142 -19.85 -49.21 -18.07
N GLN F 143 -19.92 -50.27 -18.86
CA GLN F 143 -21.19 -50.90 -19.16
C GLN F 143 -21.22 -52.30 -18.59
N TRP F 144 -22.36 -52.66 -18.00
CA TRP F 144 -22.58 -54.01 -17.47
C TRP F 144 -23.37 -54.80 -18.49
N LYS F 145 -22.90 -56.01 -18.80
CA LYS F 145 -23.63 -56.95 -19.64
C LYS F 145 -23.82 -58.24 -18.88
N VAL F 146 -25.05 -58.76 -18.92
CA VAL F 146 -25.42 -60.01 -18.29
C VAL F 146 -25.92 -60.93 -19.39
N ASP F 147 -25.15 -61.98 -19.69
CA ASP F 147 -25.36 -62.83 -20.86
C ASP F 147 -25.58 -61.99 -22.11
N ASN F 148 -24.70 -61.00 -22.30
CA ASN F 148 -24.66 -60.12 -23.47
C ASN F 148 -25.83 -59.13 -23.54
N ALA F 149 -26.55 -58.94 -22.44
CA ALA F 149 -27.63 -57.97 -22.38
C ALA F 149 -27.16 -56.75 -21.61
N LEU F 150 -27.26 -55.58 -22.24
CA LEU F 150 -26.81 -54.33 -21.62
C LEU F 150 -27.70 -53.98 -20.45
N GLN F 151 -27.09 -53.83 -19.26
CA GLN F 151 -27.81 -53.45 -18.07
C GLN F 151 -27.99 -51.94 -18.01
N SER F 152 -29.06 -51.51 -17.36
CA SER F 152 -29.40 -50.10 -17.28
C SER F 152 -30.18 -49.86 -16.00
N GLY F 153 -29.78 -48.84 -15.25
CA GLY F 153 -30.55 -48.40 -14.10
C GLY F 153 -30.36 -49.20 -12.84
N ASN F 154 -29.44 -50.15 -12.82
CA ASN F 154 -29.24 -51.00 -11.66
C ASN F 154 -27.77 -51.04 -11.25
N SER F 155 -27.04 -49.94 -11.45
CA SER F 155 -25.63 -49.86 -11.06
C SER F 155 -25.29 -48.47 -10.57
N GLN F 156 -24.28 -48.39 -9.70
CA GLN F 156 -23.85 -47.13 -9.11
C GLN F 156 -22.34 -47.07 -9.16
N GLU F 157 -21.82 -45.90 -9.53
CA GLU F 157 -20.41 -45.63 -9.65
C GLU F 157 -19.91 -44.80 -8.48
N SER F 158 -18.61 -44.90 -8.24
CA SER F 158 -17.94 -44.09 -7.21
C SER F 158 -16.50 -43.96 -7.66
N VAL F 159 -15.96 -42.76 -7.57
CA VAL F 159 -14.63 -42.46 -8.08
C VAL F 159 -13.84 -41.79 -6.96
N THR F 160 -12.53 -41.99 -6.97
CA THR F 160 -11.70 -41.34 -5.95
C THR F 160 -11.28 -39.96 -6.42
N GLU F 161 -10.73 -39.18 -5.50
CA GLU F 161 -10.13 -37.94 -5.95
C GLU F 161 -8.77 -38.22 -6.59
N GLN F 162 -8.20 -37.19 -7.22
CA GLN F 162 -6.95 -37.39 -7.95
C GLN F 162 -5.84 -37.71 -6.95
N ASP F 163 -5.18 -38.85 -7.15
CA ASP F 163 -4.10 -39.26 -6.26
C ASP F 163 -2.96 -38.24 -6.30
N SER F 164 -2.48 -37.86 -5.13
CA SER F 164 -1.51 -36.76 -5.03
C SER F 164 -0.19 -37.10 -5.72
N LYS F 165 0.30 -38.33 -5.56
CA LYS F 165 1.66 -38.64 -5.99
C LYS F 165 1.75 -39.08 -7.45
N ASP F 166 0.66 -39.56 -8.05
CA ASP F 166 0.70 -39.98 -9.45
C ASP F 166 -0.43 -39.40 -10.29
N SER F 167 -1.38 -38.69 -9.70
CA SER F 167 -2.42 -37.97 -10.42
C SER F 167 -3.23 -38.92 -11.32
N THR F 168 -3.86 -39.89 -10.66
CA THR F 168 -4.72 -40.85 -11.35
C THR F 168 -5.99 -41.03 -10.56
N TYR F 169 -7.01 -41.56 -11.23
CA TYR F 169 -8.25 -41.85 -10.56
C TYR F 169 -8.45 -43.35 -10.45
N SER F 170 -9.33 -43.74 -9.53
CA SER F 170 -9.83 -45.10 -9.52
C SER F 170 -11.35 -45.06 -9.45
N LEU F 171 -11.96 -46.10 -9.98
CA LEU F 171 -13.42 -46.12 -10.10
C LEU F 171 -13.91 -47.52 -9.77
N SER F 172 -14.99 -47.57 -9.02
CA SER F 172 -15.72 -48.81 -8.78
C SER F 172 -17.12 -48.63 -9.30
N SER F 173 -17.62 -49.65 -10.00
CA SER F 173 -19.02 -49.70 -10.39
C SER F 173 -19.61 -50.97 -9.82
N THR F 174 -20.81 -50.87 -9.26
CA THR F 174 -21.42 -51.94 -8.48
C THR F 174 -22.78 -52.27 -9.05
N LEU F 175 -22.96 -53.51 -9.51
CA LEU F 175 -24.22 -53.99 -10.06
C LEU F 175 -24.96 -54.79 -8.99
N THR F 176 -26.24 -54.49 -8.81
CA THR F 176 -27.04 -55.05 -7.72
C THR F 176 -28.24 -55.80 -8.29
N LEU F 177 -28.39 -57.05 -7.85
CA LEU F 177 -29.45 -57.92 -8.34
C LEU F 177 -29.99 -58.73 -7.18
N SER F 178 -31.23 -59.19 -7.31
CA SER F 178 -31.74 -60.13 -6.34
C SER F 178 -31.05 -61.48 -6.56
N LYS F 179 -30.98 -62.27 -5.48
CA LYS F 179 -30.51 -63.64 -5.58
C LYS F 179 -31.17 -64.37 -6.73
N ALA F 180 -32.51 -64.24 -6.84
CA ALA F 180 -33.25 -65.02 -7.82
C ALA F 180 -32.85 -64.65 -9.23
N ASP F 181 -32.65 -63.35 -9.50
CA ASP F 181 -32.24 -62.91 -10.84
C ASP F 181 -30.81 -63.29 -11.12
N TYR F 182 -29.94 -63.23 -10.11
CA TYR F 182 -28.54 -63.53 -10.32
C TYR F 182 -28.35 -64.99 -10.75
N GLU F 183 -29.03 -65.91 -10.08
CA GLU F 183 -28.87 -67.32 -10.37
C GLU F 183 -29.55 -67.76 -11.66
N LYS F 184 -30.15 -66.86 -12.43
CA LYS F 184 -30.70 -67.27 -13.72
C LYS F 184 -29.73 -67.08 -14.87
N HIS F 185 -28.61 -66.41 -14.65
CA HIS F 185 -27.71 -66.03 -15.72
C HIS F 185 -26.30 -66.57 -15.47
N LYS F 186 -25.57 -66.79 -16.57
CA LYS F 186 -24.23 -67.35 -16.52
C LYS F 186 -23.14 -66.28 -16.56
N VAL F 187 -23.07 -65.50 -17.64
CA VAL F 187 -21.94 -64.61 -17.87
C VAL F 187 -22.26 -63.22 -17.32
N TYR F 188 -21.41 -62.74 -16.43
CA TYR F 188 -21.42 -61.36 -15.97
C TYR F 188 -20.15 -60.67 -16.44
N ALA F 189 -20.27 -59.43 -16.87
CA ALA F 189 -19.20 -58.77 -17.60
C ALA F 189 -19.32 -57.27 -17.48
N CYS F 190 -18.19 -56.59 -17.30
CA CYS F 190 -18.15 -55.13 -17.37
C CYS F 190 -17.23 -54.72 -18.49
N GLU F 191 -17.73 -53.82 -19.34
CA GLU F 191 -17.03 -53.31 -20.50
C GLU F 191 -16.61 -51.88 -20.22
N VAL F 192 -15.35 -51.56 -20.54
CA VAL F 192 -14.72 -50.32 -20.10
C VAL F 192 -14.17 -49.58 -21.30
N THR F 193 -14.63 -48.35 -21.51
CA THR F 193 -14.15 -47.49 -22.58
C THR F 193 -13.37 -46.33 -21.98
N HIS F 194 -12.23 -45.99 -22.59
CA HIS F 194 -11.37 -44.96 -22.02
C HIS F 194 -10.36 -44.52 -23.07
N GLN F 195 -9.92 -43.26 -22.95
CA GLN F 195 -8.98 -42.69 -23.93
C GLN F 195 -7.73 -43.54 -24.11
N GLY F 196 -7.27 -44.18 -23.04
CA GLY F 196 -6.06 -44.98 -23.09
C GLY F 196 -6.22 -46.38 -23.66
N LEU F 197 -7.43 -46.78 -24.03
CA LEU F 197 -7.69 -48.08 -24.64
C LEU F 197 -8.07 -47.92 -26.09
N SER F 198 -7.43 -48.71 -26.97
CA SER F 198 -7.79 -48.70 -28.39
C SER F 198 -9.16 -49.32 -28.60
N LEU F 199 -9.48 -50.36 -27.86
CA LEU F 199 -10.76 -51.05 -27.91
C LEU F 199 -11.28 -51.21 -26.50
N PRO F 200 -12.59 -51.32 -26.32
CA PRO F 200 -13.13 -51.53 -24.97
C PRO F 200 -12.59 -52.82 -24.36
N VAL F 201 -12.35 -52.79 -23.06
CA VAL F 201 -11.84 -53.93 -22.31
C VAL F 201 -12.97 -54.52 -21.49
N THR F 202 -13.25 -55.80 -21.72
CA THR F 202 -14.24 -56.57 -20.99
C THR F 202 -13.55 -57.52 -20.04
N LYS F 203 -13.91 -57.45 -18.76
CA LYS F 203 -13.63 -58.51 -17.80
C LYS F 203 -14.94 -59.23 -17.48
N SER F 204 -14.88 -60.55 -17.35
CA SER F 204 -16.12 -61.27 -17.11
C SER F 204 -15.85 -62.52 -16.30
N PHE F 205 -16.92 -63.04 -15.68
CA PHE F 205 -16.86 -64.34 -15.05
C PHE F 205 -18.16 -65.09 -15.33
N ASN F 206 -18.11 -66.40 -15.19
CA ASN F 206 -19.29 -67.25 -15.26
C ASN F 206 -19.73 -67.62 -13.86
N ARG F 207 -20.96 -67.24 -13.50
CA ARG F 207 -21.53 -67.63 -12.23
C ARG F 207 -21.36 -69.12 -11.99
N GLY F 208 -20.65 -69.48 -10.93
CA GLY F 208 -20.48 -70.88 -10.57
C GLY F 208 -19.11 -71.45 -10.87
N GLU F 209 -18.58 -71.18 -12.06
CA GLU F 209 -17.28 -71.72 -12.45
C GLU F 209 -16.16 -71.09 -11.64
#